data_3DEP
# 
_entry.id   3DEP 
# 
_audit_conform.dict_name       mmcif_pdbx.dic 
_audit_conform.dict_version    5.380 
_audit_conform.dict_location   http://mmcif.pdb.org/dictionaries/ascii/mmcif_pdbx.dic 
# 
loop_
_database_2.database_id 
_database_2.database_code 
_database_2.pdbx_database_accession 
_database_2.pdbx_DOI 
PDB   3DEP         pdb_00003dep 10.2210/pdb3dep/pdb 
RCSB  RCSB047945   ?            ?                   
WWPDB D_1000047945 ?            ?                   
# 
_pdbx_database_related.db_name        PDB 
_pdbx_database_related.db_id          3DEO 
_pdbx_database_related.details        . 
_pdbx_database_related.content_type   unspecified 
# 
_pdbx_database_status.entry_id                        3DEP 
_pdbx_database_status.deposit_site                    RCSB 
_pdbx_database_status.process_site                    PDBJ 
_pdbx_database_status.recvd_initial_deposition_date   2008-06-10 
_pdbx_database_status.status_code                     REL 
_pdbx_database_status.status_code_sf                  REL 
_pdbx_database_status.status_code_mr                  ? 
_pdbx_database_status.SG_entry                        ? 
_pdbx_database_status.pdb_format_compatible           Y 
_pdbx_database_status.status_code_cs                  ? 
_pdbx_database_status.status_code_nmr_data            ? 
_pdbx_database_status.methods_development_category    ? 
# 
loop_
_audit_author.name 
_audit_author.pdbx_ordinal 
'Holdermann, I.' 1 
'Stengel, K.F.'  2 
'Wild, K.'       3 
'Sinning, I.'    4 
# 
_citation.id                        primary 
_citation.title                     
'Structural basis for specific substrate recognition by the chloroplast signal recognition particle protein cpSRP43.' 
_citation.journal_abbrev            Science 
_citation.journal_volume            321 
_citation.page_first                253 
_citation.page_last                 256 
_citation.year                      2008 
_citation.journal_id_ASTM           SCIEAS 
_citation.country                   US 
_citation.journal_id_ISSN           0036-8075 
_citation.journal_id_CSD            0038 
_citation.book_publisher            ? 
_citation.pdbx_database_id_PubMed   18621669 
_citation.pdbx_database_id_DOI      10.1126/science.1158640 
# 
loop_
_citation_author.citation_id 
_citation_author.name 
_citation_author.ordinal 
_citation_author.identifier_ORCID 
primary 'Stengel, K.F.'  1 ? 
primary 'Holdermann, I.' 2 ? 
primary 'Cain, P.'       3 ? 
primary 'Robinson, C.'   4 ? 
primary 'Wild, K.'       5 ? 
primary 'Sinning, I.'    6 ? 
# 
_cell.length_a           66.473 
_cell.length_b           66.473 
_cell.length_c           219.703 
_cell.angle_alpha        90.000 
_cell.angle_beta         90.000 
_cell.angle_gamma        120.000 
_cell.entry_id           3DEP 
_cell.pdbx_unique_axis   ? 
_cell.Z_PDB              12 
_cell.length_a_esd       ? 
_cell.length_b_esd       ? 
_cell.length_c_esd       ? 
_cell.angle_alpha_esd    ? 
_cell.angle_beta_esd     ? 
_cell.angle_gamma_esd    ? 
# 
_symmetry.space_group_name_H-M             'P 61 2 2' 
_symmetry.entry_id                         3DEP 
_symmetry.Int_Tables_number                178 
_symmetry.pdbx_full_space_group_name_H-M   ? 
_symmetry.cell_setting                     ? 
_symmetry.space_group_name_Hall            ? 
# 
loop_
_entity.id 
_entity.type 
_entity.src_method 
_entity.pdbx_description 
_entity.formula_weight 
_entity.pdbx_number_of_molecules 
_entity.pdbx_ec 
_entity.pdbx_mutation 
_entity.pdbx_fragment 
_entity.details 
1 polymer     man 'Signal recognition particle 43 kDa protein' 20042.545 1 ? ? 'residues 85-267' ? 
2 polymer     syn YPGGSFDPLGLA                                 1193.307  1 ? ? ?                 ? 
3 non-polymer syn 'CHLORIDE ION'                               35.453    1 ? ? ?                 ? 
4 water       nat water                                        18.015    8 ? ? ?                 ? 
# 
loop_
_entity_name_com.entity_id 
_entity_name_com.name 
1 'Chromo protein SRP43, CpSRP43' 
2 'LHCP L18 region'               
# 
loop_
_entity_poly.entity_id 
_entity_poly.type 
_entity_poly.nstd_linkage 
_entity_poly.nstd_monomer 
_entity_poly.pdbx_seq_one_letter_code 
_entity_poly.pdbx_seq_one_letter_code_can 
_entity_poly.pdbx_strand_id 
_entity_poly.pdbx_target_identifier 
1 'polypeptide(L)' no no 
;EVNKIIGSRTAGEGAMEYLIEWKDGHSPSWVPSSYIAADVVSEYETPWWTAARKADEQALSQLLEDRDVDAVDENGRTAL
LFVAGLGSDKCVRLLAEAGADLDHRDMRGGLTALHMAAGYVRPEVVEALVELGADIEVEDERGLTALELAREILKTTPKG
NPMQFGRRIGLEKVINVLEGQVF
;
;EVNKIIGSRTAGEGAMEYLIEWKDGHSPSWVPSSYIAADVVSEYETPWWTAARKADEQALSQLLEDRDVDAVDENGRTAL
LFVAGLGSDKCVRLLAEAGADLDHRDMRGGLTALHMAAGYVRPEVVEALVELGADIEVEDERGLTALELAREILKTTPKG
NPMQFGRRIGLEKVINVLEGQVF
;
A ? 
2 'polypeptide(L)' no no YPGGSFDPLGLA YPGGSFDPLGLA B ? 
# 
loop_
_entity_poly_seq.entity_id 
_entity_poly_seq.num 
_entity_poly_seq.mon_id 
_entity_poly_seq.hetero 
1 1   GLU n 
1 2   VAL n 
1 3   ASN n 
1 4   LYS n 
1 5   ILE n 
1 6   ILE n 
1 7   GLY n 
1 8   SER n 
1 9   ARG n 
1 10  THR n 
1 11  ALA n 
1 12  GLY n 
1 13  GLU n 
1 14  GLY n 
1 15  ALA n 
1 16  MET n 
1 17  GLU n 
1 18  TYR n 
1 19  LEU n 
1 20  ILE n 
1 21  GLU n 
1 22  TRP n 
1 23  LYS n 
1 24  ASP n 
1 25  GLY n 
1 26  HIS n 
1 27  SER n 
1 28  PRO n 
1 29  SER n 
1 30  TRP n 
1 31  VAL n 
1 32  PRO n 
1 33  SER n 
1 34  SER n 
1 35  TYR n 
1 36  ILE n 
1 37  ALA n 
1 38  ALA n 
1 39  ASP n 
1 40  VAL n 
1 41  VAL n 
1 42  SER n 
1 43  GLU n 
1 44  TYR n 
1 45  GLU n 
1 46  THR n 
1 47  PRO n 
1 48  TRP n 
1 49  TRP n 
1 50  THR n 
1 51  ALA n 
1 52  ALA n 
1 53  ARG n 
1 54  LYS n 
1 55  ALA n 
1 56  ASP n 
1 57  GLU n 
1 58  GLN n 
1 59  ALA n 
1 60  LEU n 
1 61  SER n 
1 62  GLN n 
1 63  LEU n 
1 64  LEU n 
1 65  GLU n 
1 66  ASP n 
1 67  ARG n 
1 68  ASP n 
1 69  VAL n 
1 70  ASP n 
1 71  ALA n 
1 72  VAL n 
1 73  ASP n 
1 74  GLU n 
1 75  ASN n 
1 76  GLY n 
1 77  ARG n 
1 78  THR n 
1 79  ALA n 
1 80  LEU n 
1 81  LEU n 
1 82  PHE n 
1 83  VAL n 
1 84  ALA n 
1 85  GLY n 
1 86  LEU n 
1 87  GLY n 
1 88  SER n 
1 89  ASP n 
1 90  LYS n 
1 91  CYS n 
1 92  VAL n 
1 93  ARG n 
1 94  LEU n 
1 95  LEU n 
1 96  ALA n 
1 97  GLU n 
1 98  ALA n 
1 99  GLY n 
1 100 ALA n 
1 101 ASP n 
1 102 LEU n 
1 103 ASP n 
1 104 HIS n 
1 105 ARG n 
1 106 ASP n 
1 107 MET n 
1 108 ARG n 
1 109 GLY n 
1 110 GLY n 
1 111 LEU n 
1 112 THR n 
1 113 ALA n 
1 114 LEU n 
1 115 HIS n 
1 116 MET n 
1 117 ALA n 
1 118 ALA n 
1 119 GLY n 
1 120 TYR n 
1 121 VAL n 
1 122 ARG n 
1 123 PRO n 
1 124 GLU n 
1 125 VAL n 
1 126 VAL n 
1 127 GLU n 
1 128 ALA n 
1 129 LEU n 
1 130 VAL n 
1 131 GLU n 
1 132 LEU n 
1 133 GLY n 
1 134 ALA n 
1 135 ASP n 
1 136 ILE n 
1 137 GLU n 
1 138 VAL n 
1 139 GLU n 
1 140 ASP n 
1 141 GLU n 
1 142 ARG n 
1 143 GLY n 
1 144 LEU n 
1 145 THR n 
1 146 ALA n 
1 147 LEU n 
1 148 GLU n 
1 149 LEU n 
1 150 ALA n 
1 151 ARG n 
1 152 GLU n 
1 153 ILE n 
1 154 LEU n 
1 155 LYS n 
1 156 THR n 
1 157 THR n 
1 158 PRO n 
1 159 LYS n 
1 160 GLY n 
1 161 ASN n 
1 162 PRO n 
1 163 MET n 
1 164 GLN n 
1 165 PHE n 
1 166 GLY n 
1 167 ARG n 
1 168 ARG n 
1 169 ILE n 
1 170 GLY n 
1 171 LEU n 
1 172 GLU n 
1 173 LYS n 
1 174 VAL n 
1 175 ILE n 
1 176 ASN n 
1 177 VAL n 
1 178 LEU n 
1 179 GLU n 
1 180 GLY n 
1 181 GLN n 
1 182 VAL n 
1 183 PHE n 
2 1   TYR n 
2 2   PRO n 
2 3   GLY n 
2 4   GLY n 
2 5   SER n 
2 6   PHE n 
2 7   ASP n 
2 8   PRO n 
2 9   LEU n 
2 10  GLY n 
2 11  LEU n 
2 12  ALA n 
# 
_entity_src_gen.entity_id                          1 
_entity_src_gen.pdbx_src_id                        1 
_entity_src_gen.pdbx_alt_source_flag               sample 
_entity_src_gen.pdbx_seq_type                      ? 
_entity_src_gen.pdbx_beg_seq_num                   ? 
_entity_src_gen.pdbx_end_seq_num                   ? 
_entity_src_gen.gene_src_common_name               'mouse-ear cress' 
_entity_src_gen.gene_src_genus                     ? 
_entity_src_gen.pdbx_gene_src_gene                 'CAO, At2g47450, T30B22.25' 
_entity_src_gen.gene_src_species                   ? 
_entity_src_gen.gene_src_strain                    ? 
_entity_src_gen.gene_src_tissue                    ? 
_entity_src_gen.gene_src_tissue_fraction           ? 
_entity_src_gen.gene_src_details                   ? 
_entity_src_gen.pdbx_gene_src_fragment             ? 
_entity_src_gen.pdbx_gene_src_scientific_name      'Arabidopsis thaliana' 
_entity_src_gen.pdbx_gene_src_ncbi_taxonomy_id     3702 
_entity_src_gen.pdbx_gene_src_variant              ? 
_entity_src_gen.pdbx_gene_src_cell_line            ? 
_entity_src_gen.pdbx_gene_src_atcc                 ? 
_entity_src_gen.pdbx_gene_src_organ                ? 
_entity_src_gen.pdbx_gene_src_organelle            ? 
_entity_src_gen.pdbx_gene_src_cell                 ? 
_entity_src_gen.pdbx_gene_src_cellular_location    ? 
_entity_src_gen.host_org_common_name               ? 
_entity_src_gen.pdbx_host_org_scientific_name      'Escherichia coli' 
_entity_src_gen.pdbx_host_org_ncbi_taxonomy_id     562 
_entity_src_gen.host_org_genus                     ? 
_entity_src_gen.pdbx_host_org_gene                 ? 
_entity_src_gen.pdbx_host_org_organ                ? 
_entity_src_gen.host_org_species                   ? 
_entity_src_gen.pdbx_host_org_tissue               ? 
_entity_src_gen.pdbx_host_org_tissue_fraction      ? 
_entity_src_gen.pdbx_host_org_strain               ? 
_entity_src_gen.pdbx_host_org_variant              ? 
_entity_src_gen.pdbx_host_org_cell_line            ? 
_entity_src_gen.pdbx_host_org_atcc                 ? 
_entity_src_gen.pdbx_host_org_culture_collection   ? 
_entity_src_gen.pdbx_host_org_cell                 ? 
_entity_src_gen.pdbx_host_org_organelle            ? 
_entity_src_gen.pdbx_host_org_cellular_location    ? 
_entity_src_gen.pdbx_host_org_vector_type          ? 
_entity_src_gen.pdbx_host_org_vector               ? 
_entity_src_gen.host_org_details                   ? 
_entity_src_gen.expression_system_id               ? 
_entity_src_gen.plasmid_name                       ? 
_entity_src_gen.plasmid_details                    ? 
_entity_src_gen.pdbx_description                   ? 
# 
_pdbx_entity_src_syn.entity_id              2 
_pdbx_entity_src_syn.pdbx_src_id            1 
_pdbx_entity_src_syn.pdbx_alt_source_flag   sample 
_pdbx_entity_src_syn.pdbx_beg_seq_num       ? 
_pdbx_entity_src_syn.pdbx_end_seq_num       ? 
_pdbx_entity_src_syn.organism_scientific    ? 
_pdbx_entity_src_syn.organism_common_name   ? 
_pdbx_entity_src_syn.ncbi_taxonomy_id       ? 
_pdbx_entity_src_syn.details                'synthetic peptide' 
# 
loop_
_struct_ref.id 
_struct_ref.db_name 
_struct_ref.db_code 
_struct_ref.pdbx_db_accession 
_struct_ref.entity_id 
_struct_ref.pdbx_seq_one_letter_code 
_struct_ref.pdbx_align_begin 
_struct_ref.pdbx_db_isoform 
1 UNP SR43C_ARATH O22265 1 
;EVNKIIGSRTAGEGAMEYLIEWKDGHSPSWVPSSYIAADVVSEYETPWWTAARKADEQALSQLLEDRDVDAVDENGRTAL
LFVAGLGSDKCVRLLAEAGADLDHRDMRGGLTALHMAAGYVRPEVVEALVELGADIEVEDERGLTALELAREILKTTPKG
NPMQFGRRIGLEKVINVLEGQVF
;
85 ? 
2 PDB 3DEP        3DEP   2 ? ?  ? 
# 
loop_
_struct_ref_seq.align_id 
_struct_ref_seq.ref_id 
_struct_ref_seq.pdbx_PDB_id_code 
_struct_ref_seq.pdbx_strand_id 
_struct_ref_seq.seq_align_beg 
_struct_ref_seq.pdbx_seq_align_beg_ins_code 
_struct_ref_seq.seq_align_end 
_struct_ref_seq.pdbx_seq_align_end_ins_code 
_struct_ref_seq.pdbx_db_accession 
_struct_ref_seq.db_align_beg 
_struct_ref_seq.pdbx_db_align_beg_ins_code 
_struct_ref_seq.db_align_end 
_struct_ref_seq.pdbx_db_align_end_ins_code 
_struct_ref_seq.pdbx_auth_seq_align_beg 
_struct_ref_seq.pdbx_auth_seq_align_end 
1 1 3DEP A 1 ? 183 ? O22265 85  ? 267 ? 85  267 
2 2 3DEP B 1 ? 12  ? 3DEP   156 ? 167 ? 156 167 
# 
loop_
_chem_comp.id 
_chem_comp.type 
_chem_comp.mon_nstd_flag 
_chem_comp.name 
_chem_comp.pdbx_synonyms 
_chem_comp.formula 
_chem_comp.formula_weight 
ALA 'L-peptide linking' y ALANINE         ? 'C3 H7 N O2'     89.093  
ARG 'L-peptide linking' y ARGININE        ? 'C6 H15 N4 O2 1' 175.209 
ASN 'L-peptide linking' y ASPARAGINE      ? 'C4 H8 N2 O3'    132.118 
ASP 'L-peptide linking' y 'ASPARTIC ACID' ? 'C4 H7 N O4'     133.103 
CL  non-polymer         . 'CHLORIDE ION'  ? 'Cl -1'          35.453  
CYS 'L-peptide linking' y CYSTEINE        ? 'C3 H7 N O2 S'   121.158 
GLN 'L-peptide linking' y GLUTAMINE       ? 'C5 H10 N2 O3'   146.144 
GLU 'L-peptide linking' y 'GLUTAMIC ACID' ? 'C5 H9 N O4'     147.129 
GLY 'peptide linking'   y GLYCINE         ? 'C2 H5 N O2'     75.067  
HIS 'L-peptide linking' y HISTIDINE       ? 'C6 H10 N3 O2 1' 156.162 
HOH non-polymer         . WATER           ? 'H2 O'           18.015  
ILE 'L-peptide linking' y ISOLEUCINE      ? 'C6 H13 N O2'    131.173 
LEU 'L-peptide linking' y LEUCINE         ? 'C6 H13 N O2'    131.173 
LYS 'L-peptide linking' y LYSINE          ? 'C6 H15 N2 O2 1' 147.195 
MET 'L-peptide linking' y METHIONINE      ? 'C5 H11 N O2 S'  149.211 
PHE 'L-peptide linking' y PHENYLALANINE   ? 'C9 H11 N O2'    165.189 
PRO 'L-peptide linking' y PROLINE         ? 'C5 H9 N O2'     115.130 
SER 'L-peptide linking' y SERINE          ? 'C3 H7 N O3'     105.093 
THR 'L-peptide linking' y THREONINE       ? 'C4 H9 N O3'     119.119 
TRP 'L-peptide linking' y TRYPTOPHAN      ? 'C11 H12 N2 O2'  204.225 
TYR 'L-peptide linking' y TYROSINE        ? 'C9 H11 N O3'    181.189 
VAL 'L-peptide linking' y VALINE          ? 'C5 H11 N O2'    117.146 
# 
_exptl.crystals_number   1 
_exptl.entry_id          3DEP 
_exptl.method            'X-RAY DIFFRACTION' 
# 
_exptl_crystal.id                    1 
_exptl_crystal.pdbx_mosaicity        ? 
_exptl_crystal.pdbx_mosaicity_esd    ? 
_exptl_crystal.density_Matthews      3.30 
_exptl_crystal.density_diffrn        ? 
_exptl_crystal.density_meas          ? 
_exptl_crystal.density_meas_temp     ? 
_exptl_crystal.density_percent_sol   62.72 
_exptl_crystal.size_max              ? 
_exptl_crystal.size_mid              ? 
_exptl_crystal.size_min              ? 
_exptl_crystal.size_rad              ? 
_exptl_crystal.description           ? 
_exptl_crystal.F_000                 ? 
_exptl_crystal.preparation           ? 
# 
_exptl_crystal_grow.crystal_id      1 
_exptl_crystal_grow.method          'VAPOR DIFFUSION, HANGING DROP' 
_exptl_crystal_grow.pH              ? 
_exptl_crystal_grow.temp            293 
_exptl_crystal_grow.temp_details    ? 
_exptl_crystal_grow.pdbx_details    'VAPOR DIFFUSION, HANGING DROP, temperature 293K' 
_exptl_crystal_grow.pdbx_pH_range   . 
# 
_diffrn.id                     1 
_diffrn.ambient_temp           100 
_diffrn.ambient_temp_details   ? 
_diffrn.crystal_id             1 
# 
_diffrn_detector.diffrn_id              1 
_diffrn_detector.detector               CCD 
_diffrn_detector.type                   'ADSC QUANTUM 4' 
_diffrn_detector.pdbx_collection_date   2007-11-10 
_diffrn_detector.details                ? 
# 
_diffrn_radiation.diffrn_id                        1 
_diffrn_radiation.wavelength_id                    1 
_diffrn_radiation.pdbx_diffrn_protocol             'SINGLE WAVELENGTH' 
_diffrn_radiation.monochromator                    ? 
_diffrn_radiation.pdbx_monochromatic_or_laue_m_l   M 
_diffrn_radiation.pdbx_scattering_type             x-ray 
# 
_diffrn_radiation_wavelength.id           1 
_diffrn_radiation_wavelength.wavelength   0.9310 
_diffrn_radiation_wavelength.wt           1.0 
# 
_diffrn_source.diffrn_id                   1 
_diffrn_source.source                      SYNCHROTRON 
_diffrn_source.type                        'ESRF BEAMLINE ID14-3' 
_diffrn_source.pdbx_wavelength             ? 
_diffrn_source.pdbx_wavelength_list        0.9310 
_diffrn_source.pdbx_synchrotron_site       ESRF 
_diffrn_source.pdbx_synchrotron_beamline   ID14-3 
# 
_reflns.entry_id                     3DEP 
_reflns.d_resolution_high            2.700 
_reflns.d_resolution_low             35 
_reflns.number_all                   10129 
_reflns.number_obs                   8435 
_reflns.pdbx_Rmerge_I_obs            0.103 
_reflns.pdbx_netI_over_sigmaI        3.600 
_reflns.pdbx_Rsym_value              0.103 
_reflns.pdbx_redundancy              6.500 
_reflns.percent_possible_obs         99.100 
_reflns.observed_criterion_sigma_F   ? 
_reflns.observed_criterion_sigma_I   ? 
_reflns.B_iso_Wilson_estimate        ? 
_reflns.R_free_details               ? 
_reflns.limit_h_max                  ? 
_reflns.limit_h_min                  ? 
_reflns.limit_k_max                  ? 
_reflns.limit_k_min                  ? 
_reflns.limit_l_max                  ? 
_reflns.limit_l_min                  ? 
_reflns.observed_criterion_F_max     ? 
_reflns.observed_criterion_F_min     ? 
_reflns.pdbx_chi_squared             ? 
_reflns.pdbx_scaling_rejects         ? 
_reflns.pdbx_diffrn_id               1 
_reflns.pdbx_ordinal                 1 
# 
_reflns_shell.d_res_high             2.70 
_reflns_shell.d_res_low              2.85 
_reflns_shell.number_measured_obs    ? 
_reflns_shell.number_measured_all    8065 
_reflns_shell.number_unique_obs      ? 
_reflns_shell.Rmerge_I_obs           0.451 
_reflns_shell.meanI_over_sigI_obs    3.6 
_reflns_shell.pdbx_Rsym_value        0.451 
_reflns_shell.pdbx_chi_squared       ? 
_reflns_shell.pdbx_redundancy        6.80 
_reflns_shell.percent_possible_obs   ? 
_reflns_shell.number_unique_all      1193 
_reflns_shell.percent_possible_all   99.60 
_reflns_shell.pdbx_diffrn_id         ? 
_reflns_shell.pdbx_ordinal           1 
# 
_refine.entry_id                                 3DEP 
_refine.ls_d_res_high                            2.700 
_refine.ls_d_res_low                             35.000 
_refine.pdbx_ls_sigma_F                          0.00 
_refine.ls_percent_reflns_obs                    98.410 
_refine.ls_number_reflns_obs                     8434 
_refine.pdbx_ls_cross_valid_method               THROUGHOUT 
_refine.pdbx_R_Free_selection_details            RANDOM 
_refine.ls_R_factor_obs                          0.252 
_refine.ls_R_factor_R_work                       0.249 
_refine.ls_R_factor_R_free                       0.298 
_refine.ls_percent_reflns_R_free                 4.700 
_refine.ls_number_reflns_R_free                  397 
_refine.B_iso_mean                               67.743 
_refine.aniso_B[1][1]                            -3.300 
_refine.aniso_B[2][2]                            -3.300 
_refine.aniso_B[3][3]                            4.950 
_refine.aniso_B[1][2]                            -1.650 
_refine.aniso_B[1][3]                            0.000 
_refine.aniso_B[2][3]                            0.000 
_refine.correlation_coeff_Fo_to_Fc               0.928 
_refine.correlation_coeff_Fo_to_Fc_free          0.903 
_refine.pdbx_overall_ESU_R                       0.591 
_refine.pdbx_overall_ESU_R_Free                  0.355 
_refine.overall_SU_ML                            0.298 
_refine.overall_SU_B                             14.793 
_refine.solvent_model_details                    MASK 
_refine.pdbx_solvent_vdw_probe_radii             1.200 
_refine.pdbx_solvent_ion_probe_radii             0.800 
_refine.pdbx_solvent_shrinkage_radii             0.800 
_refine.pdbx_method_to_determine_struct          'MOLECULAR REPLACEMENT' 
_refine.pdbx_stereochemistry_target_values       'MAXIMUM LIKELIHOOD' 
_refine.pdbx_ls_sigma_I                          ? 
_refine.ls_number_reflns_all                     ? 
_refine.ls_R_factor_all                          ? 
_refine.ls_redundancy_reflns_obs                 ? 
_refine.pdbx_data_cutoff_high_absF               ? 
_refine.pdbx_data_cutoff_low_absF                ? 
_refine.ls_number_parameters                     ? 
_refine.ls_number_restraints                     ? 
_refine.ls_R_factor_R_free_error                 ? 
_refine.ls_R_factor_R_free_error_details         ? 
_refine.pdbx_starting_model                      'PDB ID 3DEO' 
_refine.pdbx_stereochem_target_val_spec_case     ? 
_refine.solvent_model_param_bsol                 ? 
_refine.solvent_model_param_ksol                 ? 
_refine.occupancy_max                            ? 
_refine.occupancy_min                            ? 
_refine.pdbx_isotropic_thermal_model             ? 
_refine.details                                  ? 
_refine.B_iso_min                                ? 
_refine.B_iso_max                                ? 
_refine.overall_SU_R_Cruickshank_DPI             ? 
_refine.overall_SU_R_free                        ? 
_refine.pdbx_data_cutoff_high_rms_absF           ? 
_refine.ls_wR_factor_R_free                      ? 
_refine.ls_wR_factor_R_work                      ? 
_refine.overall_FOM_free_R_set                   ? 
_refine.overall_FOM_work_R_set                   ? 
_refine.pdbx_overall_phase_error                 ? 
_refine.pdbx_refine_id                           'X-RAY DIFFRACTION' 
_refine.pdbx_diffrn_id                           1 
_refine.pdbx_TLS_residual_ADP_flag               ? 
_refine.pdbx_overall_SU_R_free_Cruickshank_DPI   ? 
_refine.pdbx_overall_SU_R_Blow_DPI               ? 
_refine.pdbx_overall_SU_R_free_Blow_DPI          ? 
# 
_refine_hist.pdbx_refine_id                   'X-RAY DIFFRACTION' 
_refine_hist.cycle_id                         LAST 
_refine_hist.pdbx_number_atoms_protein        1492 
_refine_hist.pdbx_number_atoms_nucleic_acid   0 
_refine_hist.pdbx_number_atoms_ligand         1 
_refine_hist.number_atoms_solvent             8 
_refine_hist.number_atoms_total               1501 
_refine_hist.d_res_high                       2.700 
_refine_hist.d_res_low                        35.000 
# 
loop_
_refine_ls_restr.type 
_refine_ls_restr.number 
_refine_ls_restr.dev_ideal 
_refine_ls_restr.dev_ideal_target 
_refine_ls_restr.weight 
_refine_ls_restr.pdbx_refine_id 
_refine_ls_restr.pdbx_restraint_function 
r_bond_refined_d         1518 0.012  0.022  ? 'X-RAY DIFFRACTION' ? 
r_angle_refined_deg      2058 1.452  1.974  ? 'X-RAY DIFFRACTION' ? 
r_dihedral_angle_1_deg   193  6.787  5.000  ? 'X-RAY DIFFRACTION' ? 
r_dihedral_angle_2_deg   70   32.779 24.286 ? 'X-RAY DIFFRACTION' ? 
r_dihedral_angle_3_deg   252  19.128 15.000 ? 'X-RAY DIFFRACTION' ? 
r_dihedral_angle_4_deg   12   18.746 15.000 ? 'X-RAY DIFFRACTION' ? 
r_chiral_restr           229  0.107  0.200  ? 'X-RAY DIFFRACTION' ? 
r_gen_planes_refined     1162 0.004  0.020  ? 'X-RAY DIFFRACTION' ? 
r_nbd_refined            705  0.239  0.200  ? 'X-RAY DIFFRACTION' ? 
r_nbtor_refined          1025 0.314  0.200  ? 'X-RAY DIFFRACTION' ? 
r_xyhbond_nbd_refined    57   0.205  0.200  ? 'X-RAY DIFFRACTION' ? 
r_symmetry_vdw_refined   24   0.173  0.200  ? 'X-RAY DIFFRACTION' ? 
r_symmetry_hbond_refined 1    0.074  0.200  ? 'X-RAY DIFFRACTION' ? 
r_mcbond_it              983  0.776  1.500  ? 'X-RAY DIFFRACTION' ? 
r_mcangle_it             1530 1.314  2.000  ? 'X-RAY DIFFRACTION' ? 
r_scbond_it              610  1.561  3.000  ? 'X-RAY DIFFRACTION' ? 
r_scangle_it             528  2.493  4.500  ? 'X-RAY DIFFRACTION' ? 
# 
_refine_ls_shell.d_res_high                       2.700 
_refine_ls_shell.d_res_low                        2.770 
_refine_ls_shell.pdbx_total_number_of_bins_used   20 
_refine_ls_shell.percent_reflns_obs               99.360 
_refine_ls_shell.number_reflns_R_work             593 
_refine_ls_shell.R_factor_all                     ? 
_refine_ls_shell.R_factor_R_work                  0.375 
_refine_ls_shell.R_factor_R_free                  0.444 
_refine_ls_shell.percent_reflns_R_free            ? 
_refine_ls_shell.number_reflns_R_free             28 
_refine_ls_shell.R_factor_R_free_error            ? 
_refine_ls_shell.number_reflns_all                621 
_refine_ls_shell.number_reflns_obs                ? 
_refine_ls_shell.redundancy_reflns_obs            ? 
_refine_ls_shell.pdbx_refine_id                   'X-RAY DIFFRACTION' 
# 
_struct.entry_id                  3DEP 
_struct.title                     
'Structural basis for specific substrate recognition by the chloroplast signal recognition particle protein cpSRP43' 
_struct.pdbx_model_details        ? 
_struct.pdbx_CASP_flag            ? 
_struct.pdbx_model_type_details   ? 
# 
_struct_keywords.entry_id        3DEP 
_struct_keywords.pdbx_keywords   'PROTEIN TRANSPORT, MEMBRANE PROTEIN' 
_struct_keywords.text            
;Chloroplast SRP system, Signal recognition particle, signal sequence, ankyrin repeat, chromodomain, type I turn, substrate protein recognition, L18 region, LHCP, ANK repeat, Chloroplast, Coiled coil, Plastid, Ribonucleoprotein, PROTEIN TRANSPORT, MEMBRANE PROTEIN
;
# 
loop_
_struct_asym.id 
_struct_asym.pdbx_blank_PDB_chainid_flag 
_struct_asym.pdbx_modified 
_struct_asym.entity_id 
_struct_asym.details 
A N N 1 ? 
B N N 2 ? 
C N N 3 ? 
D N N 4 ? 
# 
_struct_biol.id        1 
_struct_biol.details   ? 
# 
loop_
_struct_conf.conf_type_id 
_struct_conf.id 
_struct_conf.pdbx_PDB_helix_id 
_struct_conf.beg_label_comp_id 
_struct_conf.beg_label_asym_id 
_struct_conf.beg_label_seq_id 
_struct_conf.pdbx_beg_PDB_ins_code 
_struct_conf.end_label_comp_id 
_struct_conf.end_label_asym_id 
_struct_conf.end_label_seq_id 
_struct_conf.pdbx_end_PDB_ins_code 
_struct_conf.beg_auth_comp_id 
_struct_conf.beg_auth_asym_id 
_struct_conf.beg_auth_seq_id 
_struct_conf.end_auth_comp_id 
_struct_conf.end_auth_asym_id 
_struct_conf.end_auth_seq_id 
_struct_conf.pdbx_PDB_helix_class 
_struct_conf.details 
_struct_conf.pdbx_PDB_helix_length 
HELX_P HELX_P1 1 SER A 34  ? ILE A 36  ? SER A 118 ILE A 120 5 ? 3  
HELX_P HELX_P2 2 ALA A 37  ? LYS A 54  ? ALA A 121 LYS A 138 1 ? 18 
HELX_P HELX_P3 3 ASP A 56  ? LEU A 63  ? ASP A 140 LEU A 147 1 ? 8  
HELX_P HELX_P4 4 THR A 78  ? GLY A 87  ? THR A 162 GLY A 171 1 ? 10 
HELX_P HELX_P5 5 SER A 88  ? ALA A 98  ? SER A 172 ALA A 182 1 ? 11 
HELX_P HELX_P6 6 THR A 112 ? TYR A 120 ? THR A 196 TYR A 204 1 ? 9  
HELX_P HELX_P7 7 ARG A 122 ? GLY A 133 ? ARG A 206 GLY A 217 1 ? 12 
HELX_P HELX_P8 8 THR A 145 ? THR A 156 ? THR A 229 THR A 240 1 ? 12 
HELX_P HELX_P9 9 GLN A 164 ? PHE A 183 ? GLN A 248 PHE A 267 1 ? 20 
# 
_struct_conf_type.id          HELX_P 
_struct_conf_type.criteria    ? 
_struct_conf_type.reference   ? 
# 
loop_
_struct_sheet.id 
_struct_sheet.type 
_struct_sheet.number_strands 
_struct_sheet.details 
A ? 3 ? 
B ? 3 ? 
# 
loop_
_struct_sheet_order.sheet_id 
_struct_sheet_order.range_id_1 
_struct_sheet_order.range_id_2 
_struct_sheet_order.offset 
_struct_sheet_order.sense 
A 1 2 ? anti-parallel 
A 2 3 ? anti-parallel 
B 1 2 ? anti-parallel 
B 2 3 ? anti-parallel 
# 
loop_
_struct_sheet_range.sheet_id 
_struct_sheet_range.id 
_struct_sheet_range.beg_label_comp_id 
_struct_sheet_range.beg_label_asym_id 
_struct_sheet_range.beg_label_seq_id 
_struct_sheet_range.pdbx_beg_PDB_ins_code 
_struct_sheet_range.end_label_comp_id 
_struct_sheet_range.end_label_asym_id 
_struct_sheet_range.end_label_seq_id 
_struct_sheet_range.pdbx_end_PDB_ins_code 
_struct_sheet_range.beg_auth_comp_id 
_struct_sheet_range.beg_auth_asym_id 
_struct_sheet_range.beg_auth_seq_id 
_struct_sheet_range.end_auth_comp_id 
_struct_sheet_range.end_auth_asym_id 
_struct_sheet_range.end_auth_seq_id 
A 1 VAL A 2  ? ILE A 5  ? VAL A 86  ILE A 89  
A 2 ALA A 15 ? TRP A 22 ? ALA A 99  TRP A 106 
A 3 ARG A 9  ? ALA A 11 ? ARG A 93  ALA A 95  
B 1 VAL A 2  ? ILE A 5  ? VAL A 86  ILE A 89  
B 2 ALA A 15 ? TRP A 22 ? ALA A 99  TRP A 106 
B 3 SER A 29 ? PRO A 32 ? SER A 113 PRO A 116 
# 
loop_
_pdbx_struct_sheet_hbond.sheet_id 
_pdbx_struct_sheet_hbond.range_id_1 
_pdbx_struct_sheet_hbond.range_id_2 
_pdbx_struct_sheet_hbond.range_1_label_atom_id 
_pdbx_struct_sheet_hbond.range_1_label_comp_id 
_pdbx_struct_sheet_hbond.range_1_label_asym_id 
_pdbx_struct_sheet_hbond.range_1_label_seq_id 
_pdbx_struct_sheet_hbond.range_1_PDB_ins_code 
_pdbx_struct_sheet_hbond.range_1_auth_atom_id 
_pdbx_struct_sheet_hbond.range_1_auth_comp_id 
_pdbx_struct_sheet_hbond.range_1_auth_asym_id 
_pdbx_struct_sheet_hbond.range_1_auth_seq_id 
_pdbx_struct_sheet_hbond.range_2_label_atom_id 
_pdbx_struct_sheet_hbond.range_2_label_comp_id 
_pdbx_struct_sheet_hbond.range_2_label_asym_id 
_pdbx_struct_sheet_hbond.range_2_label_seq_id 
_pdbx_struct_sheet_hbond.range_2_PDB_ins_code 
_pdbx_struct_sheet_hbond.range_2_auth_atom_id 
_pdbx_struct_sheet_hbond.range_2_auth_comp_id 
_pdbx_struct_sheet_hbond.range_2_auth_asym_id 
_pdbx_struct_sheet_hbond.range_2_auth_seq_id 
A 1 2 N LYS A 4  ? N LYS A 88  O GLU A 21 ? O GLU A 105 
A 2 3 O ALA A 15 ? O ALA A 99  N ALA A 11 ? N ALA A 95  
B 1 2 N LYS A 4  ? N LYS A 88  O GLU A 21 ? O GLU A 105 
B 2 3 N ILE A 20 ? N ILE A 104 O SER A 29 ? O SER A 113 
# 
_struct_site.id                   AC1 
_struct_site.pdbx_evidence_code   Software 
_struct_site.pdbx_auth_asym_id    A 
_struct_site.pdbx_auth_comp_id    CL 
_struct_site.pdbx_auth_seq_id     1 
_struct_site.pdbx_auth_ins_code   ? 
_struct_site.pdbx_num_residues    4 
_struct_site.details              'BINDING SITE FOR RESIDUE CL A 1' 
# 
loop_
_struct_site_gen.id 
_struct_site_gen.site_id 
_struct_site_gen.pdbx_num_res 
_struct_site_gen.label_comp_id 
_struct_site_gen.label_asym_id 
_struct_site_gen.label_seq_id 
_struct_site_gen.pdbx_auth_ins_code 
_struct_site_gen.auth_comp_id 
_struct_site_gen.auth_asym_id 
_struct_site_gen.auth_seq_id 
_struct_site_gen.label_atom_id 
_struct_site_gen.label_alt_id 
_struct_site_gen.symmetry 
_struct_site_gen.details 
1 AC1 4 SER A 34  ? SER A 118 . ? 8_565 ? 
2 AC1 4 ARG A 122 ? ARG A 206 . ? 1_555 ? 
3 AC1 4 PRO A 123 ? PRO A 207 . ? 1_555 ? 
4 AC1 4 GLU A 124 ? GLU A 208 . ? 1_555 ? 
# 
_atom_sites.entry_id                    3DEP 
_atom_sites.fract_transf_matrix[1][1]   0.00449432 
_atom_sites.fract_transf_matrix[1][2]   0.01527491 
_atom_sites.fract_transf_matrix[1][3]   0.00694474 
_atom_sites.fract_transf_matrix[2][1]   0.00378415 
_atom_sites.fract_transf_matrix[2][2]   0.01345375 
_atom_sites.fract_transf_matrix[2][3]   -0.01031642 
_atom_sites.fract_transf_matrix[3][1]   -0.00437234 
_atom_sites.fract_transf_matrix[3][2]   0.00126538 
_atom_sites.fract_transf_matrix[3][3]   0.00004638 
_atom_sites.fract_transf_vector[1]      -0.058787 
_atom_sites.fract_transf_vector[2]      0.439831 
_atom_sites.fract_transf_vector[3]      -0.009399 
# 
loop_
_atom_type.symbol 
C  
CL 
N  
O  
S  
# 
loop_
_atom_site.group_PDB 
_atom_site.id 
_atom_site.type_symbol 
_atom_site.label_atom_id 
_atom_site.label_alt_id 
_atom_site.label_comp_id 
_atom_site.label_asym_id 
_atom_site.label_entity_id 
_atom_site.label_seq_id 
_atom_site.pdbx_PDB_ins_code 
_atom_site.Cartn_x 
_atom_site.Cartn_y 
_atom_site.Cartn_z 
_atom_site.occupancy 
_atom_site.B_iso_or_equiv 
_atom_site.pdbx_formal_charge 
_atom_site.auth_seq_id 
_atom_site.auth_comp_id 
_atom_site.auth_asym_id 
_atom_site.auth_atom_id 
_atom_site.pdbx_PDB_model_num 
ATOM   1    N  N   . GLU A 1 1   ? 15.110  30.108  -7.043  1.00 80.58  ? 85  GLU A N   1 
ATOM   2    C  CA  . GLU A 1 1   ? 16.173  29.075  -7.302  1.00 80.62  ? 85  GLU A CA  1 
ATOM   3    C  C   . GLU A 1 1   ? 15.632  27.642  -7.389  1.00 79.76  ? 85  GLU A C   1 
ATOM   4    O  O   . GLU A 1 1   ? 16.399  26.715  -7.685  1.00 79.97  ? 85  GLU A O   1 
ATOM   5    C  CB  . GLU A 1 1   ? 17.305  29.126  -6.262  1.00 80.88  ? 85  GLU A CB  1 
ATOM   6    C  CG  . GLU A 1 1   ? 17.689  30.509  -5.780  1.00 83.59  ? 85  GLU A CG  1 
ATOM   7    C  CD  . GLU A 1 1   ? 16.881  30.954  -4.561  1.00 87.22  ? 85  GLU A CD  1 
ATOM   8    O  OE1 . GLU A 1 1   ? 15.870  30.279  -4.212  1.00 87.42  ? 85  GLU A OE1 1 
ATOM   9    O  OE2 . GLU A 1 1   ? 17.267  31.988  -3.956  1.00 88.54  ? 85  GLU A OE2 1 
ATOM   10   N  N   . VAL A 1 2   ? 14.342  27.435  -7.123  1.00 78.38  ? 86  VAL A N   1 
ATOM   11   C  CA  . VAL A 1 2   ? 13.803  26.091  -7.326  1.00 77.29  ? 86  VAL A CA  1 
ATOM   12   C  C   . VAL A 1 2   ? 13.454  25.894  -8.783  1.00 76.41  ? 86  VAL A C   1 
ATOM   13   O  O   . VAL A 1 2   ? 12.522  26.514  -9.303  1.00 75.93  ? 86  VAL A O   1 
ATOM   14   C  CB  . VAL A 1 2   ? 12.610  25.723  -6.413  1.00 77.26  ? 86  VAL A CB  1 
ATOM   15   C  CG1 . VAL A 1 2   ? 12.000  24.407  -6.852  1.00 75.82  ? 86  VAL A CG1 1 
ATOM   16   C  CG2 . VAL A 1 2   ? 13.075  25.608  -4.977  1.00 77.60  ? 86  VAL A CG2 1 
ATOM   17   N  N   . ASN A 1 3   ? 14.230  25.019  -9.417  1.00 75.65  ? 87  ASN A N   1 
ATOM   18   C  CA  . ASN A 1 3   ? 14.041  24.622  -10.807 1.00 75.04  ? 87  ASN A CA  1 
ATOM   19   C  C   . ASN A 1 3   ? 13.057  23.446  -10.928 1.00 74.20  ? 87  ASN A C   1 
ATOM   20   O  O   . ASN A 1 3   ? 11.969  23.612  -11.481 1.00 74.14  ? 87  ASN A O   1 
ATOM   21   C  CB  . ASN A 1 3   ? 15.408  24.308  -11.431 1.00 75.38  ? 87  ASN A CB  1 
ATOM   22   C  CG  . ASN A 1 3   ? 15.332  23.963  -12.918 1.00 75.38  ? 87  ASN A CG  1 
ATOM   23   O  OD1 . ASN A 1 3   ? 14.253  23.946  -13.530 1.00 75.21  ? 87  ASN A OD1 1 
ATOM   24   N  ND2 . ASN A 1 3   ? 16.497  23.669  -13.501 1.00 74.42  ? 87  ASN A ND2 1 
ATOM   25   N  N   . LYS A 1 4   ? 13.441  22.271  -10.423 1.00 73.43  ? 88  LYS A N   1 
ATOM   26   C  CA  . LYS A 1 4   ? 12.481  21.174  -10.172 1.00 72.36  ? 88  LYS A CA  1 
ATOM   27   C  C   . LYS A 1 4   ? 12.925  20.095  -9.175  1.00 71.67  ? 88  LYS A C   1 
ATOM   28   O  O   . LYS A 1 4   ? 14.098  19.983  -8.800  1.00 71.03  ? 88  LYS A O   1 
ATOM   29   C  CB  . LYS A 1 4   ? 11.965  20.542  -11.476 1.00 72.14  ? 88  LYS A CB  1 
ATOM   30   C  CG  . LYS A 1 4   ? 12.978  19.751  -12.263 1.00 71.69  ? 88  LYS A CG  1 
ATOM   31   C  CD  . LYS A 1 4   ? 12.497  19.572  -13.711 1.00 70.83  ? 88  LYS A CD  1 
ATOM   32   C  CE  . LYS A 1 4   ? 13.091  18.319  -14.327 1.00 70.47  ? 88  LYS A CE  1 
ATOM   33   N  NZ  . LYS A 1 4   ? 14.545  18.227  -14.039 1.00 68.62  ? 88  LYS A NZ  1 
ATOM   34   N  N   . ILE A 1 5   ? 11.933  19.323  -8.738  1.00 71.43  ? 89  ILE A N   1 
ATOM   35   C  CA  . ILE A 1 5   ? 12.130  18.134  -7.913  1.00 70.63  ? 89  ILE A CA  1 
ATOM   36   C  C   . ILE A 1 5   ? 12.716  17.051  -8.788  1.00 69.91  ? 89  ILE A C   1 
ATOM   37   O  O   . ILE A 1 5   ? 12.098  16.667  -9.772  1.00 69.50  ? 89  ILE A O   1 
ATOM   38   C  CB  . ILE A 1 5   ? 10.788  17.630  -7.335  1.00 70.55  ? 89  ILE A CB  1 
ATOM   39   C  CG1 . ILE A 1 5   ? 10.181  18.688  -6.416  1.00 70.24  ? 89  ILE A CG1 1 
ATOM   40   C  CG2 . ILE A 1 5   ? 10.981  16.313  -6.563  1.00 70.79  ? 89  ILE A CG2 1 
ATOM   41   C  CD1 . ILE A 1 5   ? 8.706   18.450  -6.086  1.00 72.07  ? 89  ILE A CD1 1 
ATOM   42   N  N   . ILE A 1 6   ? 13.902  16.576  -8.437  1.00 69.58  ? 90  ILE A N   1 
ATOM   43   C  CA  . ILE A 1 6   ? 14.523  15.475  -9.167  1.00 69.91  ? 90  ILE A CA  1 
ATOM   44   C  C   . ILE A 1 6   ? 14.775  14.234  -8.308  1.00 69.66  ? 90  ILE A C   1 
ATOM   45   O  O   . ILE A 1 6   ? 15.664  13.429  -8.605  1.00 69.86  ? 90  ILE A O   1 
ATOM   46   C  CB  . ILE A 1 6   ? 15.841  15.911  -9.829  1.00 70.03  ? 90  ILE A CB  1 
ATOM   47   C  CG1 . ILE A 1 6   ? 16.721  16.640  -8.827  1.00 70.18  ? 90  ILE A CG1 1 
ATOM   48   C  CG2 . ILE A 1 6   ? 15.562  16.810  -11.021 1.00 70.78  ? 90  ILE A CG2 1 
ATOM   49   C  CD1 . ILE A 1 6   ? 18.181  16.437  -9.083  1.00 70.79  ? 90  ILE A CD1 1 
ATOM   50   N  N   . GLY A 1 7   ? 13.993  14.083  -7.247  1.00 69.46  ? 91  GLY A N   1 
ATOM   51   C  CA  . GLY A 1 7   ? 14.110  12.928  -6.361  1.00 69.06  ? 91  GLY A CA  1 
ATOM   52   C  C   . GLY A 1 7   ? 13.252  13.079  -5.124  1.00 68.67  ? 91  GLY A C   1 
ATOM   53   O  O   . GLY A 1 7   ? 12.774  14.181  -4.819  1.00 68.29  ? 91  GLY A O   1 
ATOM   54   N  N   . SER A 1 8   ? 13.054  11.966  -4.417  1.00 68.44  ? 92  SER A N   1 
ATOM   55   C  CA  . SER A 1 8   ? 12.304  11.968  -3.151  1.00 68.12  ? 92  SER A CA  1 
ATOM   56   C  C   . SER A 1 8   ? 12.693  10.840  -2.200  1.00 67.97  ? 92  SER A C   1 
ATOM   57   O  O   . SER A 1 8   ? 13.216  9.799   -2.591  1.00 67.67  ? 92  SER A O   1 
ATOM   58   C  CB  . SER A 1 8   ? 10.791  11.944  -3.393  1.00 67.88  ? 92  SER A CB  1 
ATOM   59   O  OG  . SER A 1 8   ? 10.297  10.618  -3.443  1.00 67.53  ? 92  SER A OG  1 
ATOM   60   N  N   . ARG A 1 9   ? 12.441  11.086  -0.931  1.00 68.16  ? 93  ARG A N   1 
ATOM   61   C  CA  . ARG A 1 9   ? 12.563  10.069  0.082   1.00 68.90  ? 93  ARG A CA  1 
ATOM   62   C  C   . ARG A 1 9   ? 11.598  10.395  1.230   1.00 69.87  ? 93  ARG A C   1 
ATOM   63   O  O   . ARG A 1 9   ? 11.177  11.543  1.392   1.00 70.46  ? 93  ARG A O   1 
ATOM   64   C  CB  . ARG A 1 9   ? 13.988  9.998   0.573   1.00 68.36  ? 93  ARG A CB  1 
ATOM   65   C  CG  . ARG A 1 9   ? 14.391  11.220  1.336   1.00 67.26  ? 93  ARG A CG  1 
ATOM   66   C  CD  . ARG A 1 9   ? 15.889  11.290  1.503   1.00 65.41  ? 93  ARG A CD  1 
ATOM   67   N  NE  . ARG A 1 9   ? 16.187  12.364  2.430   1.00 63.49  ? 93  ARG A NE  1 
ATOM   68   C  CZ  . ARG A 1 9   ? 17.403  12.757  2.778   1.00 61.91  ? 93  ARG A CZ  1 
ATOM   69   N  NH1 . ARG A 1 9   ? 18.488  12.184  2.259   1.00 61.74  ? 93  ARG A NH1 1 
ATOM   70   N  NH2 . ARG A 1 9   ? 17.515  13.746  3.643   1.00 60.19  ? 93  ARG A NH2 1 
ATOM   71   N  N   . THR A 1 10  ? 11.232  9.388   2.013   1.00 70.52  ? 94  THR A N   1 
ATOM   72   C  CA  . THR A 1 10  ? 10.347  9.591   3.159   1.00 71.14  ? 94  THR A CA  1 
ATOM   73   C  C   . THR A 1 10  ? 11.181  10.039  4.359   1.00 71.62  ? 94  THR A C   1 
ATOM   74   O  O   . THR A 1 10  ? 12.339  9.648   4.474   1.00 71.43  ? 94  THR A O   1 
ATOM   75   C  CB  . THR A 1 10  ? 9.581   8.292   3.518   1.00 70.96  ? 94  THR A CB  1 
ATOM   76   O  OG1 . THR A 1 10  ? 10.509  7.205   3.552   1.00 71.84  ? 94  THR A OG1 1 
ATOM   77   C  CG2 . THR A 1 10  ? 8.511   7.972   2.491   1.00 69.91  ? 94  THR A CG2 1 
ATOM   78   N  N   . ALA A 1 11  ? 10.601  10.865  5.231   1.00 72.62  ? 95  ALA A N   1 
ATOM   79   C  CA  . ALA A 1 11  ? 11.230  11.208  6.518   1.00 73.78  ? 95  ALA A CA  1 
ATOM   80   C  C   . ALA A 1 11  ? 10.283  10.961  7.728   1.00 74.66  ? 95  ALA A C   1 
ATOM   81   O  O   . ALA A 1 11  ? 9.045   11.037  7.607   1.00 74.84  ? 95  ALA A O   1 
ATOM   82   C  CB  . ALA A 1 11  ? 11.744  12.649  6.496   1.00 73.55  ? 95  ALA A CB  1 
ATOM   83   N  N   . GLY A 1 12  ? 10.878  10.637  8.877   1.00 75.35  ? 96  GLY A N   1 
ATOM   84   C  CA  . GLY A 1 12  ? 10.148  10.435  10.139  1.00 75.87  ? 96  GLY A CA  1 
ATOM   85   C  C   . GLY A 1 12  ? 8.957   9.479   10.092  1.00 76.37  ? 96  GLY A C   1 
ATOM   86   O  O   . GLY A 1 12  ? 9.007   8.365   10.661  1.00 76.29  ? 96  GLY A O   1 
ATOM   87   N  N   . GLU A 1 13  ? 7.885   9.924   9.422   1.00 75.94  ? 97  GLU A N   1 
ATOM   88   C  CA  . GLU A 1 13  ? 6.613   9.227   9.425   1.00 75.82  ? 97  GLU A CA  1 
ATOM   89   C  C   . GLU A 1 13  ? 5.567   10.059  8.712   1.00 75.20  ? 97  GLU A C   1 
ATOM   90   O  O   . GLU A 1 13  ? 5.181   11.123  9.210   1.00 75.58  ? 97  GLU A O   1 
ATOM   91   C  CB  . GLU A 1 13  ? 6.137   8.993   10.856  1.00 75.75  ? 97  GLU A CB  1 
ATOM   92   C  CG  . GLU A 1 13  ? 5.075   7.897   10.919  1.00 77.20  ? 97  GLU A CG  1 
ATOM   93   C  CD  . GLU A 1 13  ? 4.395   7.760   12.284  1.00 77.01  ? 97  GLU A CD  1 
ATOM   94   O  OE1 . GLU A 1 13  ? 4.979   8.129   13.325  1.00 78.19  ? 97  GLU A OE1 1 
ATOM   95   O  OE2 . GLU A 1 13  ? 3.254   7.259   12.299  1.00 79.60  ? 97  GLU A OE2 1 
ATOM   96   N  N   . GLY A 1 14  ? 5.096   9.574   7.560   1.00 74.29  ? 98  GLY A N   1 
ATOM   97   C  CA  . GLY A 1 14  ? 4.023   10.239  6.793   1.00 72.83  ? 98  GLY A CA  1 
ATOM   98   C  C   . GLY A 1 14  ? 4.408   11.592  6.218   1.00 71.91  ? 98  GLY A C   1 
ATOM   99   O  O   . GLY A 1 14  ? 3.545   12.445  5.972   1.00 71.28  ? 98  GLY A O   1 
ATOM   100  N  N   . ALA A 1 15  ? 5.712   11.765  5.996   1.00 71.14  ? 99  ALA A N   1 
ATOM   101  C  CA  . ALA A 1 15  ? 6.309   13.060  5.664   1.00 70.59  ? 99  ALA A CA  1 
ATOM   102  C  C   . ALA A 1 15  ? 7.421   12.944  4.602   1.00 70.17  ? 99  ALA A C   1 
ATOM   103  O  O   . ALA A 1 15  ? 8.491   12.329  4.846   1.00 69.97  ? 99  ALA A O   1 
ATOM   104  C  CB  . ALA A 1 15  ? 6.848   13.731  6.938   1.00 70.71  ? 99  ALA A CB  1 
ATOM   105  N  N   . MET A 1 16  ? 7.177   13.541  3.435   1.00 68.83  ? 100 MET A N   1 
ATOM   106  C  CA  . MET A 1 16  ? 8.140   13.443  2.341   1.00 67.54  ? 100 MET A CA  1 
ATOM   107  C  C   . MET A 1 16  ? 9.257   14.483  2.451   1.00 67.04  ? 100 MET A C   1 
ATOM   108  O  O   . MET A 1 16  ? 9.102   15.521  3.089   1.00 66.87  ? 100 MET A O   1 
ATOM   109  C  CB  . MET A 1 16  ? 7.443   13.508  0.966   1.00 67.31  ? 100 MET A CB  1 
ATOM   110  C  CG  . MET A 1 16  ? 6.602   12.283  0.623   1.00 65.50  ? 100 MET A CG  1 
ATOM   111  S  SD  . MET A 1 16  ? 7.466   10.724  0.894   1.00 62.32  ? 100 MET A SD  1 
ATOM   112  C  CE  . MET A 1 16  ? 8.458   10.547  -0.576  1.00 62.19  ? 100 MET A CE  1 
ATOM   113  N  N   . GLU A 1 17  ? 10.379  14.179  1.807   1.00 66.40  ? 101 GLU A N   1 
ATOM   114  C  CA  . GLU A 1 17  ? 11.529  15.063  1.715   1.00 65.85  ? 101 GLU A CA  1 
ATOM   115  C  C   . GLU A 1 17  ? 12.073  14.973  0.264   1.00 65.91  ? 101 GLU A C   1 
ATOM   116  O  O   . GLU A 1 17  ? 12.311  13.879  -0.251  1.00 65.90  ? 101 GLU A O   1 
ATOM   117  C  CB  . GLU A 1 17  ? 12.574  14.597  2.719   1.00 65.59  ? 101 GLU A CB  1 
ATOM   118  C  CG  . GLU A 1 17  ? 13.142  15.638  3.631   1.00 63.59  ? 101 GLU A CG  1 
ATOM   119  C  CD  . GLU A 1 17  ? 14.484  15.201  4.216   1.00 62.92  ? 101 GLU A CD  1 
ATOM   120  O  OE1 . GLU A 1 17  ? 15.252  14.489  3.524   1.00 59.78  ? 101 GLU A OE1 1 
ATOM   121  O  OE2 . GLU A 1 17  ? 14.782  15.573  5.373   1.00 62.56  ? 101 GLU A OE2 1 
ATOM   122  N  N   . TYR A 1 18  ? 12.253  16.109  -0.405  1.00 65.83  ? 102 TYR A N   1 
ATOM   123  C  CA  . TYR A 1 18  ? 12.583  16.065  -1.830  1.00 65.60  ? 102 TYR A CA  1 
ATOM   124  C  C   . TYR A 1 18  ? 13.954  16.590  -2.202  1.00 65.94  ? 102 TYR A C   1 
ATOM   125  O  O   . TYR A 1 18  ? 14.475  17.514  -1.582  1.00 65.53  ? 102 TYR A O   1 
ATOM   126  C  CB  . TYR A 1 18  ? 11.534  16.797  -2.649  1.00 64.79  ? 102 TYR A CB  1 
ATOM   127  C  CG  . TYR A 1 18  ? 10.123  16.304  -2.448  1.00 64.12  ? 102 TYR A CG  1 
ATOM   128  C  CD1 . TYR A 1 18  ? 9.672   15.145  -3.075  1.00 62.86  ? 102 TYR A CD1 1 
ATOM   129  C  CD2 . TYR A 1 18  ? 9.228   17.015  -1.652  1.00 62.99  ? 102 TYR A CD2 1 
ATOM   130  C  CE1 . TYR A 1 18  ? 8.374   14.708  -2.902  1.00 61.67  ? 102 TYR A CE1 1 
ATOM   131  C  CE2 . TYR A 1 18  ? 7.931   16.588  -1.485  1.00 61.94  ? 102 TYR A CE2 1 
ATOM   132  C  CZ  . TYR A 1 18  ? 7.512   15.438  -2.108  1.00 61.88  ? 102 TYR A CZ  1 
ATOM   133  O  OH  . TYR A 1 18  ? 6.222   15.023  -1.922  1.00 62.93  ? 102 TYR A OH  1 
ATOM   134  N  N   . LEU A 1 19  ? 14.515  15.977  -3.238  1.00 66.91  ? 103 LEU A N   1 
ATOM   135  C  CA  . LEU A 1 19  ? 15.792  16.387  -3.811  1.00 68.19  ? 103 LEU A CA  1 
ATOM   136  C  C   . LEU A 1 19  ? 15.595  17.511  -4.838  1.00 68.90  ? 103 LEU A C   1 
ATOM   137  O  O   . LEU A 1 19  ? 14.835  17.387  -5.808  1.00 68.79  ? 103 LEU A O   1 
ATOM   138  C  CB  . LEU A 1 19  ? 16.516  15.192  -4.447  1.00 68.10  ? 103 LEU A CB  1 
ATOM   139  C  CG  . LEU A 1 19  ? 17.971  15.394  -4.900  1.00 68.14  ? 103 LEU A CG  1 
ATOM   140  C  CD1 . LEU A 1 19  ? 18.941  15.448  -3.715  1.00 66.93  ? 103 LEU A CD1 1 
ATOM   141  C  CD2 . LEU A 1 19  ? 18.405  14.316  -5.911  1.00 67.74  ? 103 LEU A CD2 1 
ATOM   142  N  N   . ILE A 1 20  ? 16.300  18.606  -4.607  1.00 69.95  ? 104 ILE A N   1 
ATOM   143  C  CA  . ILE A 1 20  ? 16.106  19.819  -5.383  1.00 71.31  ? 104 ILE A CA  1 
ATOM   144  C  C   . ILE A 1 20  ? 17.228  20.077  -6.393  1.00 71.98  ? 104 ILE A C   1 
ATOM   145  O  O   . ILE A 1 20  ? 18.408  20.129  -6.025  1.00 71.94  ? 104 ILE A O   1 
ATOM   146  C  CB  . ILE A 1 20  ? 15.902  21.039  -4.454  1.00 71.17  ? 104 ILE A CB  1 
ATOM   147  C  CG1 . ILE A 1 20  ? 14.637  20.862  -3.612  1.00 70.84  ? 104 ILE A CG1 1 
ATOM   148  C  CG2 . ILE A 1 20  ? 15.776  22.303  -5.250  1.00 71.91  ? 104 ILE A CG2 1 
ATOM   149  C  CD1 . ILE A 1 20  ? 13.354  20.734  -4.413  1.00 69.31  ? 104 ILE A CD1 1 
ATOM   150  N  N   . GLU A 1 21  ? 16.837  20.188  -7.663  1.00 72.94  ? 105 GLU A N   1 
ATOM   151  C  CA  . GLU A 1 21  ? 17.687  20.780  -8.690  1.00 74.30  ? 105 GLU A CA  1 
ATOM   152  C  C   . GLU A 1 21  ? 17.461  22.298  -8.726  1.00 74.92  ? 105 GLU A C   1 
ATOM   153  O  O   . GLU A 1 21  ? 16.350  22.776  -9.032  1.00 74.47  ? 105 GLU A O   1 
ATOM   154  C  CB  . GLU A 1 21  ? 17.418  20.168  -10.074 1.00 74.18  ? 105 GLU A CB  1 
ATOM   155  C  CG  . GLU A 1 21  ? 18.311  20.746  -11.181 1.00 74.46  ? 105 GLU A CG  1 
ATOM   156  C  CD  . GLU A 1 21  ? 17.915  20.290  -12.588 1.00 75.11  ? 105 GLU A CD  1 
ATOM   157  O  OE1 . GLU A 1 21  ? 18.406  19.225  -13.027 1.00 75.84  ? 105 GLU A OE1 1 
ATOM   158  O  OE2 . GLU A 1 21  ? 17.129  21.009  -13.258 1.00 74.96  ? 105 GLU A OE2 1 
ATOM   159  N  N   . TRP A 1 22  ? 18.512  23.047  -8.393  1.00 75.97  ? 106 TRP A N   1 
ATOM   160  C  CA  . TRP A 1 22  ? 18.484  24.503  -8.539  1.00 77.19  ? 106 TRP A CA  1 
ATOM   161  C  C   . TRP A 1 22  ? 18.883  24.931  -9.953  1.00 77.98  ? 106 TRP A C   1 
ATOM   162  O  O   . TRP A 1 22  ? 19.763  24.311  -10.574 1.00 77.88  ? 106 TRP A O   1 
ATOM   163  C  CB  . TRP A 1 22  ? 19.407  25.153  -7.531  1.00 77.31  ? 106 TRP A CB  1 
ATOM   164  C  CG  . TRP A 1 22  ? 19.332  24.526  -6.181  1.00 77.41  ? 106 TRP A CG  1 
ATOM   165  C  CD1 . TRP A 1 22  ? 20.179  23.591  -5.667  1.00 77.21  ? 106 TRP A CD1 1 
ATOM   166  C  CD2 . TRP A 1 22  ? 18.360  24.795  -5.164  1.00 76.89  ? 106 TRP A CD2 1 
ATOM   167  N  NE1 . TRP A 1 22  ? 19.787  23.251  -4.393  1.00 77.31  ? 106 TRP A NE1 1 
ATOM   168  C  CE2 . TRP A 1 22  ? 18.674  23.981  -4.062  1.00 76.54  ? 106 TRP A CE2 1 
ATOM   169  C  CE3 . TRP A 1 22  ? 17.243  25.644  -5.085  1.00 77.76  ? 106 TRP A CE3 1 
ATOM   170  C  CZ2 . TRP A 1 22  ? 17.917  23.986  -2.891  1.00 77.20  ? 106 TRP A CZ2 1 
ATOM   171  C  CZ3 . TRP A 1 22  ? 16.487  25.648  -3.920  1.00 77.10  ? 106 TRP A CZ3 1 
ATOM   172  C  CH2 . TRP A 1 22  ? 16.829  24.825  -2.841  1.00 77.54  ? 106 TRP A CH2 1 
ATOM   173  N  N   . LYS A 1 23  ? 18.227  25.983  -10.452 1.00 79.16  ? 107 LYS A N   1 
ATOM   174  C  CA  . LYS A 1 23  ? 18.557  26.585  -11.771 1.00 80.11  ? 107 LYS A CA  1 
ATOM   175  C  C   . LYS A 1 23  ? 19.885  27.348  -11.736 1.00 80.80  ? 107 LYS A C   1 
ATOM   176  O  O   . LYS A 1 23  ? 20.774  27.102  -12.564 1.00 80.71  ? 107 LYS A O   1 
ATOM   177  C  CB  . LYS A 1 23  ? 17.427  27.498  -12.280 1.00 79.78  ? 107 LYS A CB  1 
ATOM   178  C  CG  . LYS A 1 23  ? 16.797  28.384  -11.217 1.00 79.14  ? 107 LYS A CG  1 
ATOM   179  C  CD  . LYS A 1 23  ? 15.398  28.805  -11.607 1.00 78.41  ? 107 LYS A CD  1 
ATOM   180  C  CE  . LYS A 1 23  ? 14.709  29.490  -10.441 1.00 78.20  ? 107 LYS A CE  1 
ATOM   181  N  NZ  . LYS A 1 23  ? 13.389  30.082  -10.807 1.00 78.20  ? 107 LYS A NZ  1 
ATOM   182  N  N   . ASP A 1 24  ? 20.006  28.245  -10.754 1.00 81.77  ? 108 ASP A N   1 
ATOM   183  C  CA  . ASP A 1 24  ? 21.167  29.125  -10.589 1.00 82.97  ? 108 ASP A CA  1 
ATOM   184  C  C   . ASP A 1 24  ? 22.513  28.382  -10.570 1.00 82.98  ? 108 ASP A C   1 
ATOM   185  O  O   . ASP A 1 24  ? 23.572  29.004  -10.713 1.00 83.17  ? 108 ASP A O   1 
ATOM   186  C  CB  . ASP A 1 24  ? 21.001  30.075  -9.378  1.00 83.57  ? 108 ASP A CB  1 
ATOM   187  C  CG  . ASP A 1 24  ? 20.182  29.452  -8.206  1.00 85.95  ? 108 ASP A CG  1 
ATOM   188  O  OD1 . ASP A 1 24  ? 19.546  28.379  -8.379  1.00 88.68  ? 108 ASP A OD1 1 
ATOM   189  O  OD2 . ASP A 1 24  ? 20.177  30.051  -7.095  1.00 86.93  ? 108 ASP A OD2 1 
ATOM   190  N  N   . GLY A 1 25  ? 22.468  27.055  -10.403 1.00 82.74  ? 109 GLY A N   1 
ATOM   191  C  CA  . GLY A 1 25  ? 23.619  26.205  -10.730 1.00 82.09  ? 109 GLY A CA  1 
ATOM   192  C  C   . GLY A 1 25  ? 24.421  25.574  -9.608  1.00 81.60  ? 109 GLY A C   1 
ATOM   193  O  O   . GLY A 1 25  ? 25.493  25.010  -9.874  1.00 81.54  ? 109 GLY A O   1 
ATOM   194  N  N   . HIS A 1 26  ? 23.908  25.643  -8.369  1.00 81.08  ? 110 HIS A N   1 
ATOM   195  C  CA  . HIS A 1 26  ? 24.605  25.084  -7.177  1.00 80.26  ? 110 HIS A CA  1 
ATOM   196  C  C   . HIS A 1 26  ? 24.472  23.552  -7.081  1.00 78.90  ? 110 HIS A C   1 
ATOM   197  O  O   . HIS A 1 26  ? 24.184  22.873  -8.083  1.00 78.96  ? 110 HIS A O   1 
ATOM   198  C  CB  . HIS A 1 26  ? 24.112  25.721  -5.863  1.00 80.71  ? 110 HIS A CB  1 
ATOM   199  C  CG  . HIS A 1 26  ? 23.466  27.060  -6.033  1.00 82.56  ? 110 HIS A CG  1 
ATOM   200  N  ND1 . HIS A 1 26  ? 24.131  28.153  -6.552  1.00 83.79  ? 110 HIS A ND1 1 
ATOM   201  C  CD2 . HIS A 1 26  ? 22.212  27.485  -5.742  1.00 84.48  ? 110 HIS A CD2 1 
ATOM   202  C  CE1 . HIS A 1 26  ? 23.314  29.191  -6.578  1.00 84.00  ? 110 HIS A CE1 1 
ATOM   203  N  NE2 . HIS A 1 26  ? 22.145  28.815  -6.085  1.00 85.10  ? 110 HIS A NE2 1 
ATOM   204  N  N   . SER A 1 27  ? 24.685  23.001  -5.886  1.00 76.88  ? 111 SER A N   1 
ATOM   205  C  CA  . SER A 1 27  ? 24.476  21.565  -5.684  1.00 74.83  ? 111 SER A CA  1 
ATOM   206  C  C   . SER A 1 27  ? 22.983  21.253  -5.435  1.00 72.94  ? 111 SER A C   1 
ATOM   207  O  O   . SER A 1 27  ? 22.226  22.115  -4.973  1.00 72.34  ? 111 SER A O   1 
ATOM   208  C  CB  . SER A 1 27  ? 25.370  21.036  -4.559  1.00 75.02  ? 111 SER A CB  1 
ATOM   209  O  OG  . SER A 1 27  ? 25.184  21.770  -3.360  1.00 75.25  ? 111 SER A OG  1 
ATOM   210  N  N   . PRO A 1 28  ? 22.539  20.046  -5.816  1.00 71.07  ? 112 PRO A N   1 
ATOM   211  C  CA  . PRO A 1 28  ? 21.214  19.557  -5.389  1.00 69.64  ? 112 PRO A CA  1 
ATOM   212  C  C   . PRO A 1 28  ? 21.050  19.375  -3.846  1.00 68.20  ? 112 PRO A C   1 
ATOM   213  O  O   . PRO A 1 28  ? 21.903  18.770  -3.192  1.00 67.27  ? 112 PRO A O   1 
ATOM   214  C  CB  . PRO A 1 28  ? 21.088  18.215  -6.121  1.00 69.59  ? 112 PRO A CB  1 
ATOM   215  C  CG  . PRO A 1 28  ? 22.092  18.291  -7.265  1.00 70.02  ? 112 PRO A CG  1 
ATOM   216  C  CD  . PRO A 1 28  ? 23.218  19.107  -6.729  1.00 70.87  ? 112 PRO A CD  1 
ATOM   217  N  N   . SER A 1 29  ? 19.959  19.914  -3.291  1.00 66.38  ? 113 SER A N   1 
ATOM   218  C  CA  . SER A 1 29  ? 19.622  19.761  -1.869  1.00 64.84  ? 113 SER A CA  1 
ATOM   219  C  C   . SER A 1 29  ? 18.451  18.774  -1.583  1.00 63.47  ? 113 SER A C   1 
ATOM   220  O  O   . SER A 1 29  ? 17.702  18.393  -2.478  1.00 63.40  ? 113 SER A O   1 
ATOM   221  C  CB  . SER A 1 29  ? 19.241  21.130  -1.274  1.00 65.51  ? 113 SER A CB  1 
ATOM   222  O  OG  . SER A 1 29  ? 20.353  21.904  -0.847  1.00 65.46  ? 113 SER A OG  1 
ATOM   223  N  N   . TRP A 1 30  ? 18.297  18.375  -0.321  1.00 61.40  ? 114 TRP A N   1 
ATOM   224  C  CA  . TRP A 1 30  ? 17.077  17.722  0.136   1.00 59.41  ? 114 TRP A CA  1 
ATOM   225  C  C   . TRP A 1 30  ? 16.263  18.754  0.909   1.00 59.92  ? 114 TRP A C   1 
ATOM   226  O  O   . TRP A 1 30  ? 16.814  19.464  1.739   1.00 60.26  ? 114 TRP A O   1 
ATOM   227  C  CB  . TRP A 1 30  ? 17.406  16.531  1.028   1.00 57.22  ? 114 TRP A CB  1 
ATOM   228  C  CG  . TRP A 1 30  ? 17.946  15.351  0.269   1.00 55.47  ? 114 TRP A CG  1 
ATOM   229  C  CD1 . TRP A 1 30  ? 19.261  14.979  0.148   1.00 52.98  ? 114 TRP A CD1 1 
ATOM   230  C  CD2 . TRP A 1 30  ? 17.186  14.385  -0.495  1.00 53.21  ? 114 TRP A CD2 1 
ATOM   231  N  NE1 . TRP A 1 30  ? 19.365  13.851  -0.630  1.00 50.65  ? 114 TRP A NE1 1 
ATOM   232  C  CE2 . TRP A 1 30  ? 18.116  13.459  -1.036  1.00 52.54  ? 114 TRP A CE2 1 
ATOM   233  C  CE3 . TRP A 1 30  ? 15.815  14.200  -0.751  1.00 51.09  ? 114 TRP A CE3 1 
ATOM   234  C  CZ2 . TRP A 1 30  ? 17.717  12.366  -1.838  1.00 54.77  ? 114 TRP A CZ2 1 
ATOM   235  C  CZ3 . TRP A 1 30  ? 15.413  13.116  -1.541  1.00 52.82  ? 114 TRP A CZ3 1 
ATOM   236  C  CH2 . TRP A 1 30  ? 16.359  12.214  -2.080  1.00 54.57  ? 114 TRP A CH2 1 
ATOM   237  N  N   . VAL A 1 31  ? 14.967  18.885  0.630   1.00 60.32  ? 115 VAL A N   1 
ATOM   238  C  CA  . VAL A 1 31  ? 14.124  19.732  1.494   1.00 60.78  ? 115 VAL A CA  1 
ATOM   239  C  C   . VAL A 1 31  ? 12.791  19.100  1.897   1.00 60.64  ? 115 VAL A C   1 
ATOM   240  O  O   . VAL A 1 31  ? 12.131  18.440  1.083   1.00 60.73  ? 115 VAL A O   1 
ATOM   241  C  CB  . VAL A 1 31  ? 13.871  21.212  0.954   1.00 60.67  ? 115 VAL A CB  1 
ATOM   242  C  CG1 . VAL A 1 31  ? 15.146  21.977  0.846   1.00 61.09  ? 115 VAL A CG1 1 
ATOM   243  C  CG2 . VAL A 1 31  ? 13.145  21.222  -0.371  1.00 61.19  ? 115 VAL A CG2 1 
ATOM   244  N  N   . PRO A 1 32  ? 12.416  19.293  3.165   1.00 60.44  ? 116 PRO A N   1 
ATOM   245  C  CA  . PRO A 1 32  ? 11.089  19.103  3.704   1.00 60.52  ? 116 PRO A CA  1 
ATOM   246  C  C   . PRO A 1 32  ? 10.028  19.570  2.727   1.00 60.64  ? 116 PRO A C   1 
ATOM   247  O  O   . PRO A 1 32  ? 10.057  20.716  2.281   1.00 60.85  ? 116 PRO A O   1 
ATOM   248  C  CB  . PRO A 1 32  ? 11.078  20.042  4.908   1.00 60.65  ? 116 PRO A CB  1 
ATOM   249  C  CG  . PRO A 1 32  ? 12.490  20.119  5.355   1.00 60.98  ? 116 PRO A CG  1 
ATOM   250  C  CD  . PRO A 1 32  ? 13.378  19.687  4.208   1.00 60.66  ? 116 PRO A CD  1 
ATOM   251  N  N   . SER A 1 33  ? 9.083   18.688  2.434   1.00 60.45  ? 117 SER A N   1 
ATOM   252  C  CA  . SER A 1 33  ? 8.070   18.938  1.440   1.00 60.85  ? 117 SER A CA  1 
ATOM   253  C  C   . SER A 1 33  ? 7.336   20.262  1.673   1.00 61.11  ? 117 SER A C   1 
ATOM   254  O  O   . SER A 1 33  ? 6.878   20.918  0.726   1.00 61.00  ? 117 SER A O   1 
ATOM   255  C  CB  . SER A 1 33  ? 7.073   17.776  1.425   1.00 60.77  ? 117 SER A CB  1 
ATOM   256  O  OG  . SER A 1 33  ? 5.951   18.070  2.236   1.00 60.59  ? 117 SER A OG  1 
ATOM   257  N  N   . SER A 1 34  ? 7.222   20.661  2.930   1.00 61.44  ? 118 SER A N   1 
ATOM   258  C  CA  . SER A 1 34  ? 6.447   21.852  3.233   1.00 61.96  ? 118 SER A CA  1 
ATOM   259  C  C   . SER A 1 34  ? 7.225   23.134  2.901   1.00 62.48  ? 118 SER A C   1 
ATOM   260  O  O   . SER A 1 34  ? 6.625   24.214  2.879   1.00 62.52  ? 118 SER A O   1 
ATOM   261  C  CB  . SER A 1 34  ? 6.008   21.847  4.694   1.00 61.69  ? 118 SER A CB  1 
ATOM   262  O  OG  . SER A 1 34  ? 7.118   22.097  5.542   1.00 62.32  ? 118 SER A OG  1 
ATOM   263  N  N   . TYR A 1 35  ? 8.541   23.021  2.648   1.00 62.89  ? 119 TYR A N   1 
ATOM   264  C  CA  . TYR A 1 35  ? 9.370   24.200  2.297   1.00 63.33  ? 119 TYR A CA  1 
ATOM   265  C  C   . TYR A 1 35  ? 9.106   24.708  0.887   1.00 64.44  ? 119 TYR A C   1 
ATOM   266  O  O   . TYR A 1 35  ? 9.341   25.887  0.582   1.00 64.40  ? 119 TYR A O   1 
ATOM   267  C  CB  . TYR A 1 35  ? 10.857  23.936  2.426   1.00 62.32  ? 119 TYR A CB  1 
ATOM   268  C  CG  . TYR A 1 35  ? 11.402  23.886  3.831   1.00 61.18  ? 119 TYR A CG  1 
ATOM   269  C  CD1 . TYR A 1 35  ? 10.573  23.667  4.939   1.00 61.32  ? 119 TYR A CD1 1 
ATOM   270  C  CD2 . TYR A 1 35  ? 12.771  23.997  4.045   1.00 59.28  ? 119 TYR A CD2 1 
ATOM   271  C  CE1 . TYR A 1 35  ? 11.107  23.591  6.247   1.00 61.19  ? 119 TYR A CE1 1 
ATOM   272  C  CE2 . TYR A 1 35  ? 13.319  23.925  5.309   1.00 59.75  ? 119 TYR A CE2 1 
ATOM   273  C  CZ  . TYR A 1 35  ? 12.496  23.717  6.418   1.00 61.94  ? 119 TYR A CZ  1 
ATOM   274  O  OH  . TYR A 1 35  ? 13.085  23.631  7.675   1.00 61.12  ? 119 TYR A OH  1 
ATOM   275  N  N   . ILE A 1 36  ? 8.611   23.833  0.026   1.00 65.35  ? 120 ILE A N   1 
ATOM   276  C  CA  . ILE A 1 36  ? 8.446   24.231  -1.355  1.00 66.68  ? 120 ILE A CA  1 
ATOM   277  C  C   . ILE A 1 36  ? 6.985   24.392  -1.720  1.00 67.69  ? 120 ILE A C   1 
ATOM   278  O  O   . ILE A 1 36  ? 6.116   23.978  -0.965  1.00 68.36  ? 120 ILE A O   1 
ATOM   279  C  CB  . ILE A 1 36  ? 9.248   23.325  -2.299  1.00 66.82  ? 120 ILE A CB  1 
ATOM   280  C  CG1 . ILE A 1 36  ? 8.633   21.947  -2.429  1.00 66.34  ? 120 ILE A CG1 1 
ATOM   281  C  CG2 . ILE A 1 36  ? 10.709  23.215  -1.796  1.00 67.07  ? 120 ILE A CG2 1 
ATOM   282  C  CD1 . ILE A 1 36  ? 9.635   20.913  -2.922  1.00 66.64  ? 120 ILE A CD1 1 
ATOM   283  N  N   . ALA A 1 37  ? 6.702   25.039  -2.841  1.00 68.77  ? 121 ALA A N   1 
ATOM   284  C  CA  . ALA A 1 37  ? 5.323   25.405  -3.132  1.00 69.51  ? 121 ALA A CA  1 
ATOM   285  C  C   . ALA A 1 37  ? 4.456   24.173  -3.402  1.00 69.74  ? 121 ALA A C   1 
ATOM   286  O  O   . ALA A 1 37  ? 4.901   23.201  -4.020  1.00 69.88  ? 121 ALA A O   1 
ATOM   287  C  CB  . ALA A 1 37  ? 5.244   26.414  -4.276  1.00 69.55  ? 121 ALA A CB  1 
ATOM   288  N  N   . ALA A 1 38  ? 3.220   24.242  -2.917  1.00 70.00  ? 122 ALA A N   1 
ATOM   289  C  CA  . ALA A 1 38  ? 2.277   23.135  -2.955  1.00 70.36  ? 122 ALA A CA  1 
ATOM   290  C  C   . ALA A 1 38  ? 2.087   22.536  -4.339  1.00 70.86  ? 122 ALA A C   1 
ATOM   291  O  O   . ALA A 1 38  ? 2.113   21.316  -4.489  1.00 70.95  ? 122 ALA A O   1 
ATOM   292  C  CB  . ALA A 1 38  ? 0.935   23.574  -2.385  1.00 70.44  ? 122 ALA A CB  1 
ATOM   293  N  N   . ASP A 1 39  ? 1.896   23.391  -5.343  1.00 71.55  ? 123 ASP A N   1 
ATOM   294  C  CA  . ASP A 1 39  ? 1.588   22.929  -6.703  1.00 72.18  ? 123 ASP A CA  1 
ATOM   295  C  C   . ASP A 1 39  ? 2.795   22.361  -7.433  1.00 71.86  ? 123 ASP A C   1 
ATOM   296  O  O   . ASP A 1 39  ? 2.644   21.700  -8.456  1.00 71.84  ? 123 ASP A O   1 
ATOM   297  C  CB  . ASP A 1 39  ? 0.821   23.988  -7.535  1.00 72.60  ? 123 ASP A CB  1 
ATOM   298  C  CG  . ASP A 1 39  ? 1.689   25.182  -7.983  1.00 74.48  ? 123 ASP A CG  1 
ATOM   299  O  OD1 . ASP A 1 39  ? 2.781   25.457  -7.414  1.00 76.07  ? 123 ASP A OD1 1 
ATOM   300  O  OD2 . ASP A 1 39  ? 1.241   25.872  -8.930  1.00 76.10  ? 123 ASP A OD2 1 
ATOM   301  N  N   . VAL A 1 40  ? 3.982   22.607  -6.883  1.00 71.95  ? 124 VAL A N   1 
ATOM   302  C  CA  . VAL A 1 40  ? 5.208   21.991  -7.378  1.00 72.19  ? 124 VAL A CA  1 
ATOM   303  C  C   . VAL A 1 40  ? 5.149   20.538  -6.918  1.00 72.14  ? 124 VAL A C   1 
ATOM   304  O  O   . VAL A 1 40  ? 5.180   19.597  -7.731  1.00 72.58  ? 124 VAL A O   1 
ATOM   305  C  CB  . VAL A 1 40  ? 6.498   22.671  -6.795  1.00 72.40  ? 124 VAL A CB  1 
ATOM   306  C  CG1 . VAL A 1 40  ? 7.771   22.123  -7.455  1.00 71.92  ? 124 VAL A CG1 1 
ATOM   307  C  CG2 . VAL A 1 40  ? 6.438   24.186  -6.916  1.00 72.57  ? 124 VAL A CG2 1 
ATOM   308  N  N   . VAL A 1 41  ? 5.047   20.384  -5.598  1.00 71.66  ? 125 VAL A N   1 
ATOM   309  C  CA  . VAL A 1 41  ? 4.901   19.088  -4.944  1.00 71.10  ? 125 VAL A CA  1 
ATOM   310  C  C   . VAL A 1 41  ? 3.785   18.256  -5.596  1.00 70.89  ? 125 VAL A C   1 
ATOM   311  O  O   . VAL A 1 41  ? 3.984   17.078  -5.903  1.00 70.89  ? 125 VAL A O   1 
ATOM   312  C  CB  . VAL A 1 41  ? 4.627   19.261  -3.402  1.00 71.14  ? 125 VAL A CB  1 
ATOM   313  C  CG1 . VAL A 1 41  ? 4.475   17.901  -2.716  1.00 70.79  ? 125 VAL A CG1 1 
ATOM   314  C  CG2 . VAL A 1 41  ? 5.730   20.091  -2.719  1.00 69.35  ? 125 VAL A CG2 1 
ATOM   315  N  N   . SER A 1 42  ? 2.635   18.893  -5.819  1.00 70.57  ? 126 SER A N   1 
ATOM   316  C  CA  . SER A 1 42  ? 1.456   18.244  -6.356  1.00 70.51  ? 126 SER A CA  1 
ATOM   317  C  C   . SER A 1 42  ? 1.739   17.621  -7.727  1.00 71.07  ? 126 SER A C   1 
ATOM   318  O  O   . SER A 1 42  ? 1.513   16.421  -7.926  1.00 72.07  ? 126 SER A O   1 
ATOM   319  C  CB  . SER A 1 42  ? 0.305   19.240  -6.442  1.00 70.47  ? 126 SER A CB  1 
ATOM   320  O  OG  . SER A 1 42  ? -0.932  18.573  -6.595  1.00 69.84  ? 126 SER A OG  1 
ATOM   321  N  N   . GLU A 1 43  ? 2.266   18.412  -8.661  1.00 70.42  ? 127 GLU A N   1 
ATOM   322  C  CA  . GLU A 1 43  ? 2.561   17.910  -10.012 1.00 69.71  ? 127 GLU A CA  1 
ATOM   323  C  C   . GLU A 1 43  ? 3.582   16.768  -9.987  1.00 68.01  ? 127 GLU A C   1 
ATOM   324  O  O   . GLU A 1 43  ? 3.654   15.967  -10.940 1.00 67.85  ? 127 GLU A O   1 
ATOM   325  C  CB  . GLU A 1 43  ? 3.021   19.051  -10.950 1.00 69.85  ? 127 GLU A CB  1 
ATOM   326  C  CG  . GLU A 1 43  ? 1.884   20.036  -11.360 1.00 70.81  ? 127 GLU A CG  1 
ATOM   327  C  CD  . GLU A 1 43  ? 2.366   21.324  -12.091 1.00 71.81  ? 127 GLU A CD  1 
ATOM   328  O  OE1 . GLU A 1 43  ? 3.572   21.440  -12.463 1.00 72.63  ? 127 GLU A OE1 1 
ATOM   329  O  OE2 . GLU A 1 43  ? 1.505   22.226  -12.292 1.00 74.95  ? 127 GLU A OE2 1 
ATOM   330  N  N   . TYR A 1 44  ? 4.362   16.689  -8.910  1.00 65.48  ? 128 TYR A N   1 
ATOM   331  C  CA  . TYR A 1 44  ? 5.317   15.596  -8.778  1.00 63.75  ? 128 TYR A CA  1 
ATOM   332  C  C   . TYR A 1 44  ? 4.652   14.312  -8.243  1.00 63.77  ? 128 TYR A C   1 
ATOM   333  O  O   . TYR A 1 44  ? 4.932   13.197  -8.739  1.00 63.59  ? 128 TYR A O   1 
ATOM   334  C  CB  . TYR A 1 44  ? 6.515   16.005  -7.919  1.00 62.36  ? 128 TYR A CB  1 
ATOM   335  C  CG  . TYR A 1 44  ? 7.544   14.921  -7.743  1.00 60.31  ? 128 TYR A CG  1 
ATOM   336  C  CD1 . TYR A 1 44  ? 8.553   14.742  -8.681  1.00 59.25  ? 128 TYR A CD1 1 
ATOM   337  C  CD2 . TYR A 1 44  ? 7.513   14.065  -6.631  1.00 58.55  ? 128 TYR A CD2 1 
ATOM   338  C  CE1 . TYR A 1 44  ? 9.513   13.733  -8.525  1.00 58.98  ? 128 TYR A CE1 1 
ATOM   339  C  CE2 . TYR A 1 44  ? 8.466   13.058  -6.457  1.00 56.83  ? 128 TYR A CE2 1 
ATOM   340  C  CZ  . TYR A 1 44  ? 9.458   12.891  -7.409  1.00 59.28  ? 128 TYR A CZ  1 
ATOM   341  O  OH  . TYR A 1 44  ? 10.410  11.904  -7.265  1.00 59.35  ? 128 TYR A OH  1 
ATOM   342  N  N   . GLU A 1 45  ? 3.773   14.468  -7.248  1.00 63.11  ? 129 GLU A N   1 
ATOM   343  C  CA  . GLU A 1 45  ? 3.178   13.318  -6.557  1.00 62.46  ? 129 GLU A CA  1 
ATOM   344  C  C   . GLU A 1 45  ? 1.973   12.806  -7.310  1.00 62.52  ? 129 GLU A C   1 
ATOM   345  O  O   . GLU A 1 45  ? 1.796   11.603  -7.463  1.00 62.64  ? 129 GLU A O   1 
ATOM   346  C  CB  . GLU A 1 45  ? 2.747   13.672  -5.122  1.00 62.16  ? 129 GLU A CB  1 
ATOM   347  C  CG  . GLU A 1 45  ? 3.866   14.004  -4.143  1.00 60.32  ? 129 GLU A CG  1 
ATOM   348  C  CD  . GLU A 1 45  ? 4.765   12.819  -3.812  1.00 59.37  ? 129 GLU A CD  1 
ATOM   349  O  OE1 . GLU A 1 45  ? 4.525   11.686  -4.271  1.00 59.91  ? 129 GLU A OE1 1 
ATOM   350  O  OE2 . GLU A 1 45  ? 5.737   13.015  -3.068  1.00 59.70  ? 129 GLU A OE2 1 
ATOM   351  N  N   . THR A 1 46  ? 1.143   13.730  -7.775  1.00 62.54  ? 130 THR A N   1 
ATOM   352  C  CA  . THR A 1 46  ? -0.127  13.390  -8.408  1.00 62.40  ? 130 THR A CA  1 
ATOM   353  C  C   . THR A 1 46  ? -0.042  12.251  -9.433  1.00 63.09  ? 130 THR A C   1 
ATOM   354  O  O   . THR A 1 46  ? -0.914  11.380  -9.456  1.00 63.41  ? 130 THR A O   1 
ATOM   355  C  CB  . THR A 1 46  ? -0.800  14.640  -8.994  1.00 62.10  ? 130 THR A CB  1 
ATOM   356  O  OG1 . THR A 1 46  ? -1.265  15.462  -7.913  1.00 60.22  ? 130 THR A OG1 1 
ATOM   357  C  CG2 . THR A 1 46  ? -1.973  14.279  -9.914  1.00 62.03  ? 130 THR A CG2 1 
ATOM   358  N  N   . PRO A 1 47  ? 0.995   12.233  -10.284 1.00 63.29  ? 131 PRO A N   1 
ATOM   359  C  CA  . PRO A 1 47  ? 0.973   11.076  -11.169 1.00 63.76  ? 131 PRO A CA  1 
ATOM   360  C  C   . PRO A 1 47  ? 1.038   9.754   -10.403 1.00 64.06  ? 131 PRO A C   1 
ATOM   361  O  O   . PRO A 1 47  ? 0.277   8.843   -10.724 1.00 64.86  ? 131 PRO A O   1 
ATOM   362  C  CB  . PRO A 1 47  ? 2.210   11.285  -12.060 1.00 63.68  ? 131 PRO A CB  1 
ATOM   363  C  CG  . PRO A 1 47  ? 2.457   12.749  -12.008 1.00 62.95  ? 131 PRO A CG  1 
ATOM   364  C  CD  . PRO A 1 47  ? 2.130   13.118  -10.586 1.00 63.25  ? 131 PRO A CD  1 
ATOM   365  N  N   . TRP A 1 48  ? 1.893   9.680   -9.380  1.00 64.08  ? 132 TRP A N   1 
ATOM   366  C  CA  . TRP A 1 48  ? 2.137   8.460   -8.585  1.00 63.98  ? 132 TRP A CA  1 
ATOM   367  C  C   . TRP A 1 48  ? 0.857   7.975   -7.888  1.00 64.45  ? 132 TRP A C   1 
ATOM   368  O  O   . TRP A 1 48  ? 0.420   6.837   -8.093  1.00 64.86  ? 132 TRP A O   1 
ATOM   369  C  CB  . TRP A 1 48  ? 3.270   8.712   -7.579  1.00 63.08  ? 132 TRP A CB  1 
ATOM   370  C  CG  . TRP A 1 48  ? 3.684   7.546   -6.719  1.00 63.03  ? 132 TRP A CG  1 
ATOM   371  C  CD1 . TRP A 1 48  ? 3.377   7.347   -5.394  1.00 63.06  ? 132 TRP A CD1 1 
ATOM   372  C  CD2 . TRP A 1 48  ? 4.505   6.433   -7.103  1.00 62.39  ? 132 TRP A CD2 1 
ATOM   373  N  NE1 . TRP A 1 48  ? 3.939   6.172   -4.940  1.00 61.63  ? 132 TRP A NE1 1 
ATOM   374  C  CE2 . TRP A 1 48  ? 4.639   5.595   -5.964  1.00 61.28  ? 132 TRP A CE2 1 
ATOM   375  C  CE3 . TRP A 1 48  ? 5.127   6.052   -8.302  1.00 62.20  ? 132 TRP A CE3 1 
ATOM   376  C  CZ2 . TRP A 1 48  ? 5.384   4.419   -5.984  1.00 61.27  ? 132 TRP A CZ2 1 
ATOM   377  C  CZ3 . TRP A 1 48  ? 5.855   4.871   -8.327  1.00 62.69  ? 132 TRP A CZ3 1 
ATOM   378  C  CH2 . TRP A 1 48  ? 5.974   4.066   -7.169  1.00 62.28  ? 132 TRP A CH2 1 
ATOM   379  N  N   . TRP A 1 49  ? 0.232   8.846   -7.110  1.00 64.84  ? 133 TRP A N   1 
ATOM   380  C  CA  . TRP A 1 49  ? -0.995  8.480   -6.418  1.00 65.65  ? 133 TRP A CA  1 
ATOM   381  C  C   . TRP A 1 49  ? -2.212  8.244   -7.324  1.00 66.21  ? 133 TRP A C   1 
ATOM   382  O  O   . TRP A 1 49  ? -3.132  7.518   -6.949  1.00 66.65  ? 133 TRP A O   1 
ATOM   383  C  CB  . TRP A 1 49  ? -1.284  9.457   -5.281  1.00 65.75  ? 133 TRP A CB  1 
ATOM   384  C  CG  . TRP A 1 49  ? -0.137  9.474   -4.333  1.00 65.99  ? 133 TRP A CG  1 
ATOM   385  C  CD1 . TRP A 1 49  ? 0.779   10.464  -4.188  1.00 66.01  ? 133 TRP A CD1 1 
ATOM   386  C  CD2 . TRP A 1 49  ? 0.264   8.418   -3.440  1.00 67.40  ? 133 TRP A CD2 1 
ATOM   387  N  NE1 . TRP A 1 49  ? 1.712   10.118  -3.240  1.00 66.47  ? 133 TRP A NE1 1 
ATOM   388  C  CE2 . TRP A 1 49  ? 1.427   8.864   -2.765  1.00 67.58  ? 133 TRP A CE2 1 
ATOM   389  C  CE3 . TRP A 1 49  ? -0.255  7.144   -3.130  1.00 66.06  ? 133 TRP A CE3 1 
ATOM   390  C  CZ2 . TRP A 1 49  ? 2.093   8.077   -1.792  1.00 67.22  ? 133 TRP A CZ2 1 
ATOM   391  C  CZ3 . TRP A 1 49  ? 0.401   6.369   -2.174  1.00 66.26  ? 133 TRP A CZ3 1 
ATOM   392  C  CH2 . TRP A 1 49  ? 1.568   6.840   -1.513  1.00 66.30  ? 133 TRP A CH2 1 
ATOM   393  N  N   . THR A 1 50  ? -2.207  8.838   -8.515  1.00 66.79  ? 134 THR A N   1 
ATOM   394  C  CA  . THR A 1 50  ? -3.182  8.491   -9.554  1.00 67.09  ? 134 THR A CA  1 
ATOM   395  C  C   . THR A 1 50  ? -2.961  7.032   -10.001 1.00 67.90  ? 134 THR A C   1 
ATOM   396  O  O   . THR A 1 50  ? -3.894  6.222   -9.960  1.00 67.82  ? 134 THR A O   1 
ATOM   397  C  CB  . THR A 1 50  ? -3.116  9.476   -10.774 1.00 66.80  ? 134 THR A CB  1 
ATOM   398  O  OG1 . THR A 1 50  ? -3.996  10.581  -10.545 1.00 66.92  ? 134 THR A OG1 1 
ATOM   399  C  CG2 . THR A 1 50  ? -3.522  8.802   -12.082 1.00 65.82  ? 134 THR A CG2 1 
ATOM   400  N  N   . ALA A 1 51  ? -1.722  6.710   -10.402 1.00 68.32  ? 135 ALA A N   1 
ATOM   401  C  CA  . ALA A 1 51  ? -1.392  5.413   -10.984 1.00 68.68  ? 135 ALA A CA  1 
ATOM   402  C  C   . ALA A 1 51  ? -1.653  4.295   -9.973  1.00 69.03  ? 135 ALA A C   1 
ATOM   403  O  O   . ALA A 1 51  ? -2.181  3.222   -10.318 1.00 68.33  ? 135 ALA A O   1 
ATOM   404  C  CB  . ALA A 1 51  ? 0.068   5.399   -11.444 1.00 68.74  ? 135 ALA A CB  1 
ATOM   405  N  N   . ALA A 1 52  ? -1.279  4.576   -8.723  1.00 69.67  ? 136 ALA A N   1 
ATOM   406  C  CA  . ALA A 1 52  ? -1.441  3.652   -7.602  1.00 70.16  ? 136 ALA A CA  1 
ATOM   407  C  C   . ALA A 1 52  ? -2.906  3.203   -7.476  1.00 70.63  ? 136 ALA A C   1 
ATOM   408  O  O   . ALA A 1 52  ? -3.187  2.011   -7.346  1.00 70.42  ? 136 ALA A O   1 
ATOM   409  C  CB  . ALA A 1 52  ? -0.940  4.304   -6.302  1.00 69.73  ? 136 ALA A CB  1 
ATOM   410  N  N   . ARG A 1 53  ? -3.821  4.169   -7.541  1.00 71.42  ? 137 ARG A N   1 
ATOM   411  C  CA  . ARG A 1 53  ? -5.253  3.917   -7.488  1.00 72.21  ? 137 ARG A CA  1 
ATOM   412  C  C   . ARG A 1 53  ? -5.797  3.189   -8.715  1.00 72.77  ? 137 ARG A C   1 
ATOM   413  O  O   . ARG A 1 53  ? -6.610  2.287   -8.587  1.00 73.29  ? 137 ARG A O   1 
ATOM   414  C  CB  . ARG A 1 53  ? -6.013  5.211   -7.248  1.00 72.11  ? 137 ARG A CB  1 
ATOM   415  C  CG  . ARG A 1 53  ? -5.834  5.734   -5.852  1.00 73.46  ? 137 ARG A CG  1 
ATOM   416  C  CD  . ARG A 1 53  ? -6.594  7.021   -5.663  1.00 78.17  ? 137 ARG A CD  1 
ATOM   417  N  NE  . ARG A 1 53  ? -6.728  7.375   -4.248  1.00 82.26  ? 137 ARG A NE  1 
ATOM   418  C  CZ  . ARG A 1 53  ? -5.887  8.172   -3.587  1.00 84.69  ? 137 ARG A CZ  1 
ATOM   419  N  NH1 . ARG A 1 53  ? -4.835  8.710   -4.210  1.00 86.27  ? 137 ARG A NH1 1 
ATOM   420  N  NH2 . ARG A 1 53  ? -6.097  8.439   -2.299  1.00 84.46  ? 137 ARG A NH2 1 
ATOM   421  N  N   . LYS A 1 54  ? -5.351  3.553   -9.906  1.00 73.44  ? 138 LYS A N   1 
ATOM   422  C  CA  . LYS A 1 54  ? -5.810  2.848   -11.093 1.00 74.01  ? 138 LYS A CA  1 
ATOM   423  C  C   . LYS A 1 54  ? -5.074  1.516   -11.255 1.00 73.71  ? 138 LYS A C   1 
ATOM   424  O  O   . LYS A 1 54  ? -5.307  0.773   -12.226 1.00 74.08  ? 138 LYS A O   1 
ATOM   425  C  CB  . LYS A 1 54  ? -5.683  3.739   -12.334 1.00 74.23  ? 138 LYS A CB  1 
ATOM   426  C  CG  . LYS A 1 54  ? -6.746  4.839   -12.386 1.00 75.23  ? 138 LYS A CG  1 
ATOM   427  C  CD  . LYS A 1 54  ? -6.516  5.816   -13.554 1.00 75.61  ? 138 LYS A CD  1 
ATOM   428  C  CE  . LYS A 1 54  ? -7.502  7.020   -13.461 1.00 77.59  ? 138 LYS A CE  1 
ATOM   429  N  NZ  . LYS A 1 54  ? -7.167  8.220   -14.326 1.00 76.42  ? 138 LYS A NZ  1 
ATOM   430  N  N   . ALA A 1 55  ? -4.212  1.203   -10.288 1.00 73.29  ? 139 ALA A N   1 
ATOM   431  C  CA  . ALA A 1 55  ? -3.335  0.032   -10.361 1.00 72.99  ? 139 ALA A CA  1 
ATOM   432  C  C   . ALA A 1 55  ? -2.817  -0.122  -11.787 1.00 73.00  ? 139 ALA A C   1 
ATOM   433  O  O   . ALA A 1 55  ? -2.978  -1.167  -12.411 1.00 72.76  ? 139 ALA A O   1 
ATOM   434  C  CB  . ALA A 1 55  ? -4.058  -1.214  -9.901  1.00 72.64  ? 139 ALA A CB  1 
ATOM   435  N  N   . ASP A 1 56  ? -2.225  0.960   -12.289 1.00 73.13  ? 140 ASP A N   1 
ATOM   436  C  CA  . ASP A 1 56  ? -1.652  1.025   -13.620 1.00 73.43  ? 140 ASP A CA  1 
ATOM   437  C  C   . ASP A 1 56  ? -0.222  0.508   -13.619 1.00 73.53  ? 140 ASP A C   1 
ATOM   438  O  O   . ASP A 1 56  ? 0.702   1.201   -13.202 1.00 73.19  ? 140 ASP A O   1 
ATOM   439  C  CB  . ASP A 1 56  ? -1.673  2.472   -14.106 1.00 73.55  ? 140 ASP A CB  1 
ATOM   440  C  CG  . ASP A 1 56  ? -1.013  2.659   -15.477 1.00 75.13  ? 140 ASP A CG  1 
ATOM   441  O  OD1 . ASP A 1 56  ? -0.092  1.880   -15.877 1.00 75.07  ? 140 ASP A OD1 1 
ATOM   442  O  OD2 . ASP A 1 56  ? -1.424  3.631   -16.151 1.00 76.15  ? 140 ASP A OD2 1 
ATOM   443  N  N   . GLU A 1 57  ? -0.052  -0.704  -14.126 1.00 74.00  ? 141 GLU A N   1 
ATOM   444  C  CA  . GLU A 1 57  ? 1.252   -1.357  -14.204 1.00 74.87  ? 141 GLU A CA  1 
ATOM   445  C  C   . GLU A 1 57  ? 2.416   -0.539  -14.786 1.00 74.74  ? 141 GLU A C   1 
ATOM   446  O  O   . GLU A 1 57  ? 3.482   -0.473  -14.181 1.00 74.69  ? 141 GLU A O   1 
ATOM   447  C  CB  . GLU A 1 57  ? 1.126   -2.675  -14.976 1.00 75.22  ? 141 GLU A CB  1 
ATOM   448  C  CG  . GLU A 1 57  ? 2.454   -3.175  -15.501 1.00 76.70  ? 141 GLU A CG  1 
ATOM   449  C  CD  . GLU A 1 57  ? 2.762   -4.575  -15.036 1.00 79.32  ? 141 GLU A CD  1 
ATOM   450  O  OE1 . GLU A 1 57  ? 1.968   -5.487  -15.360 1.00 80.65  ? 141 GLU A OE1 1 
ATOM   451  O  OE2 . GLU A 1 57  ? 3.799   -4.768  -14.353 1.00 79.75  ? 141 GLU A OE2 1 
ATOM   452  N  N   . GLN A 1 58  ? 2.234   0.049   -15.966 1.00 74.81  ? 142 GLN A N   1 
ATOM   453  C  CA  . GLN A 1 58  ? 3.380   0.656   -16.661 1.00 74.89  ? 142 GLN A CA  1 
ATOM   454  C  C   . GLN A 1 58  ? 3.677   2.104   -16.267 1.00 73.98  ? 142 GLN A C   1 
ATOM   455  O  O   . GLN A 1 58  ? 4.835   2.515   -16.329 1.00 73.98  ? 142 GLN A O   1 
ATOM   456  C  CB  . GLN A 1 58  ? 3.263   0.516   -18.183 1.00 75.25  ? 142 GLN A CB  1 
ATOM   457  C  CG  . GLN A 1 58  ? 2.580   1.697   -18.853 1.00 77.37  ? 142 GLN A CG  1 
ATOM   458  C  CD  . GLN A 1 58  ? 1.513   1.257   -19.830 1.00 80.18  ? 142 GLN A CD  1 
ATOM   459  O  OE1 . GLN A 1 58  ? 1.524   0.117   -20.320 1.00 81.10  ? 142 GLN A OE1 1 
ATOM   460  N  NE2 . GLN A 1 58  ? 0.577   2.156   -20.120 1.00 80.45  ? 142 GLN A NE2 1 
ATOM   461  N  N   . ALA A 1 59  ? 2.650   2.870   -15.889 1.00 73.07  ? 143 ALA A N   1 
ATOM   462  C  CA  . ALA A 1 59  ? 2.858   4.224   -15.375 1.00 72.31  ? 143 ALA A CA  1 
ATOM   463  C  C   . ALA A 1 59  ? 3.845   4.127   -14.230 1.00 72.24  ? 143 ALA A C   1 
ATOM   464  O  O   . ALA A 1 59  ? 4.963   4.653   -14.306 1.00 72.48  ? 143 ALA A O   1 
ATOM   465  C  CB  . ALA A 1 59  ? 1.554   4.840   -14.912 1.00 71.95  ? 143 ALA A CB  1 
ATOM   466  N  N   . LEU A 1 60  ? 3.438   3.395   -13.192 1.00 71.99  ? 144 LEU A N   1 
ATOM   467  C  CA  . LEU A 1 60  ? 4.286   3.085   -12.052 1.00 71.55  ? 144 LEU A CA  1 
ATOM   468  C  C   . LEU A 1 60  ? 5.707   2.744   -12.473 1.00 71.57  ? 144 LEU A C   1 
ATOM   469  O  O   . LEU A 1 60  ? 6.666   3.164   -11.831 1.00 71.08  ? 144 LEU A O   1 
ATOM   470  C  CB  . LEU A 1 60  ? 3.702   1.917   -11.250 1.00 71.39  ? 144 LEU A CB  1 
ATOM   471  C  CG  . LEU A 1 60  ? 2.425   2.064   -10.420 1.00 71.42  ? 144 LEU A CG  1 
ATOM   472  C  CD1 . LEU A 1 60  ? 2.206   0.800   -9.628  1.00 71.15  ? 144 LEU A CD1 1 
ATOM   473  C  CD2 . LEU A 1 60  ? 2.472   3.259   -9.480  1.00 72.07  ? 144 LEU A CD2 1 
ATOM   474  N  N   . SER A 1 61  ? 5.824   1.984   -13.556 1.00 72.25  ? 145 SER A N   1 
ATOM   475  C  CA  . SER A 1 61  ? 7.118   1.504   -14.060 1.00 73.12  ? 145 SER A CA  1 
ATOM   476  C  C   . SER A 1 61  ? 8.099   2.619   -14.438 1.00 73.41  ? 145 SER A C   1 
ATOM   477  O  O   . SER A 1 61  ? 9.289   2.529   -14.118 1.00 73.09  ? 145 SER A O   1 
ATOM   478  C  CB  . SER A 1 61  ? 6.916   0.559   -15.250 1.00 73.12  ? 145 SER A CB  1 
ATOM   479  O  OG  . SER A 1 61  ? 8.017   -0.329  -15.352 1.00 73.50  ? 145 SER A OG  1 
ATOM   480  N  N   . GLN A 1 62  ? 7.593   3.660   -15.104 1.00 73.89  ? 146 GLN A N   1 
ATOM   481  C  CA  . GLN A 1 62  ? 8.445   4.761   -15.565 1.00 74.66  ? 146 GLN A CA  1 
ATOM   482  C  C   . GLN A 1 62  ? 8.615   5.841   -14.516 1.00 74.69  ? 146 GLN A C   1 
ATOM   483  O  O   . GLN A 1 62  ? 9.652   6.541   -14.498 1.00 75.14  ? 146 GLN A O   1 
ATOM   484  C  CB  . GLN A 1 62  ? 7.951   5.374   -16.882 1.00 74.92  ? 146 GLN A CB  1 
ATOM   485  C  CG  . GLN A 1 62  ? 6.528   5.914   -16.864 1.00 75.57  ? 146 GLN A CG  1 
ATOM   486  C  CD  . GLN A 1 62  ? 5.821   5.627   -18.186 1.00 77.93  ? 146 GLN A CD  1 
ATOM   487  O  OE1 . GLN A 1 62  ? 6.345   4.886   -19.031 1.00 77.20  ? 146 GLN A OE1 1 
ATOM   488  N  NE2 . GLN A 1 62  ? 4.626   6.201   -18.370 1.00 78.59  ? 146 GLN A NE2 1 
ATOM   489  N  N   . LEU A 1 63  ? 7.605   5.971   -13.653 1.00 74.04  ? 147 LEU A N   1 
ATOM   490  C  CA  . LEU A 1 63  ? 7.641   6.918   -12.542 1.00 73.31  ? 147 LEU A CA  1 
ATOM   491  C  C   . LEU A 1 63  ? 8.582   6.482   -11.432 1.00 73.11  ? 147 LEU A C   1 
ATOM   492  O  O   . LEU A 1 63  ? 8.758   7.180   -10.434 1.00 73.05  ? 147 LEU A O   1 
ATOM   493  C  CB  . LEU A 1 63  ? 6.248   7.094   -11.964 1.00 73.11  ? 147 LEU A CB  1 
ATOM   494  C  CG  . LEU A 1 63  ? 5.248   7.742   -12.896 1.00 72.60  ? 147 LEU A CG  1 
ATOM   495  C  CD1 . LEU A 1 63  ? 3.873   7.664   -12.263 1.00 74.00  ? 147 LEU A CD1 1 
ATOM   496  C  CD2 . LEU A 1 63  ? 5.664   9.181   -13.152 1.00 71.48  ? 147 LEU A CD2 1 
ATOM   497  N  N   . LEU A 1 64  ? 9.194   5.325   -11.595 1.00 73.22  ? 148 LEU A N   1 
ATOM   498  C  CA  . LEU A 1 64  ? 9.962   4.777   -10.504 1.00 73.69  ? 148 LEU A CA  1 
ATOM   499  C  C   . LEU A 1 64  ? 11.249  5.526   -10.237 1.00 74.27  ? 148 LEU A C   1 
ATOM   500  O  O   . LEU A 1 64  ? 11.654  5.625   -9.076  1.00 74.34  ? 148 LEU A O   1 
ATOM   501  C  CB  . LEU A 1 64  ? 10.271  3.294   -10.730 1.00 73.36  ? 148 LEU A CB  1 
ATOM   502  C  CG  . LEU A 1 64  ? 9.241   2.305   -10.193 1.00 72.08  ? 148 LEU A CG  1 
ATOM   503  C  CD1 . LEU A 1 64  ? 9.403   0.980   -10.879 1.00 70.87  ? 148 LEU A CD1 1 
ATOM   504  C  CD2 . LEU A 1 64  ? 9.373   2.156   -8.692  1.00 71.51  ? 148 LEU A CD2 1 
ATOM   505  N  N   . GLU A 1 65  ? 11.862  6.078   -11.294 1.00 74.95  ? 149 GLU A N   1 
ATOM   506  C  CA  . GLU A 1 65  ? 13.332  6.208   -11.326 1.00 75.23  ? 149 GLU A CA  1 
ATOM   507  C  C   . GLU A 1 65  ? 14.016  6.820   -10.087 1.00 75.01  ? 149 GLU A C   1 
ATOM   508  O  O   . GLU A 1 65  ? 14.682  6.094   -9.331  1.00 75.14  ? 149 GLU A O   1 
ATOM   509  C  CB  . GLU A 1 65  ? 13.874  6.747   -12.653 1.00 75.39  ? 149 GLU A CB  1 
ATOM   510  C  CG  . GLU A 1 65  ? 15.095  5.933   -13.102 1.00 77.11  ? 149 GLU A CG  1 
ATOM   511  C  CD  . GLU A 1 65  ? 16.044  6.689   -14.033 1.00 79.29  ? 149 GLU A CD  1 
ATOM   512  O  OE1 . GLU A 1 65  ? 15.585  7.117   -15.121 1.00 79.04  ? 149 GLU A OE1 1 
ATOM   513  O  OE2 . GLU A 1 65  ? 17.247  6.830   -13.675 1.00 79.01  ? 149 GLU A OE2 1 
ATOM   514  N  N   . ASP A 1 66  ? 13.854  8.128   -9.871  1.00 74.55  ? 150 ASP A N   1 
ATOM   515  C  CA  . ASP A 1 66  ? 14.581  8.800   -8.769  1.00 74.23  ? 150 ASP A CA  1 
ATOM   516  C  C   . ASP A 1 66  ? 13.717  8.995   -7.514  1.00 73.67  ? 150 ASP A C   1 
ATOM   517  O  O   . ASP A 1 66  ? 14.213  9.385   -6.428  1.00 73.85  ? 150 ASP A O   1 
ATOM   518  C  CB  . ASP A 1 66  ? 15.241  10.107  -9.253  1.00 74.53  ? 150 ASP A CB  1 
ATOM   519  C  CG  . ASP A 1 66  ? 16.624  9.866   -9.886  1.00 74.12  ? 150 ASP A CG  1 
ATOM   520  O  OD1 . ASP A 1 66  ? 17.557  9.440   -9.155  1.00 72.39  ? 150 ASP A OD1 1 
ATOM   521  O  OD2 . ASP A 1 66  ? 16.769  10.105  -11.113 1.00 74.05  ? 150 ASP A OD2 1 
ATOM   522  N  N   . ARG A 1 67  ? 12.431  8.692   -7.705  1.00 72.46  ? 151 ARG A N   1 
ATOM   523  C  CA  . ARG A 1 67  ? 11.416  8.571   -6.664  1.00 70.95  ? 151 ARG A CA  1 
ATOM   524  C  C   . ARG A 1 67  ? 11.632  7.395   -5.713  1.00 69.95  ? 151 ARG A C   1 
ATOM   525  O  O   . ARG A 1 67  ? 11.986  6.303   -6.149  1.00 69.84  ? 151 ARG A O   1 
ATOM   526  C  CB  . ARG A 1 67  ? 10.058  8.387   -7.327  1.00 70.70  ? 151 ARG A CB  1 
ATOM   527  C  CG  . ARG A 1 67  ? 8.902   8.543   -6.374  1.00 71.10  ? 151 ARG A CG  1 
ATOM   528  C  CD  . ARG A 1 67  ? 7.595   8.399   -7.107  1.00 71.71  ? 151 ARG A CD  1 
ATOM   529  N  NE  . ARG A 1 67  ? 7.684   8.934   -8.465  1.00 71.24  ? 151 ARG A NE  1 
ATOM   530  C  CZ  . ARG A 1 67  ? 7.240   10.126  -8.846  1.00 69.24  ? 151 ARG A CZ  1 
ATOM   531  N  NH1 . ARG A 1 67  ? 6.660   10.945  -7.984  1.00 69.28  ? 151 ARG A NH1 1 
ATOM   532  N  NH2 . ARG A 1 67  ? 7.373   10.487  -10.106 1.00 69.17  ? 151 ARG A NH2 1 
ATOM   533  N  N   . ASP A 1 68  ? 11.391  7.646   -4.423  1.00 68.94  ? 152 ASP A N   1 
ATOM   534  C  CA  . ASP A 1 68  ? 11.306  6.643   -3.350  1.00 67.87  ? 152 ASP A CA  1 
ATOM   535  C  C   . ASP A 1 68  ? 10.082  5.743   -3.506  1.00 67.07  ? 152 ASP A C   1 
ATOM   536  O  O   . ASP A 1 68  ? 8.944   6.219   -3.448  1.00 66.70  ? 152 ASP A O   1 
ATOM   537  C  CB  . ASP A 1 68  ? 11.186  7.357   -1.999  1.00 68.08  ? 152 ASP A CB  1 
ATOM   538  C  CG  . ASP A 1 68  ? 11.136  6.404   -0.824  1.00 68.21  ? 152 ASP A CG  1 
ATOM   539  O  OD1 . ASP A 1 68  ? 10.724  5.234   -0.974  1.00 70.41  ? 152 ASP A OD1 1 
ATOM   540  O  OD2 . ASP A 1 68  ? 11.517  6.836   0.271   1.00 68.44  ? 152 ASP A OD2 1 
ATOM   541  N  N   . VAL A 1 69  ? 10.326  4.441   -3.629  1.00 66.16  ? 153 VAL A N   1 
ATOM   542  C  CA  . VAL A 1 69  ? 9.277   3.481   -3.982  1.00 65.26  ? 153 VAL A CA  1 
ATOM   543  C  C   . VAL A 1 69  ? 8.208   3.420   -2.897  1.00 64.45  ? 153 VAL A C   1 
ATOM   544  O  O   . VAL A 1 69  ? 7.032   3.303   -3.193  1.00 64.13  ? 153 VAL A O   1 
ATOM   545  C  CB  . VAL A 1 69  ? 9.880   2.092   -4.327  1.00 65.19  ? 153 VAL A CB  1 
ATOM   546  C  CG1 . VAL A 1 69  ? 10.411  1.407   -3.093  1.00 64.86  ? 153 VAL A CG1 1 
ATOM   547  C  CG2 . VAL A 1 69  ? 8.883   1.236   -5.065  1.00 65.09  ? 153 VAL A CG2 1 
ATOM   548  N  N   . ASP A 1 70  ? 8.633   3.579   -1.647  1.00 63.92  ? 154 ASP A N   1 
ATOM   549  C  CA  . ASP A 1 70  ? 7.719   3.635   -0.516  1.00 63.27  ? 154 ASP A CA  1 
ATOM   550  C  C   . ASP A 1 70  ? 7.337   5.040   -0.087  1.00 62.51  ? 154 ASP A C   1 
ATOM   551  O  O   . ASP A 1 70  ? 7.052   5.289   1.073   1.00 62.34  ? 154 ASP A O   1 
ATOM   552  C  CB  . ASP A 1 70  ? 8.278   2.836   0.652   1.00 63.35  ? 154 ASP A CB  1 
ATOM   553  C  CG  . ASP A 1 70  ? 8.243   1.351   0.384   1.00 64.79  ? 154 ASP A CG  1 
ATOM   554  O  OD1 . ASP A 1 70  ? 7.227   0.873   -0.201  1.00 64.43  ? 154 ASP A OD1 1 
ATOM   555  O  OD2 . ASP A 1 70  ? 9.240   0.678   0.737   1.00 64.78  ? 154 ASP A OD2 1 
ATOM   556  N  N   . ALA A 1 71  ? 7.324   5.956   -1.037  1.00 62.00  ? 155 ALA A N   1 
ATOM   557  C  CA  . ALA A 1 71  ? 6.708   7.246   -0.831  1.00 61.59  ? 155 ALA A CA  1 
ATOM   558  C  C   . ALA A 1 71  ? 5.383   7.059   -0.065  1.00 61.22  ? 155 ALA A C   1 
ATOM   559  O  O   . ALA A 1 71  ? 4.556   6.241   -0.451  1.00 61.15  ? 155 ALA A O   1 
ATOM   560  C  CB  . ALA A 1 71  ? 6.458   7.893   -2.176  1.00 61.47  ? 155 ALA A CB  1 
ATOM   561  N  N   . VAL A 1 72  ? 5.197   7.813   1.017   1.00 60.85  ? 156 VAL A N   1 
ATOM   562  C  CA  . VAL A 1 72  ? 4.008   7.685   1.873   1.00 60.53  ? 156 VAL A CA  1 
ATOM   563  C  C   . VAL A 1 72  ? 3.085   8.886   1.773   1.00 60.10  ? 156 VAL A C   1 
ATOM   564  O  O   . VAL A 1 72  ? 3.547   10.001  1.799   1.00 60.71  ? 156 VAL A O   1 
ATOM   565  C  CB  . VAL A 1 72  ? 4.377   7.515   3.387   1.00 60.36  ? 156 VAL A CB  1 
ATOM   566  C  CG1 . VAL A 1 72  ? 5.010   6.148   3.669   1.00 60.61  ? 156 VAL A CG1 1 
ATOM   567  C  CG2 . VAL A 1 72  ? 5.291   8.609   3.843   1.00 60.69  ? 156 VAL A CG2 1 
ATOM   568  N  N   . ASP A 1 73  ? 1.782   8.670   1.683   1.00 59.98  ? 157 ASP A N   1 
ATOM   569  C  CA  . ASP A 1 73  ? 0.836   9.780   1.856   1.00 59.60  ? 157 ASP A CA  1 
ATOM   570  C  C   . ASP A 1 73  ? 0.746   10.223  3.315   1.00 60.08  ? 157 ASP A C   1 
ATOM   571  O  O   . ASP A 1 73  ? 1.613   9.895   4.141   1.00 59.88  ? 157 ASP A O   1 
ATOM   572  C  CB  . ASP A 1 73  ? -0.565  9.456   1.300   1.00 59.36  ? 157 ASP A CB  1 
ATOM   573  C  CG  . ASP A 1 73  ? -1.219  8.226   1.946   1.00 58.07  ? 157 ASP A CG  1 
ATOM   574  O  OD1 . ASP A 1 73  ? -0.894  7.816   3.079   1.00 56.31  ? 157 ASP A OD1 1 
ATOM   575  O  OD2 . ASP A 1 73  ? -2.105  7.663   1.295   1.00 59.29  ? 157 ASP A OD2 1 
ATOM   576  N  N   . GLU A 1 74  ? -0.319  10.955  3.617   1.00 60.55  ? 158 GLU A N   1 
ATOM   577  C  CA  . GLU A 1 74  ? -0.518  11.575  4.914   1.00 61.70  ? 158 GLU A CA  1 
ATOM   578  C  C   . GLU A 1 74  ? -0.959  10.574  5.978   1.00 61.97  ? 158 GLU A C   1 
ATOM   579  O  O   . GLU A 1 74  ? -0.803  10.823  7.185   1.00 62.42  ? 158 GLU A O   1 
ATOM   580  C  CB  . GLU A 1 74  ? -1.565  12.667  4.774   1.00 62.20  ? 158 GLU A CB  1 
ATOM   581  C  CG  . GLU A 1 74  ? -2.476  12.469  3.566   1.00 65.01  ? 158 GLU A CG  1 
ATOM   582  C  CD  . GLU A 1 74  ? -3.817  13.175  3.720   1.00 69.37  ? 158 GLU A CD  1 
ATOM   583  O  OE1 . GLU A 1 74  ? -3.907  14.102  4.576   1.00 71.19  ? 158 GLU A OE1 1 
ATOM   584  O  OE2 . GLU A 1 74  ? -4.771  12.810  2.980   1.00 69.51  ? 158 GLU A OE2 1 
ATOM   585  N  N   . ASN A 1 75  ? -1.517  9.450   5.529   1.00 61.68  ? 159 ASN A N   1 
ATOM   586  C  CA  . ASN A 1 75  ? -1.924  8.383   6.413   1.00 61.01  ? 159 ASN A CA  1 
ATOM   587  C  C   . ASN A 1 75  ? -0.935  7.240   6.408   1.00 60.95  ? 159 ASN A C   1 
ATOM   588  O  O   . ASN A 1 75  ? -1.217  6.153   6.905   1.00 62.12  ? 159 ASN A O   1 
ATOM   589  C  CB  . ASN A 1 75  ? -3.313  7.890   6.042   1.00 61.09  ? 159 ASN A CB  1 
ATOM   590  C  CG  . ASN A 1 75  ? -4.332  9.019   5.970   1.00 60.49  ? 159 ASN A CG  1 
ATOM   591  O  OD1 . ASN A 1 75  ? -4.926  9.253   4.918   1.00 58.64  ? 159 ASN A OD1 1 
ATOM   592  N  ND2 . ASN A 1 75  ? -4.546  9.715   7.094   1.00 60.02  ? 159 ASN A ND2 1 
ATOM   593  N  N   . GLY A 1 76  ? 0.247   7.475   5.874   1.00 60.29  ? 160 GLY A N   1 
ATOM   594  C  CA  . GLY A 1 76  ? 1.304   6.486   6.016   1.00 59.34  ? 160 GLY A CA  1 
ATOM   595  C  C   . GLY A 1 76  ? 1.223   5.327   5.044   1.00 58.44  ? 160 GLY A C   1 
ATOM   596  O  O   . GLY A 1 76  ? 2.091   4.441   5.082   1.00 58.41  ? 160 GLY A O   1 
ATOM   597  N  N   . ARG A 1 77  ? 0.207   5.335   4.172   1.00 57.20  ? 161 ARG A N   1 
ATOM   598  C  CA  . ARG A 1 77  ? 0.116   4.378   3.057   1.00 56.33  ? 161 ARG A CA  1 
ATOM   599  C  C   . ARG A 1 77  ? 1.231   4.559   2.024   1.00 55.58  ? 161 ARG A C   1 
ATOM   600  O  O   . ARG A 1 77  ? 1.687   5.668   1.807   1.00 55.95  ? 161 ARG A O   1 
ATOM   601  C  CB  . ARG A 1 77  ? -1.226  4.522   2.337   1.00 56.33  ? 161 ARG A CB  1 
ATOM   602  C  CG  . ARG A 1 77  ? -2.399  3.790   2.988   1.00 56.49  ? 161 ARG A CG  1 
ATOM   603  C  CD  . ARG A 1 77  ? -2.937  4.565   4.161   1.00 56.50  ? 161 ARG A CD  1 
ATOM   604  N  NE  . ARG A 1 77  ? -4.053  3.888   4.823   1.00 59.12  ? 161 ARG A NE  1 
ATOM   605  C  CZ  . ARG A 1 77  ? -5.318  4.323   4.820   1.00 59.11  ? 161 ARG A CZ  1 
ATOM   606  N  NH1 . ARG A 1 77  ? -5.638  5.441   4.179   1.00 58.54  ? 161 ARG A NH1 1 
ATOM   607  N  NH2 . ARG A 1 77  ? -6.264  3.646   5.475   1.00 58.16  ? 161 ARG A NH2 1 
ATOM   608  N  N   . THR A 1 78  ? 1.659   3.476   1.387   1.00 54.42  ? 162 THR A N   1 
ATOM   609  C  CA  . THR A 1 78  ? 2.485   3.575   0.196   1.00 53.40  ? 162 THR A CA  1 
ATOM   610  C  C   . THR A 1 78  ? 1.733   2.936   -0.953  1.00 53.60  ? 162 THR A C   1 
ATOM   611  O  O   . THR A 1 78  ? 0.781   2.172   -0.752  1.00 54.29  ? 162 THR A O   1 
ATOM   612  C  CB  . THR A 1 78  ? 3.825   2.837   0.331   1.00 52.84  ? 162 THR A CB  1 
ATOM   613  O  OG1 . THR A 1 78  ? 3.660   1.474   -0.054  1.00 52.83  ? 162 THR A OG1 1 
ATOM   614  C  CG2 . THR A 1 78  ? 4.353   2.883   1.733   1.00 52.79  ? 162 THR A CG2 1 
ATOM   615  N  N   . ALA A 1 79  ? 2.189   3.182   -2.170  1.00 53.16  ? 163 ALA A N   1 
ATOM   616  C  CA  . ALA A 1 79  ? 1.566   2.555   -3.334  1.00 52.87  ? 163 ALA A CA  1 
ATOM   617  C  C   . ALA A 1 79  ? 1.434   1.023   -3.236  1.00 52.83  ? 163 ALA A C   1 
ATOM   618  O  O   . ALA A 1 79  ? 0.622   0.412   -3.939  1.00 52.85  ? 163 ALA A O   1 
ATOM   619  C  CB  . ALA A 1 79  ? 2.314   2.941   -4.597  1.00 52.65  ? 163 ALA A CB  1 
ATOM   620  N  N   . LEU A 1 80  ? 2.239   0.390   -2.394  1.00 52.67  ? 164 LEU A N   1 
ATOM   621  C  CA  . LEU A 1 80  ? 2.102   -1.050  -2.241  1.00 52.50  ? 164 LEU A CA  1 
ATOM   622  C  C   . LEU A 1 80  ? 0.782   -1.379  -1.569  1.00 52.86  ? 164 LEU A C   1 
ATOM   623  O  O   . LEU A 1 80  ? 0.140   -2.353  -1.942  1.00 52.23  ? 164 LEU A O   1 
ATOM   624  C  CB  . LEU A 1 80  ? 3.241   -1.649  -1.448  1.00 51.70  ? 164 LEU A CB  1 
ATOM   625  C  CG  . LEU A 1 80  ? 3.083   -3.147  -1.285  1.00 50.69  ? 164 LEU A CG  1 
ATOM   626  C  CD1 . LEU A 1 80  ? 3.569   -3.909  -2.505  1.00 48.50  ? 164 LEU A CD1 1 
ATOM   627  C  CD2 . LEU A 1 80  ? 3.826   -3.598  -0.008  1.00 52.57  ? 164 LEU A CD2 1 
ATOM   628  N  N   . LEU A 1 81  ? 0.384   -0.555  -0.594  1.00 53.56  ? 165 LEU A N   1 
ATOM   629  C  CA  . LEU A 1 81  ? -0.872  -0.783  0.160   1.00 53.89  ? 165 LEU A CA  1 
ATOM   630  C  C   . LEU A 1 81  ? -2.101  -0.644  -0.745  1.00 55.18  ? 165 LEU A C   1 
ATOM   631  O  O   . LEU A 1 81  ? -2.902  -1.579  -0.860  1.00 55.52  ? 165 LEU A O   1 
ATOM   632  C  CB  . LEU A 1 81  ? -0.959  0.109   1.414   1.00 53.44  ? 165 LEU A CB  1 
ATOM   633  C  CG  . LEU A 1 81  ? -0.391  -0.413  2.761   1.00 52.29  ? 165 LEU A CG  1 
ATOM   634  C  CD1 . LEU A 1 81  ? 1.079   -0.914  2.727   1.00 49.29  ? 165 LEU A CD1 1 
ATOM   635  C  CD2 . LEU A 1 81  ? -0.564  0.620   3.843   1.00 52.30  ? 165 LEU A CD2 1 
ATOM   636  N  N   . PHE A 1 82  ? -2.226  0.501   -1.421  1.00 56.54  ? 166 PHE A N   1 
ATOM   637  C  CA  . PHE A 1 82  ? -3.234  0.682   -2.484  1.00 57.27  ? 166 PHE A CA  1 
ATOM   638  C  C   . PHE A 1 82  ? -3.321  -0.448  -3.514  1.00 58.06  ? 166 PHE A C   1 
ATOM   639  O  O   . PHE A 1 82  ? -4.420  -0.886  -3.855  1.00 58.43  ? 166 PHE A O   1 
ATOM   640  C  CB  . PHE A 1 82  ? -3.012  2.010   -3.204  1.00 56.92  ? 166 PHE A CB  1 
ATOM   641  C  CG  . PHE A 1 82  ? -3.444  3.192   -2.399  1.00 56.44  ? 166 PHE A CG  1 
ATOM   642  C  CD1 . PHE A 1 82  ? -4.786  3.587   -2.382  1.00 55.06  ? 166 PHE A CD1 1 
ATOM   643  C  CD2 . PHE A 1 82  ? -2.522  3.898   -1.631  1.00 54.95  ? 166 PHE A CD2 1 
ATOM   644  C  CE1 . PHE A 1 82  ? -5.200  4.672   -1.627  1.00 53.43  ? 166 PHE A CE1 1 
ATOM   645  C  CE2 . PHE A 1 82  ? -2.930  4.988   -0.874  1.00 53.39  ? 166 PHE A CE2 1 
ATOM   646  C  CZ  . PHE A 1 82  ? -4.267  5.364   -0.863  1.00 53.67  ? 166 PHE A CZ  1 
ATOM   647  N  N   . VAL A 1 83  ? -2.195  -0.933  -4.015  1.00 58.77  ? 167 VAL A N   1 
ATOM   648  C  CA  . VAL A 1 83  ? -2.314  -1.923  -5.081  1.00 59.97  ? 167 VAL A CA  1 
ATOM   649  C  C   . VAL A 1 83  ? -2.657  -3.326  -4.568  1.00 60.67  ? 167 VAL A C   1 
ATOM   650  O  O   . VAL A 1 83  ? -3.465  -4.022  -5.188  1.00 61.68  ? 167 VAL A O   1 
ATOM   651  C  CB  . VAL A 1 83  ? -1.156  -1.902  -6.095  1.00 59.63  ? 167 VAL A CB  1 
ATOM   652  C  CG1 . VAL A 1 83  ? -1.068  -0.537  -6.736  1.00 59.14  ? 167 VAL A CG1 1 
ATOM   653  C  CG2 . VAL A 1 83  ? 0.156   -2.314  -5.452  1.00 60.60  ? 167 VAL A CG2 1 
ATOM   654  N  N   . ALA A 1 84  ? -2.071  -3.720  -3.441  1.00 61.32  ? 168 ALA A N   1 
ATOM   655  C  CA  . ALA A 1 84  ? -2.540  -4.884  -2.678  1.00 62.06  ? 168 ALA A CA  1 
ATOM   656  C  C   . ALA A 1 84  ? -4.074  -4.823  -2.462  1.00 62.97  ? 168 ALA A C   1 
ATOM   657  O  O   . ALA A 1 84  ? -4.805  -5.772  -2.792  1.00 63.19  ? 168 ALA A O   1 
ATOM   658  C  CB  . ALA A 1 84  ? -1.809  -4.988  -1.351  1.00 60.99  ? 168 ALA A CB  1 
ATOM   659  N  N   . GLY A 1 85  ? -4.556  -3.696  -1.943  1.00 63.89  ? 169 GLY A N   1 
ATOM   660  C  CA  . GLY A 1 85  ? -5.994  -3.433  -1.824  1.00 64.99  ? 169 GLY A CA  1 
ATOM   661  C  C   . GLY A 1 85  ? -6.810  -3.567  -3.107  1.00 65.78  ? 169 GLY A C   1 
ATOM   662  O  O   . GLY A 1 85  ? -7.987  -3.900  -3.056  1.00 66.60  ? 169 GLY A O   1 
ATOM   663  N  N   . LEU A 1 86  ? -6.222  -3.306  -4.267  1.00 65.83  ? 170 LEU A N   1 
ATOM   664  C  CA  . LEU A 1 86  ? -7.018  -3.419  -5.479  1.00 66.19  ? 170 LEU A CA  1 
ATOM   665  C  C   . LEU A 1 86  ? -6.836  -4.761  -6.184  1.00 66.39  ? 170 LEU A C   1 
ATOM   666  O  O   . LEU A 1 86  ? -7.580  -5.074  -7.094  1.00 66.95  ? 170 LEU A O   1 
ATOM   667  C  CB  . LEU A 1 86  ? -6.793  -2.222  -6.421  1.00 66.05  ? 170 LEU A CB  1 
ATOM   668  C  CG  . LEU A 1 86  ? -7.046  -0.889  -5.714  1.00 66.15  ? 170 LEU A CG  1 
ATOM   669  C  CD1 . LEU A 1 86  ? -6.251  0.199   -6.356  1.00 65.49  ? 170 LEU A CD1 1 
ATOM   670  C  CD2 . LEU A 1 86  ? -8.520  -0.510  -5.635  1.00 65.40  ? 170 LEU A CD2 1 
ATOM   671  N  N   . GLY A 1 87  ? -5.868  -5.561  -5.756  1.00 66.41  ? 171 GLY A N   1 
ATOM   672  C  CA  . GLY A 1 87  ? -5.780  -6.927  -6.227  1.00 66.15  ? 171 GLY A CA  1 
ATOM   673  C  C   . GLY A 1 87  ? -4.795  -7.085  -7.365  1.00 66.86  ? 171 GLY A C   1 
ATOM   674  O  O   . GLY A 1 87  ? -4.680  -8.171  -7.962  1.00 66.51  ? 171 GLY A O   1 
ATOM   675  N  N   . SER A 1 88  ? -4.066  -6.018  -7.676  1.00 66.95  ? 172 SER A N   1 
ATOM   676  C  CA  . SER A 1 88  ? -3.107  -6.123  -8.759  1.00 67.63  ? 172 SER A CA  1 
ATOM   677  C  C   . SER A 1 88  ? -1.928  -6.981  -8.384  1.00 68.00  ? 172 SER A C   1 
ATOM   678  O  O   . SER A 1 88  ? -0.945  -6.508  -7.833  1.00 68.22  ? 172 SER A O   1 
ATOM   679  C  CB  . SER A 1 88  ? -2.660  -4.767  -9.250  1.00 67.39  ? 172 SER A CB  1 
ATOM   680  O  OG  . SER A 1 88  ? -3.710  -4.234  -10.018 1.00 68.45  ? 172 SER A OG  1 
ATOM   681  N  N   . ASP A 1 89  ? -2.050  -8.261  -8.688  1.00 68.44  ? 173 ASP A N   1 
ATOM   682  C  CA  . ASP A 1 89  ? -0.942  -9.175  -8.584  1.00 69.32  ? 173 ASP A CA  1 
ATOM   683  C  C   . ASP A 1 89  ? 0.342   -8.568  -9.222  1.00 68.99  ? 173 ASP A C   1 
ATOM   684  O  O   . ASP A 1 89  ? 1.467   -8.778  -8.742  1.00 68.66  ? 173 ASP A O   1 
ATOM   685  C  CB  . ASP A 1 89  ? -1.344  -10.511 -9.238  1.00 69.89  ? 173 ASP A CB  1 
ATOM   686  C  CG  . ASP A 1 89  ? -0.160  -11.459 -9.419  1.00 72.45  ? 173 ASP A CG  1 
ATOM   687  O  OD1 . ASP A 1 89  ? 0.500   -11.800 -8.400  1.00 74.25  ? 173 ASP A OD1 1 
ATOM   688  O  OD2 . ASP A 1 89  ? 0.118   -11.834 -10.587 1.00 74.00  ? 173 ASP A OD2 1 
ATOM   689  N  N   . LYS A 1 90  ? 0.145   -7.792  -10.280 1.00 68.74  ? 174 LYS A N   1 
ATOM   690  C  CA  . LYS A 1 90  ? 1.237   -7.276  -11.090 1.00 68.90  ? 174 LYS A CA  1 
ATOM   691  C  C   . LYS A 1 90  ? 1.940   -6.106  -10.415 1.00 68.44  ? 174 LYS A C   1 
ATOM   692  O  O   . LYS A 1 90  ? 3.152   -6.162  -10.168 1.00 68.74  ? 174 LYS A O   1 
ATOM   693  C  CB  . LYS A 1 90  ? 0.704   -6.834  -12.460 1.00 69.33  ? 174 LYS A CB  1 
ATOM   694  C  CG  . LYS A 1 90  ? 0.172   -7.959  -13.336 1.00 71.23  ? 174 LYS A CG  1 
ATOM   695  C  CD  . LYS A 1 90  ? 1.319   -8.778  -13.947 1.00 74.68  ? 174 LYS A CD  1 
ATOM   696  C  CE  . LYS A 1 90  ? 0.822   -9.702  -15.079 1.00 77.41  ? 174 LYS A CE  1 
ATOM   697  N  NZ  . LYS A 1 90  ? 1.867   -9.868  -16.160 1.00 78.86  ? 174 LYS A NZ  1 
ATOM   698  N  N   . CYS A 1 91  ? 1.175   -5.048  -10.147 1.00 67.43  ? 175 CYS A N   1 
ATOM   699  C  CA  . CYS A 1 91  ? 1.656   -3.898  -9.415  1.00 67.06  ? 175 CYS A CA  1 
ATOM   700  C  C   . CYS A 1 91  ? 2.308   -4.302  -8.105  1.00 66.49  ? 175 CYS A C   1 
ATOM   701  O  O   . CYS A 1 91  ? 3.200   -3.625  -7.607  1.00 67.03  ? 175 CYS A O   1 
ATOM   702  C  CB  . CYS A 1 91  ? 0.507   -2.960  -9.094  1.00 67.34  ? 175 CYS A CB  1 
ATOM   703  S  SG  . CYS A 1 91  ? -0.242  -2.177  -10.522 1.00 68.85  ? 175 CYS A SG  1 
ATOM   704  N  N   . VAL A 1 92  ? 1.863   -5.396  -7.526  1.00 65.27  ? 176 VAL A N   1 
ATOM   705  C  CA  . VAL A 1 92  ? 2.507   -5.842  -6.322  1.00 64.56  ? 176 VAL A CA  1 
ATOM   706  C  C   . VAL A 1 92  ? 3.875   -6.411  -6.672  1.00 63.97  ? 176 VAL A C   1 
ATOM   707  O  O   . VAL A 1 92  ? 4.865   -6.101  -6.021  1.00 63.48  ? 176 VAL A O   1 
ATOM   708  C  CB  . VAL A 1 92  ? 1.636   -6.843  -5.535  1.00 64.54  ? 176 VAL A CB  1 
ATOM   709  C  CG1 . VAL A 1 92  ? 2.422   -7.426  -4.392  1.00 64.35  ? 176 VAL A CG1 1 
ATOM   710  C  CG2 . VAL A 1 92  ? 0.404   -6.144  -4.989  1.00 64.39  ? 176 VAL A CG2 1 
ATOM   711  N  N   . ARG A 1 93  ? 3.936   -7.224  -7.716  1.00 63.75  ? 177 ARG A N   1 
ATOM   712  C  CA  . ARG A 1 93  ? 5.198   -7.859  -8.070  1.00 63.64  ? 177 ARG A CA  1 
ATOM   713  C  C   . ARG A 1 93  ? 6.191   -6.874  -8.662  1.00 63.51  ? 177 ARG A C   1 
ATOM   714  O  O   . ARG A 1 93  ? 7.396   -6.989  -8.428  1.00 63.04  ? 177 ARG A O   1 
ATOM   715  C  CB  . ARG A 1 93  ? 4.972   -9.054  -8.980  1.00 63.53  ? 177 ARG A CB  1 
ATOM   716  C  CG  . ARG A 1 93  ? 4.566   -10.266 -8.221  1.00 63.00  ? 177 ARG A CG  1 
ATOM   717  C  CD  . ARG A 1 93  ? 4.548   -11.487 -9.093  1.00 63.79  ? 177 ARG A CD  1 
ATOM   718  N  NE  . ARG A 1 93  ? 3.847   -12.584 -8.424  1.00 63.87  ? 177 ARG A NE  1 
ATOM   719  C  CZ  . ARG A 1 93  ? 4.434   -13.507 -7.657  1.00 64.05  ? 177 ARG A CZ  1 
ATOM   720  N  NH1 . ARG A 1 93  ? 5.762   -13.489 -7.470  1.00 61.94  ? 177 ARG A NH1 1 
ATOM   721  N  NH2 . ARG A 1 93  ? 3.690   -14.460 -7.083  1.00 63.71  ? 177 ARG A NH2 1 
ATOM   722  N  N   . LEU A 1 94  ? 5.671   -5.900  -9.408  1.00 63.62  ? 178 LEU A N   1 
ATOM   723  C  CA  . LEU A 1 94  ? 6.466   -4.764  -9.866  1.00 63.87  ? 178 LEU A CA  1 
ATOM   724  C  C   . LEU A 1 94  ? 7.103   -4.037  -8.674  1.00 64.01  ? 178 LEU A C   1 
ATOM   725  O  O   . LEU A 1 94  ? 8.323   -4.118  -8.479  1.00 64.53  ? 178 LEU A O   1 
ATOM   726  C  CB  . LEU A 1 94  ? 5.605   -3.810  -10.694 1.00 63.89  ? 178 LEU A CB  1 
ATOM   727  C  CG  . LEU A 1 94  ? 6.126   -2.386  -10.950 1.00 64.77  ? 178 LEU A CG  1 
ATOM   728  C  CD1 . LEU A 1 94  ? 7.306   -2.375  -11.935 1.00 65.25  ? 178 LEU A CD1 1 
ATOM   729  C  CD2 . LEU A 1 94  ? 4.996   -1.479  -11.427 1.00 63.74  ? 178 LEU A CD2 1 
ATOM   730  N  N   . LEU A 1 95  ? 6.286   -3.373  -7.852  1.00 63.69  ? 179 LEU A N   1 
ATOM   731  C  CA  . LEU A 1 95  ? 6.791   -2.666  -6.667  1.00 63.47  ? 179 LEU A CA  1 
ATOM   732  C  C   . LEU A 1 95  ? 7.669   -3.539  -5.787  1.00 63.80  ? 179 LEU A C   1 
ATOM   733  O  O   . LEU A 1 95  ? 8.600   -3.054  -5.155  1.00 63.99  ? 179 LEU A O   1 
ATOM   734  C  CB  . LEU A 1 95  ? 5.652   -2.083  -5.833  1.00 62.90  ? 179 LEU A CB  1 
ATOM   735  C  CG  . LEU A 1 95  ? 4.649   -1.182  -6.547  1.00 62.25  ? 179 LEU A CG  1 
ATOM   736  C  CD1 . LEU A 1 95  ? 3.619   -0.686  -5.557  1.00 61.90  ? 179 LEU A CD1 1 
ATOM   737  C  CD2 . LEU A 1 95  ? 5.355   -0.029  -7.226  1.00 60.86  ? 179 LEU A CD2 1 
ATOM   738  N  N   . ALA A 1 96  ? 7.372   -4.828  -5.735  1.00 64.62  ? 180 ALA A N   1 
ATOM   739  C  CA  . ALA A 1 96  ? 8.191   -5.738  -4.957  1.00 65.69  ? 180 ALA A CA  1 
ATOM   740  C  C   . ALA A 1 96  ? 9.611   -5.774  -5.520  1.00 66.36  ? 180 ALA A C   1 
ATOM   741  O  O   . ALA A 1 96  ? 10.586  -5.624  -4.772  1.00 66.33  ? 180 ALA A O   1 
ATOM   742  C  CB  . ALA A 1 96  ? 7.592   -7.103  -4.963  1.00 65.90  ? 180 ALA A CB  1 
ATOM   743  N  N   . GLU A 1 97  ? 9.710   -5.946  -6.839  1.00 67.11  ? 181 GLU A N   1 
ATOM   744  C  CA  . GLU A 1 97  ? 10.995  -6.002  -7.534  1.00 67.90  ? 181 GLU A CA  1 
ATOM   745  C  C   . GLU A 1 97  ? 11.786  -4.705  -7.313  1.00 67.58  ? 181 GLU A C   1 
ATOM   746  O  O   . GLU A 1 97  ? 12.969  -4.734  -6.926  1.00 67.67  ? 181 GLU A O   1 
ATOM   747  C  CB  . GLU A 1 97  ? 10.769  -6.309  -9.019  1.00 68.29  ? 181 GLU A CB  1 
ATOM   748  C  CG  . GLU A 1 97  ? 11.933  -5.989  -9.978  1.00 71.98  ? 181 GLU A CG  1 
ATOM   749  C  CD  . GLU A 1 97  ? 13.280  -6.597  -9.555  1.00 75.74  ? 181 GLU A CD  1 
ATOM   750  O  OE1 . GLU A 1 97  ? 13.332  -7.802  -9.206  1.00 77.02  ? 181 GLU A OE1 1 
ATOM   751  O  OE2 . GLU A 1 97  ? 14.296  -5.851  -9.568  1.00 78.44  ? 181 GLU A OE2 1 
ATOM   752  N  N   . ALA A 1 98  ? 11.118  -3.573  -7.518  1.00 66.87  ? 182 ALA A N   1 
ATOM   753  C  CA  . ALA A 1 98  ? 11.703  -2.258  -7.243  1.00 65.85  ? 182 ALA A CA  1 
ATOM   754  C  C   . ALA A 1 98  ? 12.271  -2.075  -5.826  1.00 65.39  ? 182 ALA A C   1 
ATOM   755  O  O   . ALA A 1 98  ? 12.994  -1.121  -5.585  1.00 66.08  ? 182 ALA A O   1 
ATOM   756  C  CB  . ALA A 1 98  ? 10.688  -1.173  -7.543  1.00 65.52  ? 182 ALA A CB  1 
ATOM   757  N  N   . GLY A 1 99  ? 11.949  -2.954  -4.880  1.00 64.60  ? 183 GLY A N   1 
ATOM   758  C  CA  . GLY A 1 99  ? 12.476  -2.810  -3.512  1.00 63.28  ? 183 GLY A CA  1 
ATOM   759  C  C   . GLY A 1 99  ? 11.550  -2.223  -2.439  1.00 62.79  ? 183 GLY A C   1 
ATOM   760  O  O   . GLY A 1 99  ? 12.031  -1.758  -1.400  1.00 62.30  ? 183 GLY A O   1 
ATOM   761  N  N   . ALA A 1 100 ? 10.231  -2.255  -2.665  1.00 62.33  ? 184 ALA A N   1 
ATOM   762  C  CA  . ALA A 1 100 ? 9.258   -1.782  -1.668  1.00 61.75  ? 184 ALA A CA  1 
ATOM   763  C  C   . ALA A 1 100 ? 9.252   -2.638  -0.395  1.00 61.75  ? 184 ALA A C   1 
ATOM   764  O  O   . ALA A 1 100 ? 9.404   -3.852  -0.464  1.00 60.98  ? 184 ALA A O   1 
ATOM   765  C  CB  . ALA A 1 100 ? 7.882   -1.745  -2.270  1.00 62.11  ? 184 ALA A CB  1 
ATOM   766  N  N   . ASP A 1 101 ? 9.066   -1.988  0.758   1.00 62.31  ? 185 ASP A N   1 
ATOM   767  C  CA  . ASP A 1 101 ? 9.096   -2.647  2.075   1.00 62.57  ? 185 ASP A CA  1 
ATOM   768  C  C   . ASP A 1 101 ? 7.793   -3.388  2.332   1.00 62.61  ? 185 ASP A C   1 
ATOM   769  O  O   . ASP A 1 101 ? 6.770   -2.762  2.676   1.00 62.98  ? 185 ASP A O   1 
ATOM   770  C  CB  . ASP A 1 101 ? 9.328   -1.634  3.201   1.00 62.77  ? 185 ASP A CB  1 
ATOM   771  C  CG  . ASP A 1 101 ? 9.290   -2.284  4.589   1.00 64.12  ? 185 ASP A CG  1 
ATOM   772  O  OD1 . ASP A 1 101 ? 9.930   -3.344  4.752   1.00 65.17  ? 185 ASP A OD1 1 
ATOM   773  O  OD2 . ASP A 1 101 ? 8.613   -1.751  5.508   1.00 64.74  ? 185 ASP A OD2 1 
ATOM   774  N  N   . LEU A 1 102 ? 7.842   -4.711  2.161   1.00 62.16  ? 186 LEU A N   1 
ATOM   775  C  CA  . LEU A 1 102 ? 6.662   -5.577  2.228   1.00 61.44  ? 186 LEU A CA  1 
ATOM   776  C  C   . LEU A 1 102 ? 5.947   -5.488  3.575   1.00 60.99  ? 186 LEU A C   1 
ATOM   777  O  O   . LEU A 1 102 ? 4.720   -5.550  3.642   1.00 61.04  ? 186 LEU A O   1 
ATOM   778  C  CB  . LEU A 1 102 ? 7.057   -7.019  1.927   1.00 61.35  ? 186 LEU A CB  1 
ATOM   779  C  CG  . LEU A 1 102 ? 7.766   -7.258  0.589   1.00 61.94  ? 186 LEU A CG  1 
ATOM   780  C  CD1 . LEU A 1 102 ? 8.594   -8.535  0.644   1.00 62.95  ? 186 LEU A CD1 1 
ATOM   781  C  CD2 . LEU A 1 102 ? 6.781   -7.310  -0.578  1.00 60.61  ? 186 LEU A CD2 1 
ATOM   782  N  N   . ASP A 1 103 ? 6.709   -5.287  4.640   1.00 60.64  ? 187 ASP A N   1 
ATOM   783  C  CA  . ASP A 1 103 ? 6.123   -5.235  5.966   1.00 60.68  ? 187 ASP A CA  1 
ATOM   784  C  C   . ASP A 1 103 ? 5.696   -3.835  6.433   1.00 60.46  ? 187 ASP A C   1 
ATOM   785  O  O   . ASP A 1 103 ? 5.507   -3.597  7.630   1.00 60.56  ? 187 ASP A O   1 
ATOM   786  C  CB  . ASP A 1 103 ? 7.062   -5.913  6.959   1.00 60.85  ? 187 ASP A CB  1 
ATOM   787  C  CG  . ASP A 1 103 ? 7.496   -7.287  6.490   1.00 61.91  ? 187 ASP A CG  1 
ATOM   788  O  OD1 . ASP A 1 103 ? 6.739   -7.935  5.743   1.00 63.95  ? 187 ASP A OD1 1 
ATOM   789  O  OD2 . ASP A 1 103 ? 8.594   -7.731  6.863   1.00 63.62  ? 187 ASP A OD2 1 
ATOM   790  N  N   . HIS A 1 104 ? 5.498   -2.921  5.486   1.00 60.30  ? 188 HIS A N   1 
ATOM   791  C  CA  . HIS A 1 104 ? 5.188   -1.538  5.819   1.00 59.64  ? 188 HIS A CA  1 
ATOM   792  C  C   . HIS A 1 104 ? 3.845   -1.429  6.512   1.00 59.92  ? 188 HIS A C   1 
ATOM   793  O  O   . HIS A 1 104 ? 2.857   -1.964  6.026   1.00 59.83  ? 188 HIS A O   1 
ATOM   794  C  CB  . HIS A 1 104 ? 5.175   -0.659  4.565   1.00 59.15  ? 188 HIS A CB  1 
ATOM   795  C  CG  . HIS A 1 104 ? 4.844   0.777   4.850   1.00 57.62  ? 188 HIS A CG  1 
ATOM   796  N  ND1 . HIS A 1 104 ? 5.788   1.687   5.279   1.00 53.60  ? 188 HIS A ND1 1 
ATOM   797  C  CD2 . HIS A 1 104 ? 3.663   1.444   4.823   1.00 56.42  ? 188 HIS A CD2 1 
ATOM   798  C  CE1 . HIS A 1 104 ? 5.208   2.856   5.485   1.00 54.94  ? 188 HIS A CE1 1 
ATOM   799  N  NE2 . HIS A 1 104 ? 3.919   2.737   5.215   1.00 56.27  ? 188 HIS A NE2 1 
ATOM   800  N  N   . ARG A 1 105 ? 3.808   -0.712  7.627   1.00 60.61  ? 189 ARG A N   1 
ATOM   801  C  CA  . ARG A 1 105 ? 2.565   -0.492  8.349   1.00 61.73  ? 189 ARG A CA  1 
ATOM   802  C  C   . ARG A 1 105 ? 2.112   0.956   8.217   1.00 62.52  ? 189 ARG A C   1 
ATOM   803  O  O   . ARG A 1 105 ? 2.856   1.868   8.549   1.00 62.72  ? 189 ARG A O   1 
ATOM   804  C  CB  . ARG A 1 105 ? 2.731   -0.820  9.833   1.00 61.70  ? 189 ARG A CB  1 
ATOM   805  C  CG  . ARG A 1 105 ? 3.344   -2.182  10.152  1.00 62.01  ? 189 ARG A CG  1 
ATOM   806  C  CD  . ARG A 1 105 ? 3.531   -2.370  11.672  1.00 62.32  ? 189 ARG A CD  1 
ATOM   807  N  NE  . ARG A 1 105 ? 2.254   -2.595  12.363  1.00 64.88  ? 189 ARG A NE  1 
ATOM   808  C  CZ  . ARG A 1 105 ? 1.803   -1.891  13.405  1.00 64.96  ? 189 ARG A CZ  1 
ATOM   809  N  NH1 . ARG A 1 105 ? 2.529   -0.911  13.919  1.00 63.45  ? 189 ARG A NH1 1 
ATOM   810  N  NH2 . ARG A 1 105 ? 0.624   -2.186  13.951  1.00 65.71  ? 189 ARG A NH2 1 
ATOM   811  N  N   . ASP A 1 106 ? 0.882   1.169   7.756   1.00 63.52  ? 190 ASP A N   1 
ATOM   812  C  CA  . ASP A 1 106 ? 0.341   2.512   7.662   1.00 64.28  ? 190 ASP A CA  1 
ATOM   813  C  C   . ASP A 1 106 ? 0.031   3.031   9.046   1.00 65.07  ? 190 ASP A C   1 
ATOM   814  O  O   . ASP A 1 106 ? 0.119   2.287   10.002  1.00 64.64  ? 190 ASP A O   1 
ATOM   815  C  CB  . ASP A 1 106 ? -0.857  2.571   6.698   1.00 64.57  ? 190 ASP A CB  1 
ATOM   816  C  CG  . ASP A 1 106 ? -2.195  2.180   7.326   1.00 65.12  ? 190 ASP A CG  1 
ATOM   817  O  OD1 . ASP A 1 106 ? -2.306  1.979   8.554   1.00 67.63  ? 190 ASP A OD1 1 
ATOM   818  O  OD2 . ASP A 1 106 ? -3.168  2.101   6.550   1.00 64.67  ? 190 ASP A OD2 1 
ATOM   819  N  N   . MET A 1 107 ? -0.328  4.300   9.176   1.00 66.50  ? 191 MET A N   1 
ATOM   820  C  CA  . MET A 1 107 ? -0.496  4.828   10.526  1.00 68.00  ? 191 MET A CA  1 
ATOM   821  C  C   . MET A 1 107 ? -1.948  5.039   10.988  1.00 67.91  ? 191 MET A C   1 
ATOM   822  O  O   . MET A 1 107 ? -2.190  5.250   12.172  1.00 68.28  ? 191 MET A O   1 
ATOM   823  C  CB  . MET A 1 107 ? 0.401   6.052   10.763  1.00 67.56  ? 191 MET A CB  1 
ATOM   824  C  CG  . MET A 1 107 ? 0.165   7.196   9.807   1.00 68.94  ? 191 MET A CG  1 
ATOM   825  S  SD  . MET A 1 107 ? 1.148   8.673   10.198  1.00 70.56  ? 191 MET A SD  1 
ATOM   826  C  CE  . MET A 1 107 ? 2.689   8.238   9.409   1.00 71.59  ? 191 MET A CE  1 
ATOM   827  N  N   . ARG A 1 108 ? -2.915  4.945   10.080  1.00 68.19  ? 192 ARG A N   1 
ATOM   828  C  CA  . ARG A 1 108 ? -4.337  4.990   10.491  1.00 68.38  ? 192 ARG A CA  1 
ATOM   829  C  C   . ARG A 1 108 ? -4.901  3.649   11.048  1.00 67.73  ? 192 ARG A C   1 
ATOM   830  O  O   . ARG A 1 108 ? -6.125  3.455   11.082  1.00 68.09  ? 192 ARG A O   1 
ATOM   831  C  CB  . ARG A 1 108 ? -5.229  5.484   9.340   1.00 68.65  ? 192 ARG A CB  1 
ATOM   832  C  CG  . ARG A 1 108 ? -5.266  6.989   9.173   1.00 71.28  ? 192 ARG A CG  1 
ATOM   833  C  CD  . ARG A 1 108 ? -6.520  7.419   8.410   1.00 73.80  ? 192 ARG A CD  1 
ATOM   834  N  NE  . ARG A 1 108 ? -7.643  7.638   9.325   1.00 77.76  ? 192 ARG A NE  1 
ATOM   835  C  CZ  . ARG A 1 108 ? -8.767  8.302   9.032   1.00 78.71  ? 192 ARG A CZ  1 
ATOM   836  N  NH1 . ARG A 1 108 ? -8.946  8.831   7.823   1.00 79.17  ? 192 ARG A NH1 1 
ATOM   837  N  NH2 . ARG A 1 108 ? -9.723  8.438   9.957   1.00 77.68  ? 192 ARG A NH2 1 
ATOM   838  N  N   . GLY A 1 109 ? -4.030  2.731   11.476  1.00 66.56  ? 193 GLY A N   1 
ATOM   839  C  CA  . GLY A 1 109 ? -4.489  1.447   12.005  1.00 64.80  ? 193 GLY A CA  1 
ATOM   840  C  C   . GLY A 1 109 ? -3.427  0.365   12.106  1.00 63.79  ? 193 GLY A C   1 
ATOM   841  O  O   . GLY A 1 109 ? -3.690  -0.720  12.660  1.00 63.83  ? 193 GLY A O   1 
ATOM   842  N  N   . GLY A 1 110 ? -2.243  0.649   11.561  1.00 62.33  ? 194 GLY A N   1 
ATOM   843  C  CA  . GLY A 1 110 ? -1.101  -0.264  11.622  1.00 60.71  ? 194 GLY A CA  1 
ATOM   844  C  C   . GLY A 1 110 ? -1.077  -1.291  10.511  1.00 59.77  ? 194 GLY A C   1 
ATOM   845  O  O   . GLY A 1 110 ? -0.222  -2.181  10.499  1.00 59.97  ? 194 GLY A O   1 
ATOM   846  N  N   . LEU A 1 111 ? -2.017  -1.154  9.575   1.00 58.58  ? 195 LEU A N   1 
ATOM   847  C  CA  . LEU A 1 111 ? -2.250  -2.115  8.500   1.00 57.31  ? 195 LEU A CA  1 
ATOM   848  C  C   . LEU A 1 111 ? -1.069  -2.293  7.552   1.00 56.93  ? 195 LEU A C   1 
ATOM   849  O  O   . LEU A 1 111 ? -0.224  -1.407  7.448   1.00 57.16  ? 195 LEU A O   1 
ATOM   850  C  CB  . LEU A 1 111 ? -3.484  -1.688  7.719   1.00 57.08  ? 195 LEU A CB  1 
ATOM   851  C  CG  . LEU A 1 111 ? -4.823  -2.310  8.150   1.00 57.34  ? 195 LEU A CG  1 
ATOM   852  C  CD1 . LEU A 1 111 ? -5.009  -2.366  9.661   1.00 56.45  ? 195 LEU A CD1 1 
ATOM   853  C  CD2 . LEU A 1 111 ? -6.000  -1.590  7.513   1.00 57.21  ? 195 LEU A CD2 1 
ATOM   854  N  N   . THR A 1 112 ? -1.000  -3.435  6.869   1.00 56.05  ? 196 THR A N   1 
ATOM   855  C  CA  . THR A 1 112 ? 0.070   -3.672  5.907   1.00 55.66  ? 196 THR A CA  1 
ATOM   856  C  C   . THR A 1 112 ? -0.517  -4.120  4.596   1.00 55.23  ? 196 THR A C   1 
ATOM   857  O  O   . THR A 1 112 ? -1.731  -4.219  4.447   1.00 55.04  ? 196 THR A O   1 
ATOM   858  C  CB  . THR A 1 112 ? 1.033   -4.772  6.354   1.00 55.58  ? 196 THR A CB  1 
ATOM   859  O  OG1 . THR A 1 112 ? 0.371   -6.038  6.272   1.00 57.40  ? 196 THR A OG1 1 
ATOM   860  C  CG2 . THR A 1 112 ? 1.527   -4.539  7.770   1.00 55.50  ? 196 THR A CG2 1 
ATOM   861  N  N   . ALA A 1 113 ? 0.346   -4.421  3.645   1.00 54.82  ? 197 ALA A N   1 
ATOM   862  C  CA  . ALA A 1 113 ? -0.138  -4.952  2.400   1.00 55.33  ? 197 ALA A CA  1 
ATOM   863  C  C   . ALA A 1 113 ? -1.064  -6.146  2.689   1.00 55.98  ? 197 ALA A C   1 
ATOM   864  O  O   . ALA A 1 113 ? -2.225  -6.178  2.226   1.00 55.46  ? 197 ALA A O   1 
ATOM   865  C  CB  . ALA A 1 113 ? 1.014   -5.361  1.521   1.00 55.17  ? 197 ALA A CB  1 
ATOM   866  N  N   . LEU A 1 114 ? -0.573  -7.097  3.498   1.00 56.13  ? 198 LEU A N   1 
ATOM   867  C  CA  . LEU A 1 114 ? -1.325  -8.331  3.728   1.00 56.01  ? 198 LEU A CA  1 
ATOM   868  C  C   . LEU A 1 114 ? -2.679  -8.078  4.327   1.00 55.47  ? 198 LEU A C   1 
ATOM   869  O  O   . LEU A 1 114 ? -3.646  -8.689  3.897   1.00 55.76  ? 198 LEU A O   1 
ATOM   870  C  CB  . LEU A 1 114 ? -0.576  -9.310  4.594   1.00 56.47  ? 198 LEU A CB  1 
ATOM   871  C  CG  . LEU A 1 114 ? 0.680   -9.890  3.994   1.00 57.93  ? 198 LEU A CG  1 
ATOM   872  C  CD1 . LEU A 1 114 ? 1.884   -9.024  4.511   1.00 62.07  ? 198 LEU A CD1 1 
ATOM   873  C  CD2 . LEU A 1 114 ? 0.785   -11.325 4.409   1.00 56.24  ? 198 LEU A CD2 1 
ATOM   874  N  N   . HIS A 1 115 ? -2.754  -7.177  5.301   1.00 54.74  ? 199 HIS A N   1 
ATOM   875  C  CA  . HIS A 1 115 ? -4.028  -6.836  5.903   1.00 54.09  ? 199 HIS A CA  1 
ATOM   876  C  C   . HIS A 1 115 ? -4.985  -6.334  4.837   1.00 54.44  ? 199 HIS A C   1 
ATOM   877  O  O   . HIS A 1 115 ? -6.183  -6.549  4.936   1.00 54.81  ? 199 HIS A O   1 
ATOM   878  C  CB  . HIS A 1 115 ? -3.869  -5.751  6.959   1.00 53.69  ? 199 HIS A CB  1 
ATOM   879  C  CG  . HIS A 1 115 ? -3.266  -6.218  8.245   1.00 52.76  ? 199 HIS A CG  1 
ATOM   880  N  ND1 . HIS A 1 115 ? -1.904  -6.260  8.458   1.00 53.45  ? 199 HIS A ND1 1 
ATOM   881  C  CD2 . HIS A 1 115 ? -3.840  -6.612  9.406   1.00 51.61  ? 199 HIS A CD2 1 
ATOM   882  C  CE1 . HIS A 1 115 ? -1.667  -6.675  9.692   1.00 53.51  ? 199 HIS A CE1 1 
ATOM   883  N  NE2 . HIS A 1 115 ? -2.827  -6.901  10.285  1.00 53.25  ? 199 HIS A NE2 1 
ATOM   884  N  N   . MET A 1 116 ? -4.462  -5.664  3.814   1.00 54.62  ? 200 MET A N   1 
ATOM   885  C  CA  . MET A 1 116 ? -5.329  -5.061  2.807   1.00 54.51  ? 200 MET A CA  1 
ATOM   886  C  C   . MET A 1 116 ? -5.793  -6.113  1.826   1.00 54.83  ? 200 MET A C   1 
ATOM   887  O  O   . MET A 1 116 ? -6.986  -6.213  1.548   1.00 55.02  ? 200 MET A O   1 
ATOM   888  C  CB  . MET A 1 116 ? -4.628  -3.913  2.095   1.00 54.70  ? 200 MET A CB  1 
ATOM   889  C  CG  . MET A 1 116 ? -4.103  -2.824  3.022   1.00 53.57  ? 200 MET A CG  1 
ATOM   890  S  SD  . MET A 1 116 ? -5.450  -1.701  3.344   1.00 55.72  ? 200 MET A SD  1 
ATOM   891  C  CE  . MET A 1 116 ? -4.631  -0.305  4.131   1.00 56.38  ? 200 MET A CE  1 
ATOM   892  N  N   . ALA A 1 117 ? -4.853  -6.908  1.320   1.00 55.29  ? 201 ALA A N   1 
ATOM   893  C  CA  . ALA A 1 117 ? -5.161  -8.078  0.491   1.00 55.92  ? 201 ALA A CA  1 
ATOM   894  C  C   . ALA A 1 117 ? -6.138  -9.047  1.185   1.00 56.80  ? 201 ALA A C   1 
ATOM   895  O  O   . ALA A 1 117 ? -6.945  -9.715  0.515   1.00 57.29  ? 201 ALA A O   1 
ATOM   896  C  CB  . ALA A 1 117 ? -3.886  -8.809  0.110   1.00 55.61  ? 201 ALA A CB  1 
ATOM   897  N  N   . ALA A 1 118 ? -6.065  -9.133  2.519   1.00 56.88  ? 202 ALA A N   1 
ATOM   898  C  CA  . ALA A 1 118 ? -6.979  -9.992  3.285   1.00 56.55  ? 202 ALA A CA  1 
ATOM   899  C  C   . ALA A 1 118 ? -8.301  -9.264  3.458   1.00 56.59  ? 202 ALA A C   1 
ATOM   900  O  O   . ALA A 1 118 ? -9.363  -9.811  3.174   1.00 56.90  ? 202 ALA A O   1 
ATOM   901  C  CB  . ALA A 1 118 ? -6.377  -10.378 4.639   1.00 56.14  ? 202 ALA A CB  1 
ATOM   902  N  N   . GLY A 1 119 ? -8.231  -8.013  3.887   1.00 56.49  ? 203 GLY A N   1 
ATOM   903  C  CA  . GLY A 1 119 ? -9.419  -7.208  4.087   1.00 56.68  ? 203 GLY A CA  1 
ATOM   904  C  C   . GLY A 1 119 ? -10.314 -7.121  2.874   1.00 56.95  ? 203 GLY A C   1 
ATOM   905  O  O   . GLY A 1 119 ? -11.466 -7.477  2.950   1.00 57.49  ? 203 GLY A O   1 
ATOM   906  N  N   . TYR A 1 120 ? -9.786  -6.640  1.754   1.00 57.38  ? 204 TYR A N   1 
ATOM   907  C  CA  . TYR A 1 120 ? -10.554 -6.543  0.513   1.00 57.44  ? 204 TYR A CA  1 
ATOM   908  C  C   . TYR A 1 120 ? -10.638 -7.898  -0.166  1.00 57.71  ? 204 TYR A C   1 
ATOM   909  O  O   . TYR A 1 120 ? -11.099 -7.987  -1.296  1.00 58.31  ? 204 TYR A O   1 
ATOM   910  C  CB  . TYR A 1 120 ? -9.924  -5.524  -0.455  1.00 57.80  ? 204 TYR A CB  1 
ATOM   911  C  CG  . TYR A 1 120 ? -9.966  -4.089  0.053   1.00 58.34  ? 204 TYR A CG  1 
ATOM   912  C  CD1 . TYR A 1 120 ? -11.142 -3.340  -0.033  1.00 57.66  ? 204 TYR A CD1 1 
ATOM   913  C  CD2 . TYR A 1 120 ? -8.843  -3.495  0.652   1.00 57.76  ? 204 TYR A CD2 1 
ATOM   914  C  CE1 . TYR A 1 120 ? -11.208 -2.044  0.463   1.00 58.60  ? 204 TYR A CE1 1 
ATOM   915  C  CE2 . TYR A 1 120 ? -8.900  -2.191  1.154   1.00 57.45  ? 204 TYR A CE2 1 
ATOM   916  C  CZ  . TYR A 1 120 ? -10.089 -1.470  1.048   1.00 58.20  ? 204 TYR A CZ  1 
ATOM   917  O  OH  . TYR A 1 120 ? -10.186 -0.175  1.509   1.00 58.92  ? 204 TYR A OH  1 
ATOM   918  N  N   . VAL A 1 121 ? -10.198 -8.950  0.521   1.00 57.19  ? 205 VAL A N   1 
ATOM   919  C  CA  . VAL A 1 121 ? -10.330 -10.314 0.029   1.00 56.55  ? 205 VAL A CA  1 
ATOM   920  C  C   . VAL A 1 121 ? -9.652  -10.391 -1.316  1.00 56.72  ? 205 VAL A C   1 
ATOM   921  O  O   . VAL A 1 121 ? -10.311 -10.305 -2.349  1.00 56.81  ? 205 VAL A O   1 
ATOM   922  C  CB  . VAL A 1 121 ? -11.810 -10.755 -0.170  1.00 56.57  ? 205 VAL A CB  1 
ATOM   923  C  CG1 . VAL A 1 121 ? -11.896 -12.269 -0.233  1.00 55.13  ? 205 VAL A CG1 1 
ATOM   924  C  CG2 . VAL A 1 121 ? -12.742 -10.180 0.908   1.00 56.24  ? 205 VAL A CG2 1 
ATOM   925  N  N   . ARG A 1 122 ? -8.333  -10.553 -1.304  1.00 56.78  ? 206 ARG A N   1 
ATOM   926  C  CA  . ARG A 1 122 ? -7.551  -10.614 -2.528  1.00 56.43  ? 206 ARG A CA  1 
ATOM   927  C  C   . ARG A 1 122 ? -6.628  -11.814 -2.418  1.00 57.38  ? 206 ARG A C   1 
ATOM   928  O  O   . ARG A 1 122 ? -5.418  -11.689 -2.142  1.00 58.39  ? 206 ARG A O   1 
ATOM   929  C  CB  . ARG A 1 122 ? -6.745  -9.313  -2.762  1.00 55.77  ? 206 ARG A CB  1 
ATOM   930  C  CG  . ARG A 1 122 ? -7.515  -7.991  -2.633  1.00 52.95  ? 206 ARG A CG  1 
ATOM   931  C  CD  . ARG A 1 122 ? -8.597  -7.808  -3.659  1.00 48.94  ? 206 ARG A CD  1 
ATOM   932  N  NE  . ARG A 1 122 ? -9.065  -6.428  -3.624  1.00 50.01  ? 206 ARG A NE  1 
ATOM   933  C  CZ  . ARG A 1 122 ? -10.201 -5.969  -4.168  1.00 49.22  ? 206 ARG A CZ  1 
ATOM   934  N  NH1 . ARG A 1 122 ? -11.025 -6.789  -4.826  1.00 48.91  ? 206 ARG A NH1 1 
ATOM   935  N  NH2 . ARG A 1 122 ? -10.505 -4.675  -4.065  1.00 46.69  ? 206 ARG A NH2 1 
ATOM   936  N  N   . PRO A 1 123 ? -7.193  -13.001 -2.599  1.00 57.66  ? 207 PRO A N   1 
ATOM   937  C  CA  . PRO A 1 123 ? -6.424  -14.238 -2.475  1.00 57.78  ? 207 PRO A CA  1 
ATOM   938  C  C   . PRO A 1 123 ? -5.161  -14.314 -3.322  1.00 58.51  ? 207 PRO A C   1 
ATOM   939  O  O   . PRO A 1 123 ? -4.143  -14.792 -2.810  1.00 59.08  ? 207 PRO A O   1 
ATOM   940  C  CB  . PRO A 1 123 ? -7.426  -15.318 -2.883  1.00 57.67  ? 207 PRO A CB  1 
ATOM   941  C  CG  . PRO A 1 123 ? -8.769  -14.720 -2.551  1.00 57.14  ? 207 PRO A CG  1 
ATOM   942  C  CD  . PRO A 1 123 ? -8.622  -13.249 -2.855  1.00 57.93  ? 207 PRO A CD  1 
ATOM   943  N  N   . GLU A 1 124 ? -5.193  -13.859 -4.585  1.00 59.12  ? 208 GLU A N   1 
ATOM   944  C  CA  . GLU A 1 124 ? -4.004  -13.993 -5.479  1.00 59.78  ? 208 GLU A CA  1 
ATOM   945  C  C   . GLU A 1 124 ? -2.837  -13.171 -4.952  1.00 58.52  ? 208 GLU A C   1 
ATOM   946  O  O   . GLU A 1 124 ? -1.679  -13.603 -4.960  1.00 57.65  ? 208 GLU A O   1 
ATOM   947  C  CB  . GLU A 1 124 ? -4.324  -13.579 -6.920  1.00 59.67  ? 208 GLU A CB  1 
ATOM   948  C  CG  . GLU A 1 124 ? -4.442  -14.750 -7.913  1.00 62.19  ? 208 GLU A CG  1 
ATOM   949  C  CD  . GLU A 1 124 ? -5.071  -14.346 -9.266  1.00 63.43  ? 208 GLU A CD  1 
ATOM   950  O  OE1 . GLU A 1 124 ? -5.148  -13.123 -9.581  1.00 69.30  ? 208 GLU A OE1 1 
ATOM   951  O  OE2 . GLU A 1 124 ? -5.509  -15.255 -10.016 1.00 68.03  ? 208 GLU A OE2 1 
ATOM   952  N  N   . VAL A 1 125 ? -3.187  -11.980 -4.478  1.00 58.16  ? 209 VAL A N   1 
ATOM   953  C  CA  . VAL A 1 125 ? -2.234  -11.036 -3.933  1.00 57.78  ? 209 VAL A CA  1 
ATOM   954  C  C   . VAL A 1 125 ? -1.642  -11.604 -2.647  1.00 57.88  ? 209 VAL A C   1 
ATOM   955  O  O   . VAL A 1 125 ? -0.403  -11.691 -2.502  1.00 57.88  ? 209 VAL A O   1 
ATOM   956  C  CB  . VAL A 1 125 ? -2.914  -9.671  -3.706  1.00 57.72  ? 209 VAL A CB  1 
ATOM   957  C  CG1 . VAL A 1 125 ? -1.917  -8.618  -3.329  1.00 56.01  ? 209 VAL A CG1 1 
ATOM   958  C  CG2 . VAL A 1 125 ? -3.627  -9.253  -4.970  1.00 57.61  ? 209 VAL A CG2 1 
ATOM   959  N  N   . VAL A 1 126 ? -2.519  -12.018 -1.724  1.00 57.74  ? 210 VAL A N   1 
ATOM   960  C  CA  . VAL A 1 126 ? -2.058  -12.691 -0.494  1.00 57.24  ? 210 VAL A CA  1 
ATOM   961  C  C   . VAL A 1 126 ? -1.017  -13.791 -0.825  1.00 57.07  ? 210 VAL A C   1 
ATOM   962  O  O   . VAL A 1 126 ? 0.045   -13.865 -0.185  1.00 57.15  ? 210 VAL A O   1 
ATOM   963  C  CB  . VAL A 1 126 ? -3.223  -13.237 0.377   1.00 56.88  ? 210 VAL A CB  1 
ATOM   964  C  CG1 . VAL A 1 126 ? -2.665  -13.960 1.569   1.00 57.23  ? 210 VAL A CG1 1 
ATOM   965  C  CG2 . VAL A 1 126 ? -4.137  -12.108 0.861   1.00 56.04  ? 210 VAL A CG2 1 
ATOM   966  N  N   . GLU A 1 127 ? -1.301  -14.602 -1.845  1.00 56.71  ? 211 GLU A N   1 
ATOM   967  C  CA  . GLU A 1 127 ? -0.349  -15.612 -2.326  1.00 57.11  ? 211 GLU A CA  1 
ATOM   968  C  C   . GLU A 1 127 ? 0.995   -14.954 -2.720  1.00 56.80  ? 211 GLU A C   1 
ATOM   969  O  O   . GLU A 1 127 ? 2.066   -15.339 -2.217  1.00 56.58  ? 211 GLU A O   1 
ATOM   970  C  CB  . GLU A 1 127 ? -0.967  -16.369 -3.502  1.00 57.24  ? 211 GLU A CB  1 
ATOM   971  C  CG  . GLU A 1 127 ? -0.355  -17.725 -3.867  1.00 59.01  ? 211 GLU A CG  1 
ATOM   972  C  CD  . GLU A 1 127 ? -1.426  -18.682 -4.462  1.00 62.50  ? 211 GLU A CD  1 
ATOM   973  O  OE1 . GLU A 1 127 ? -2.228  -18.244 -5.335  1.00 62.12  ? 211 GLU A OE1 1 
ATOM   974  O  OE2 . GLU A 1 127 ? -1.490  -19.871 -4.034  1.00 63.81  ? 211 GLU A OE2 1 
ATOM   975  N  N   . ALA A 1 128 ? 0.923   -13.940 -3.584  1.00 56.50  ? 212 ALA A N   1 
ATOM   976  C  CA  . ALA A 1 128 ? 2.115   -13.244 -4.049  1.00 56.23  ? 212 ALA A CA  1 
ATOM   977  C  C   . ALA A 1 128 ? 2.922   -12.697 -2.878  1.00 56.26  ? 212 ALA A C   1 
ATOM   978  O  O   . ALA A 1 128 ? 4.150   -12.943 -2.804  1.00 56.26  ? 212 ALA A O   1 
ATOM   979  C  CB  . ALA A 1 128 ? 1.758   -12.147 -5.031  1.00 56.36  ? 212 ALA A CB  1 
ATOM   980  N  N   . LEU A 1 129 ? 2.240   -12.006 -1.954  1.00 55.57  ? 213 LEU A N   1 
ATOM   981  C  CA  . LEU A 1 129 ? 2.903   -11.458 -0.755  1.00 55.45  ? 213 LEU A CA  1 
ATOM   982  C  C   . LEU A 1 129 ? 3.651   -12.495 0.072   1.00 55.37  ? 213 LEU A C   1 
ATOM   983  O  O   . LEU A 1 129 ? 4.843   -12.340 0.380   1.00 55.05  ? 213 LEU A O   1 
ATOM   984  C  CB  . LEU A 1 129 ? 1.919   -10.680 0.127   1.00 55.32  ? 213 LEU A CB  1 
ATOM   985  C  CG  . LEU A 1 129 ? 1.467   -9.320  -0.451  1.00 55.81  ? 213 LEU A CG  1 
ATOM   986  C  CD1 . LEU A 1 129 ? 0.388   -8.633  0.389   1.00 55.65  ? 213 LEU A CD1 1 
ATOM   987  C  CD2 . LEU A 1 129 ? 2.650   -8.377  -0.679  1.00 54.43  ? 213 LEU A CD2 1 
ATOM   988  N  N   . VAL A 1 130 ? 2.952   -13.560 0.443   1.00 55.81  ? 214 VAL A N   1 
ATOM   989  C  CA  . VAL A 1 130 ? 3.599   -14.637 1.194   1.00 56.00  ? 214 VAL A CA  1 
ATOM   990  C  C   . VAL A 1 130 ? 4.821   -15.120 0.389   1.00 56.48  ? 214 VAL A C   1 
ATOM   991  O  O   . VAL A 1 130 ? 5.929   -15.235 0.923   1.00 55.69  ? 214 VAL A O   1 
ATOM   992  C  CB  . VAL A 1 130 ? 2.609   -15.811 1.486   1.00 55.69  ? 214 VAL A CB  1 
ATOM   993  C  CG1 . VAL A 1 130 ? 3.368   -17.078 1.811   1.00 55.47  ? 214 VAL A CG1 1 
ATOM   994  C  CG2 . VAL A 1 130 ? 1.645   -15.458 2.592   1.00 53.79  ? 214 VAL A CG2 1 
ATOM   995  N  N   . GLU A 1 131 ? 4.597   -15.366 -0.904  1.00 56.90  ? 215 GLU A N   1 
ATOM   996  C  CA  . GLU A 1 131 ? 5.629   -15.887 -1.792  1.00 58.74  ? 215 GLU A CA  1 
ATOM   997  C  C   . GLU A 1 131 ? 6.842   -14.940 -1.961  1.00 57.90  ? 215 GLU A C   1 
ATOM   998  O  O   . GLU A 1 131 ? 7.975   -15.388 -1.926  1.00 57.63  ? 215 GLU A O   1 
ATOM   999  C  CB  . GLU A 1 131 ? 4.999   -16.250 -3.141  1.00 59.03  ? 215 GLU A CB  1 
ATOM   1000 C  CG  . GLU A 1 131 ? 5.942   -16.864 -4.194  1.00 60.89  ? 215 GLU A CG  1 
ATOM   1001 C  CD  . GLU A 1 131 ? 5.423   -16.619 -5.629  1.00 62.22  ? 215 GLU A CD  1 
ATOM   1002 O  OE1 . GLU A 1 131 ? 4.220   -16.934 -5.910  1.00 67.14  ? 215 GLU A OE1 1 
ATOM   1003 O  OE2 . GLU A 1 131 ? 6.210   -16.088 -6.470  1.00 65.51  ? 215 GLU A OE2 1 
ATOM   1004 N  N   . LEU A 1 132 ? 6.591   -13.643 -2.134  1.00 57.64  ? 216 LEU A N   1 
ATOM   1005 C  CA  . LEU A 1 132 ? 7.645   -12.617 -2.121  1.00 57.14  ? 216 LEU A CA  1 
ATOM   1006 C  C   . LEU A 1 132 ? 8.332   -12.427 -0.753  1.00 57.17  ? 216 LEU A C   1 
ATOM   1007 O  O   . LEU A 1 132 ? 9.406   -11.797 -0.656  1.00 57.82  ? 216 LEU A O   1 
ATOM   1008 C  CB  . LEU A 1 132 ? 7.090   -11.277 -2.623  1.00 57.04  ? 216 LEU A CB  1 
ATOM   1009 C  CG  . LEU A 1 132 ? 6.840   -11.215 -4.142  1.00 57.39  ? 216 LEU A CG  1 
ATOM   1010 C  CD1 . LEU A 1 132 ? 5.797   -10.173 -4.504  1.00 55.59  ? 216 LEU A CD1 1 
ATOM   1011 C  CD2 . LEU A 1 132 ? 8.138   -10.992 -4.917  1.00 56.54  ? 216 LEU A CD2 1 
ATOM   1012 N  N   . GLY A 1 133 ? 7.724   -12.933 0.315   1.00 56.40  ? 217 GLY A N   1 
ATOM   1013 C  CA  . GLY A 1 133 ? 8.451   -13.015 1.563   1.00 55.44  ? 217 GLY A CA  1 
ATOM   1014 C  C   . GLY A 1 133 ? 7.974   -12.087 2.638   1.00 55.43  ? 217 GLY A C   1 
ATOM   1015 O  O   . GLY A 1 133 ? 8.666   -11.906 3.625   1.00 55.34  ? 217 GLY A O   1 
ATOM   1016 N  N   . ALA A 1 134 ? 6.791   -11.505 2.472   1.00 55.78  ? 218 ALA A N   1 
ATOM   1017 C  CA  . ALA A 1 134 ? 6.215   -10.687 3.532   1.00 56.41  ? 218 ALA A CA  1 
ATOM   1018 C  C   . ALA A 1 134 ? 6.166   -11.471 4.867   1.00 57.58  ? 218 ALA A C   1 
ATOM   1019 O  O   . ALA A 1 134 ? 5.994   -12.698 4.881   1.00 57.83  ? 218 ALA A O   1 
ATOM   1020 C  CB  . ALA A 1 134 ? 4.831   -10.236 3.127   1.00 55.98  ? 218 ALA A CB  1 
ATOM   1021 N  N   . ASP A 1 135 ? 6.335   -10.766 5.985   1.00 58.81  ? 219 ASP A N   1 
ATOM   1022 C  CA  . ASP A 1 135 ? 6.201   -11.361 7.321   1.00 59.44  ? 219 ASP A CA  1 
ATOM   1023 C  C   . ASP A 1 135 ? 4.711   -11.459 7.686   1.00 59.77  ? 219 ASP A C   1 
ATOM   1024 O  O   . ASP A 1 135 ? 4.054   -10.435 7.887   1.00 59.88  ? 219 ASP A O   1 
ATOM   1025 C  CB  . ASP A 1 135 ? 6.949   -10.491 8.340   1.00 59.46  ? 219 ASP A CB  1 
ATOM   1026 C  CG  . ASP A 1 135 ? 7.136   -11.167 9.700   1.00 61.08  ? 219 ASP A CG  1 
ATOM   1027 O  OD1 . ASP A 1 135 ? 6.651   -12.308 9.918   1.00 65.04  ? 219 ASP A OD1 1 
ATOM   1028 O  OD2 . ASP A 1 135 ? 7.786   -10.543 10.572  1.00 60.77  ? 219 ASP A OD2 1 
ATOM   1029 N  N   . ILE A 1 136 ? 4.191   -12.683 7.783   1.00 60.10  ? 220 ILE A N   1 
ATOM   1030 C  CA  . ILE A 1 136 ? 2.771   -12.893 8.056   1.00 60.24  ? 220 ILE A CA  1 
ATOM   1031 C  C   . ILE A 1 136 ? 2.384   -12.730 9.513   1.00 61.13  ? 220 ILE A C   1 
ATOM   1032 O  O   . ILE A 1 136 ? 1.187   -12.715 9.821   1.00 61.70  ? 220 ILE A O   1 
ATOM   1033 C  CB  . ILE A 1 136 ? 2.281   -14.264 7.588   1.00 60.02  ? 220 ILE A CB  1 
ATOM   1034 C  CG1 . ILE A 1 136 ? 2.952   -15.377 8.406   1.00 60.60  ? 220 ILE A CG1 1 
ATOM   1035 C  CG2 . ILE A 1 136 ? 2.523   -14.433 6.093   1.00 58.40  ? 220 ILE A CG2 1 
ATOM   1036 C  CD1 . ILE A 1 136 ? 2.128   -16.649 8.516   1.00 59.58  ? 220 ILE A CD1 1 
ATOM   1037 N  N   . GLU A 1 137 ? 3.376   -12.617 10.398  1.00 61.58  ? 221 GLU A N   1 
ATOM   1038 C  CA  . GLU A 1 137 ? 3.140   -12.411 11.834  1.00 62.42  ? 221 GLU A CA  1 
ATOM   1039 C  C   . GLU A 1 137 ? 2.983   -10.954 12.269  1.00 62.32  ? 221 GLU A C   1 
ATOM   1040 O  O   . GLU A 1 137 ? 2.755   -10.693 13.451  1.00 62.91  ? 221 GLU A O   1 
ATOM   1041 C  CB  . GLU A 1 137 ? 4.306   -12.966 12.640  1.00 62.62  ? 221 GLU A CB  1 
ATOM   1042 C  CG  . GLU A 1 137 ? 4.373   -14.482 12.828  1.00 63.67  ? 221 GLU A CG  1 
ATOM   1043 C  CD  . GLU A 1 137 ? 5.628   -14.877 13.635  1.00 64.20  ? 221 GLU A CD  1 
ATOM   1044 O  OE1 . GLU A 1 137 ? 5.747   -14.433 14.800  1.00 65.75  ? 221 GLU A OE1 1 
ATOM   1045 O  OE2 . GLU A 1 137 ? 6.505   -15.609 13.109  1.00 66.69  ? 221 GLU A OE2 1 
ATOM   1046 N  N   . VAL A 1 138 ? 3.139   -10.007 11.345  1.00 62.19  ? 222 VAL A N   1 
ATOM   1047 C  CA  . VAL A 1 138 ? 3.066   -8.584  11.677  1.00 61.40  ? 222 VAL A CA  1 
ATOM   1048 C  C   . VAL A 1 138 ? 1.650   -8.264  12.110  1.00 61.86  ? 222 VAL A C   1 
ATOM   1049 O  O   . VAL A 1 138 ? 0.691   -8.753  11.527  1.00 61.55  ? 222 VAL A O   1 
ATOM   1050 C  CB  . VAL A 1 138 ? 3.518   -7.667  10.485  1.00 61.16  ? 222 VAL A CB  1 
ATOM   1051 C  CG1 . VAL A 1 138 ? 3.207   -6.206  10.758  1.00 60.39  ? 222 VAL A CG1 1 
ATOM   1052 C  CG2 . VAL A 1 138 ? 4.996   -7.812  10.211  1.00 59.28  ? 222 VAL A CG2 1 
ATOM   1053 N  N   . GLU A 1 139 ? 1.527   -7.426  13.129  1.00 62.74  ? 223 GLU A N   1 
ATOM   1054 C  CA  . GLU A 1 139 ? 0.241   -7.168  13.753  1.00 63.56  ? 223 GLU A CA  1 
ATOM   1055 C  C   . GLU A 1 139 ? -0.201  -5.740  13.537  1.00 63.99  ? 223 GLU A C   1 
ATOM   1056 O  O   . GLU A 1 139 ? 0.625   -4.839  13.450  1.00 64.18  ? 223 GLU A O   1 
ATOM   1057 C  CB  . GLU A 1 139 ? 0.333   -7.480  15.245  1.00 63.65  ? 223 GLU A CB  1 
ATOM   1058 C  CG  . GLU A 1 139 ? 0.940   -8.879  15.511  1.00 64.63  ? 223 GLU A CG  1 
ATOM   1059 C  CD  . GLU A 1 139 ? 0.491   -9.513  16.825  1.00 65.19  ? 223 GLU A CD  1 
ATOM   1060 O  OE1 . GLU A 1 139 ? 0.222   -8.761  17.790  1.00 65.70  ? 223 GLU A OE1 1 
ATOM   1061 O  OE2 . GLU A 1 139 ? 0.407   -10.765 16.882  1.00 64.31  ? 223 GLU A OE2 1 
ATOM   1062 N  N   . ASP A 1 140 ? -1.509  -5.531  13.432  1.00 64.71  ? 224 ASP A N   1 
ATOM   1063 C  CA  . ASP A 1 140 ? -2.037  -4.196  13.254  1.00 65.17  ? 224 ASP A CA  1 
ATOM   1064 C  C   . ASP A 1 140 ? -2.275  -3.609  14.632  1.00 65.84  ? 224 ASP A C   1 
ATOM   1065 O  O   . ASP A 1 140 ? -2.089  -4.303  15.631  1.00 66.02  ? 224 ASP A O   1 
ATOM   1066 C  CB  . ASP A 1 140 ? -3.311  -4.250  12.439  1.00 65.40  ? 224 ASP A CB  1 
ATOM   1067 C  CG  . ASP A 1 140 ? -4.546  -4.418  13.282  1.00 66.81  ? 224 ASP A CG  1 
ATOM   1068 O  OD1 . ASP A 1 140 ? -4.494  -5.132  14.306  1.00 69.53  ? 224 ASP A OD1 1 
ATOM   1069 O  OD2 . ASP A 1 140 ? -5.580  -3.828  12.906  1.00 66.97  ? 224 ASP A OD2 1 
ATOM   1070 N  N   . GLU A 1 141 ? -2.695  -2.348  14.709  1.00 66.35  ? 225 GLU A N   1 
ATOM   1071 C  CA  . GLU A 1 141 ? -2.757  -1.673  16.009  1.00 66.65  ? 225 GLU A CA  1 
ATOM   1072 C  C   . GLU A 1 141 ? -3.805  -2.258  16.981  1.00 66.70  ? 225 GLU A C   1 
ATOM   1073 O  O   . GLU A 1 141 ? -3.859  -1.862  18.154  1.00 67.03  ? 225 GLU A O   1 
ATOM   1074 C  CB  . GLU A 1 141 ? -2.866  -0.140  15.867  1.00 66.66  ? 225 GLU A CB  1 
ATOM   1075 C  CG  . GLU A 1 141 ? -1.985  0.664   16.874  1.00 68.05  ? 225 GLU A CG  1 
ATOM   1076 C  CD  . GLU A 1 141 ? -0.508  0.164   16.960  1.00 69.92  ? 225 GLU A CD  1 
ATOM   1077 O  OE1 . GLU A 1 141 ? 0.043   -0.325  15.942  1.00 70.62  ? 225 GLU A OE1 1 
ATOM   1078 O  OE2 . GLU A 1 141 ? 0.104   0.254   18.050  1.00 69.48  ? 225 GLU A OE2 1 
ATOM   1079 N  N   . ARG A 1 142 ? -4.610  -3.217  16.515  1.00 66.22  ? 226 ARG A N   1 
ATOM   1080 C  CA  . ARG A 1 142 ? -5.436  -4.004  17.443  1.00 65.72  ? 226 ARG A CA  1 
ATOM   1081 C  C   . ARG A 1 142 ? -4.787  -5.343  17.876  1.00 65.10  ? 226 ARG A C   1 
ATOM   1082 O  O   . ARG A 1 142 ? -5.408  -6.141  18.577  1.00 65.10  ? 226 ARG A O   1 
ATOM   1083 C  CB  . ARG A 1 142 ? -6.835  -4.241  16.871  1.00 65.84  ? 226 ARG A CB  1 
ATOM   1084 C  CG  . ARG A 1 142 ? -7.748  -3.024  16.885  1.00 66.11  ? 226 ARG A CG  1 
ATOM   1085 C  CD  . ARG A 1 142 ? -8.654  -3.098  15.686  1.00 67.74  ? 226 ARG A CD  1 
ATOM   1086 N  NE  . ARG A 1 142 ? -7.938  -3.761  14.596  1.00 69.52  ? 226 ARG A NE  1 
ATOM   1087 C  CZ  . ARG A 1 142 ? -8.390  -3.922  13.356  1.00 70.65  ? 226 ARG A CZ  1 
ATOM   1088 N  NH1 . ARG A 1 142 ? -9.590  -3.472  13.002  1.00 71.98  ? 226 ARG A NH1 1 
ATOM   1089 N  NH2 . ARG A 1 142 ? -7.628  -4.539  12.463  1.00 70.65  ? 226 ARG A NH2 1 
ATOM   1090 N  N   . GLY A 1 143 ? -3.543  -5.590  17.469  1.00 64.33  ? 227 GLY A N   1 
ATOM   1091 C  CA  . GLY A 1 143 ? -2.869  -6.863  17.768  1.00 63.11  ? 227 GLY A CA  1 
ATOM   1092 C  C   . GLY A 1 143 ? -3.132  -7.958  16.731  1.00 62.64  ? 227 GLY A C   1 
ATOM   1093 O  O   . GLY A 1 143 ? -2.367  -8.935  16.641  1.00 62.25  ? 227 GLY A O   1 
ATOM   1094 N  N   . LEU A 1 144 ? -4.212  -7.789  15.957  1.00 61.42  ? 228 LEU A N   1 
ATOM   1095 C  CA  . LEU A 1 144 ? -4.594  -8.709  14.886  1.00 60.46  ? 228 LEU A CA  1 
ATOM   1096 C  C   . LEU A 1 144 ? -3.527  -8.889  13.783  1.00 59.64  ? 228 LEU A C   1 
ATOM   1097 O  O   . LEU A 1 144 ? -2.994  -7.911  13.250  1.00 59.62  ? 228 LEU A O   1 
ATOM   1098 C  CB  . LEU A 1 144 ? -5.921  -8.263  14.266  1.00 60.57  ? 228 LEU A CB  1 
ATOM   1099 C  CG  . LEU A 1 144 ? -7.096  -8.069  15.241  1.00 61.24  ? 228 LEU A CG  1 
ATOM   1100 C  CD1 . LEU A 1 144 ? -8.400  -7.766  14.516  1.00 59.31  ? 228 LEU A CD1 1 
ATOM   1101 C  CD2 . LEU A 1 144 ? -7.274  -9.305  16.134  1.00 63.74  ? 228 LEU A CD2 1 
ATOM   1102 N  N   . THR A 1 145 ? -3.196  -10.140 13.469  1.00 58.11  ? 229 THR A N   1 
ATOM   1103 C  CA  . THR A 1 145 ? -2.427  -10.390 12.287  1.00 56.95  ? 229 THR A CA  1 
ATOM   1104 C  C   . THR A 1 145 ? -3.382  -10.441 11.106  1.00 57.16  ? 229 THR A C   1 
ATOM   1105 O  O   . THR A 1 145 ? -4.610  -10.390 11.265  1.00 56.06  ? 229 THR A O   1 
ATOM   1106 C  CB  . THR A 1 145 ? -1.577  -11.692 12.320  1.00 56.51  ? 229 THR A CB  1 
ATOM   1107 O  OG1 . THR A 1 145 ? -2.429  -12.835 12.338  1.00 56.94  ? 229 THR A OG1 1 
ATOM   1108 C  CG2 . THR A 1 145 ? -0.586  -11.716 13.464  1.00 54.16  ? 229 THR A CG2 1 
ATOM   1109 N  N   . ALA A 1 146 ? -2.788  -10.526 9.918   1.00 57.78  ? 230 ALA A N   1 
ATOM   1110 C  CA  . ALA A 1 146 ? -3.528  -10.632 8.668   1.00 58.14  ? 230 ALA A CA  1 
ATOM   1111 C  C   . ALA A 1 146 ? -4.501  -11.788 8.738   1.00 58.11  ? 230 ALA A C   1 
ATOM   1112 O  O   . ALA A 1 146 ? -5.695  -11.628 8.427   1.00 58.68  ? 230 ALA A O   1 
ATOM   1113 C  CB  . ALA A 1 146 ? -2.569  -10.820 7.499   1.00 57.78  ? 230 ALA A CB  1 
ATOM   1114 N  N   . LEU A 1 147 ? -3.991  -12.946 9.160   1.00 58.06  ? 231 LEU A N   1 
ATOM   1115 C  CA  . LEU A 1 147 ? -4.818  -14.151 9.289   1.00 57.38  ? 231 LEU A CA  1 
ATOM   1116 C  C   . LEU A 1 147 ? -5.984  -13.943 10.240  1.00 57.23  ? 231 LEU A C   1 
ATOM   1117 O  O   . LEU A 1 147 ? -7.134  -14.175 9.867   1.00 57.44  ? 231 LEU A O   1 
ATOM   1118 C  CB  . LEU A 1 147 ? -3.980  -15.347 9.734   1.00 56.92  ? 231 LEU A CB  1 
ATOM   1119 C  CG  . LEU A 1 147 ? -4.751  -16.614 10.083  1.00 54.99  ? 231 LEU A CG  1 
ATOM   1120 C  CD1 . LEU A 1 147 ? -5.715  -17.036 8.981   1.00 51.78  ? 231 LEU A CD1 1 
ATOM   1121 C  CD2 . LEU A 1 147 ? -3.737  -17.700 10.391  1.00 53.35  ? 231 LEU A CD2 1 
ATOM   1122 N  N   . GLU A 1 148 ? -5.685  -13.478 11.450  1.00 56.86  ? 232 GLU A N   1 
ATOM   1123 C  CA  . GLU A 1 148 ? -6.717  -13.281 12.468  1.00 57.35  ? 232 GLU A CA  1 
ATOM   1124 C  C   . GLU A 1 148 ? -7.830  -12.416 11.909  1.00 56.88  ? 232 GLU A C   1 
ATOM   1125 O  O   . GLU A 1 148 ? -8.996  -12.669 12.148  1.00 57.65  ? 232 GLU A O   1 
ATOM   1126 C  CB  . GLU A 1 148 ? -6.123  -12.701 13.771  1.00 57.11  ? 232 GLU A CB  1 
ATOM   1127 C  CG  . GLU A 1 148 ? -5.002  -13.594 14.366  1.00 57.49  ? 232 GLU A CG  1 
ATOM   1128 C  CD  . GLU A 1 148 ? -4.265  -12.996 15.573  1.00 59.27  ? 232 GLU A CD  1 
ATOM   1129 O  OE1 . GLU A 1 148 ? -4.510  -11.831 15.972  1.00 61.25  ? 232 GLU A OE1 1 
ATOM   1130 O  OE2 . GLU A 1 148 ? -3.411  -13.717 16.138  1.00 64.34  ? 232 GLU A OE2 1 
ATOM   1131 N  N   . LEU A 1 149 ? -7.450  -11.427 11.111  1.00 56.76  ? 233 LEU A N   1 
ATOM   1132 C  CA  . LEU A 1 149 ? -8.372  -10.452 10.548  1.00 55.78  ? 233 LEU A CA  1 
ATOM   1133 C  C   . LEU A 1 149 ? -9.310  -11.061 9.502   1.00 55.32  ? 233 LEU A C   1 
ATOM   1134 O  O   . LEU A 1 149 ? -10.496 -10.678 9.418   1.00 54.54  ? 233 LEU A O   1 
ATOM   1135 C  CB  . LEU A 1 149 ? -7.572  -9.290  9.971   1.00 55.55  ? 233 LEU A CB  1 
ATOM   1136 C  CG  . LEU A 1 149 ? -8.257  -8.202  9.146   1.00 55.58  ? 233 LEU A CG  1 
ATOM   1137 C  CD1 . LEU A 1 149 ? -9.454  -7.546  9.820   1.00 54.39  ? 233 LEU A CD1 1 
ATOM   1138 C  CD2 . LEU A 1 149 ? -7.220  -7.167  8.824   1.00 55.88  ? 233 LEU A CD2 1 
ATOM   1139 N  N   . ALA A 1 150 ? -8.782  -11.993 8.711   1.00 54.85  ? 234 ALA A N   1 
ATOM   1140 C  CA  . ALA A 1 150 ? -9.641  -12.765 7.795   1.00 55.17  ? 234 ALA A CA  1 
ATOM   1141 C  C   . ALA A 1 150 ? -10.687 -13.524 8.626   1.00 55.23  ? 234 ALA A C   1 
ATOM   1142 O  O   . ALA A 1 150 ? -11.906 -13.403 8.363   1.00 54.78  ? 234 ALA A O   1 
ATOM   1143 C  CB  . ALA A 1 150 ? -8.823  -13.723 6.935   1.00 54.45  ? 234 ALA A CB  1 
ATOM   1144 N  N   . ARG A 1 151 ? -10.199 -14.265 9.638   1.00 54.95  ? 235 ARG A N   1 
ATOM   1145 C  CA  . ARG A 1 151 ? -11.057 -14.999 10.570  1.00 54.76  ? 235 ARG A CA  1 
ATOM   1146 C  C   . ARG A 1 151 ? -12.147 -14.062 11.122  1.00 56.50  ? 235 ARG A C   1 
ATOM   1147 O  O   . ARG A 1 151 ? -13.350 -14.363 11.027  1.00 56.16  ? 235 ARG A O   1 
ATOM   1148 C  CB  . ARG A 1 151 ? -10.245 -15.641 11.712  1.00 54.29  ? 235 ARG A CB  1 
ATOM   1149 C  CG  . ARG A 1 151 ? -9.469  -16.914 11.353  1.00 53.09  ? 235 ARG A CG  1 
ATOM   1150 C  CD  . ARG A 1 151 ? -8.528  -17.437 12.473  1.00 51.90  ? 235 ARG A CD  1 
ATOM   1151 N  NE  . ARG A 1 151 ? -7.842  -18.639 11.996  1.00 48.20  ? 235 ARG A NE  1 
ATOM   1152 C  CZ  . ARG A 1 151 ? -6.734  -19.187 12.527  1.00 48.27  ? 235 ARG A CZ  1 
ATOM   1153 N  NH1 . ARG A 1 151 ? -6.137  -18.695 13.600  1.00 44.62  ? 235 ARG A NH1 1 
ATOM   1154 N  NH2 . ARG A 1 151 ? -6.200  -20.264 11.967  1.00 49.59  ? 235 ARG A NH2 1 
ATOM   1155 N  N   . GLU A 1 152 ? -11.720 -12.918 11.655  1.00 58.02  ? 236 GLU A N   1 
ATOM   1156 C  CA  . GLU A 1 152 ? -12.643 -11.948 12.228  1.00 60.42  ? 236 GLU A CA  1 
ATOM   1157 C  C   . GLU A 1 152 ? -13.693 -11.428 11.254  1.00 61.58  ? 236 GLU A C   1 
ATOM   1158 O  O   . GLU A 1 152 ? -14.859 -11.380 11.606  1.00 62.12  ? 236 GLU A O   1 
ATOM   1159 C  CB  . GLU A 1 152 ? -11.900 -10.793 12.897  1.00 60.64  ? 236 GLU A CB  1 
ATOM   1160 C  CG  . GLU A 1 152 ? -11.341 -11.145 14.282  1.00 62.52  ? 236 GLU A CG  1 
ATOM   1161 C  CD  . GLU A 1 152 ? -12.423 -11.649 15.250  1.00 64.64  ? 236 GLU A CD  1 
ATOM   1162 O  OE1 . GLU A 1 152 ? -13.320 -10.862 15.650  1.00 62.86  ? 236 GLU A OE1 1 
ATOM   1163 O  OE2 . GLU A 1 152 ? -12.377 -12.853 15.594  1.00 65.95  ? 236 GLU A OE2 1 
ATOM   1164 N  N   . ILE A 1 153 ? -13.295 -11.047 10.041  1.00 63.27  ? 237 ILE A N   1 
ATOM   1165 C  CA  . ILE A 1 153 ? -14.266 -10.601 9.024   1.00 64.67  ? 237 ILE A CA  1 
ATOM   1166 C  C   . ILE A 1 153 ? -15.205 -11.742 8.615   1.00 65.81  ? 237 ILE A C   1 
ATOM   1167 O  O   . ILE A 1 153 ? -16.425 -11.553 8.501   1.00 66.12  ? 237 ILE A O   1 
ATOM   1168 C  CB  . ILE A 1 153 ? -13.579 -10.046 7.766   1.00 64.63  ? 237 ILE A CB  1 
ATOM   1169 C  CG1 . ILE A 1 153 ? -12.852 -8.745  8.094   1.00 65.18  ? 237 ILE A CG1 1 
ATOM   1170 C  CG2 . ILE A 1 153 ? -14.591 -9.822  6.658   1.00 63.99  ? 237 ILE A CG2 1 
ATOM   1171 C  CD1 . ILE A 1 153 ? -11.806 -8.351  7.057   1.00 65.52  ? 237 ILE A CD1 1 
ATOM   1172 N  N   . LEU A 1 154 ? -14.636 -12.921 8.400   1.00 66.92  ? 238 LEU A N   1 
ATOM   1173 C  CA  . LEU A 1 154 ? -15.431 -14.075 8.017   1.00 68.48  ? 238 LEU A CA  1 
ATOM   1174 C  C   . LEU A 1 154 ? -16.576 -14.350 8.991   1.00 69.87  ? 238 LEU A C   1 
ATOM   1175 O  O   . LEU A 1 154 ? -17.721 -14.551 8.572   1.00 70.01  ? 238 LEU A O   1 
ATOM   1176 C  CB  . LEU A 1 154 ? -14.550 -15.313 7.881   1.00 68.39  ? 238 LEU A CB  1 
ATOM   1177 C  CG  . LEU A 1 154 ? -15.268 -16.518 7.275   1.00 68.51  ? 238 LEU A CG  1 
ATOM   1178 C  CD1 . LEU A 1 154 ? -15.985 -16.132 5.966   1.00 67.55  ? 238 LEU A CD1 1 
ATOM   1179 C  CD2 . LEU A 1 154 ? -14.312 -17.721 7.074   1.00 67.92  ? 238 LEU A CD2 1 
ATOM   1180 N  N   . LYS A 1 155 ? -16.264 -14.345 10.286  1.00 71.46  ? 239 LYS A N   1 
ATOM   1181 C  CA  . LYS A 1 155 ? -17.265 -14.597 11.316  1.00 73.18  ? 239 LYS A CA  1 
ATOM   1182 C  C   . LYS A 1 155 ? -18.512 -13.738 11.117  1.00 74.89  ? 239 LYS A C   1 
ATOM   1183 O  O   . LYS A 1 155 ? -19.635 -14.239 11.215  1.00 75.45  ? 239 LYS A O   1 
ATOM   1184 C  CB  . LYS A 1 155 ? -16.675 -14.389 12.718  1.00 72.57  ? 239 LYS A CB  1 
ATOM   1185 C  CG  . LYS A 1 155 ? -15.979 -15.628 13.287  1.00 71.55  ? 239 LYS A CG  1 
ATOM   1186 C  CD  . LYS A 1 155 ? -14.851 -15.265 14.267  1.00 70.96  ? 239 LYS A CD  1 
ATOM   1187 C  CE  . LYS A 1 155 ? -14.078 -16.512 14.740  1.00 69.90  ? 239 LYS A CE  1 
ATOM   1188 N  NZ  . LYS A 1 155 ? -12.722 -16.260 15.335  1.00 69.03  ? 239 LYS A NZ  1 
ATOM   1189 N  N   . THR A 1 156 ? -18.297 -12.467 10.784  1.00 77.06  ? 240 THR A N   1 
ATOM   1190 C  CA  . THR A 1 156 ? -19.358 -11.461 10.720  1.00 79.05  ? 240 THR A CA  1 
ATOM   1191 C  C   . THR A 1 156 ? -20.096 -11.373 9.382   1.00 80.58  ? 240 THR A C   1 
ATOM   1192 O  O   . THR A 1 156 ? -21.006 -10.563 9.232   1.00 80.82  ? 240 THR A O   1 
ATOM   1193 C  CB  . THR A 1 156 ? -18.815 -10.052 11.025  1.00 78.92  ? 240 THR A CB  1 
ATOM   1194 O  OG1 . THR A 1 156 ? -18.584 -9.365  9.792   1.00 79.52  ? 240 THR A OG1 1 
ATOM   1195 C  CG2 . THR A 1 156 ? -17.516 -10.112 11.865  1.00 78.24  ? 240 THR A CG2 1 
ATOM   1196 N  N   . THR A 1 157 ? -19.695 -12.177 8.406   1.00 82.76  ? 241 THR A N   1 
ATOM   1197 C  CA  . THR A 1 157 ? -20.401 -12.209 7.134   1.00 84.79  ? 241 THR A CA  1 
ATOM   1198 C  C   . THR A 1 157 ? -21.545 -13.213 7.233   1.00 86.49  ? 241 THR A C   1 
ATOM   1199 O  O   . THR A 1 157 ? -21.294 -14.407 7.457   1.00 86.52  ? 241 THR A O   1 
ATOM   1200 C  CB  . THR A 1 157 ? -19.485 -12.621 5.968   1.00 84.78  ? 241 THR A CB  1 
ATOM   1201 O  OG1 . THR A 1 157 ? -18.164 -12.098 6.163   1.00 84.88  ? 241 THR A OG1 1 
ATOM   1202 C  CG2 . THR A 1 157 ? -20.053 -12.094 4.657   1.00 85.35  ? 241 THR A CG2 1 
ATOM   1203 N  N   . PRO A 1 158 ? -22.806 -12.731 7.097   1.00 88.23  ? 242 PRO A N   1 
ATOM   1204 C  CA  . PRO A 1 158 ? -24.040 -13.549 7.089   1.00 89.63  ? 242 PRO A CA  1 
ATOM   1205 C  C   . PRO A 1 158 ? -23.913 -14.902 6.358   1.00 91.13  ? 242 PRO A C   1 
ATOM   1206 O  O   . PRO A 1 158 ? -23.711 -14.940 5.140   1.00 91.28  ? 242 PRO A O   1 
ATOM   1207 C  CB  . PRO A 1 158 ? -25.074 -12.636 6.405   1.00 89.62  ? 242 PRO A CB  1 
ATOM   1208 C  CG  . PRO A 1 158 ? -24.391 -11.276 6.212   1.00 88.76  ? 242 PRO A CG  1 
ATOM   1209 C  CD  . PRO A 1 158 ? -23.114 -11.292 6.984   1.00 88.21  ? 242 PRO A CD  1 
ATOM   1210 N  N   . LYS A 1 159 ? -24.071 -15.987 7.121   1.00 93.00  ? 243 LYS A N   1 
ATOM   1211 C  CA  . LYS A 1 159 ? -23.686 -17.367 6.722   1.00 94.93  ? 243 LYS A CA  1 
ATOM   1212 C  C   . LYS A 1 159 ? -24.601 -18.094 5.708   1.00 95.85  ? 243 LYS A C   1 
ATOM   1213 O  O   . LYS A 1 159 ? -24.115 -18.658 4.709   1.00 96.01  ? 243 LYS A O   1 
ATOM   1214 C  CB  . LYS A 1 159 ? -23.420 -18.244 7.970   1.00 94.78  ? 243 LYS A CB  1 
ATOM   1215 C  CG  . LYS A 1 159 ? -24.143 -17.787 9.265   1.00 95.94  ? 243 LYS A CG  1 
ATOM   1216 C  CD  . LYS A 1 159 ? -23.438 -18.263 10.561  1.00 95.90  ? 243 LYS A CD  1 
ATOM   1217 C  CE  . LYS A 1 159 ? -22.437 -17.226 11.119  1.00 97.50  ? 243 LYS A CE  1 
ATOM   1218 N  NZ  . LYS A 1 159 ? -21.731 -17.728 12.352  1.00 97.17  ? 243 LYS A NZ  1 
ATOM   1219 N  N   . GLY A 1 160 ? -25.909 -18.091 5.980   1.00 96.78  ? 244 GLY A N   1 
ATOM   1220 C  CA  . GLY A 1 160 ? -26.912 -18.669 5.076   1.00 97.40  ? 244 GLY A CA  1 
ATOM   1221 C  C   . GLY A 1 160 ? -27.554 -17.560 4.270   1.00 97.87  ? 244 GLY A C   1 
ATOM   1222 O  O   . GLY A 1 160 ? -28.767 -17.334 4.328   1.00 98.23  ? 244 GLY A O   1 
ATOM   1223 N  N   . ASN A 1 161 ? -26.714 -16.854 3.530   1.00 98.15  ? 245 ASN A N   1 
ATOM   1224 C  CA  . ASN A 1 161 ? -27.139 -15.710 2.747   1.00 98.36  ? 245 ASN A CA  1 
ATOM   1225 C  C   . ASN A 1 161 ? -26.612 -15.872 1.315   1.00 98.03  ? 245 ASN A C   1 
ATOM   1226 O  O   . ASN A 1 161 ? -25.388 -15.913 1.115   1.00 97.98  ? 245 ASN A O   1 
ATOM   1227 C  CB  . ASN A 1 161 ? -26.610 -14.421 3.384   1.00 98.51  ? 245 ASN A CB  1 
ATOM   1228 C  CG  . ASN A 1 161 ? -27.353 -13.195 2.907   1.00 99.54  ? 245 ASN A CG  1 
ATOM   1229 O  OD1 . ASN A 1 161 ? -26.745 -12.171 2.562   1.00 100.24 ? 245 ASN A OD1 1 
ATOM   1230 N  ND2 . ASN A 1 161 ? -28.681 -13.293 2.874   1.00 99.74  ? 245 ASN A ND2 1 
ATOM   1231 N  N   . PRO A 1 162 ? -27.528 -15.998 0.319   1.00 97.62  ? 246 PRO A N   1 
ATOM   1232 C  CA  . PRO A 1 162 ? -27.080 -16.208 -1.069  1.00 96.86  ? 246 PRO A CA  1 
ATOM   1233 C  C   . PRO A 1 162 ? -26.299 -15.023 -1.674  1.00 95.99  ? 246 PRO A C   1 
ATOM   1234 O  O   . PRO A 1 162 ? -25.562 -15.229 -2.631  1.00 95.84  ? 246 PRO A O   1 
ATOM   1235 C  CB  . PRO A 1 162 ? -28.389 -16.468 -1.843  1.00 96.94  ? 246 PRO A CB  1 
ATOM   1236 C  CG  . PRO A 1 162 ? -29.443 -16.730 -0.800  1.00 97.25  ? 246 PRO A CG  1 
ATOM   1237 C  CD  . PRO A 1 162 ? -29.004 -15.971 0.422   1.00 97.68  ? 246 PRO A CD  1 
ATOM   1238 N  N   . MET A 1 163 ? -26.415 -13.818 -1.106  1.00 95.05  ? 247 MET A N   1 
ATOM   1239 C  CA  . MET A 1 163 ? -25.751 -12.632 -1.688  1.00 93.94  ? 247 MET A CA  1 
ATOM   1240 C  C   . MET A 1 163 ? -24.263 -12.401 -1.310  1.00 92.58  ? 247 MET A C   1 
ATOM   1241 O  O   . MET A 1 163 ? -23.451 -11.979 -2.153  1.00 92.24  ? 247 MET A O   1 
ATOM   1242 C  CB  . MET A 1 163 ? -26.592 -11.368 -1.459  1.00 94.24  ? 247 MET A CB  1 
ATOM   1243 C  CG  . MET A 1 163 ? -26.973 -10.651 -2.763  1.00 96.23  ? 247 MET A CG  1 
ATOM   1244 S  SD  . MET A 1 163 ? -25.574 -9.810  -3.596  1.00 102.99 ? 247 MET A SD  1 
ATOM   1245 C  CE  . MET A 1 163 ? -24.907 -11.015 -4.772  1.00 101.60 ? 247 MET A CE  1 
ATOM   1246 N  N   . GLN A 1 164 ? -23.908 -12.674 -0.056  1.00 91.08  ? 248 GLN A N   1 
ATOM   1247 C  CA  . GLN A 1 164 ? -22.532 -12.461 0.419   0.50 89.35  ? 248 GLN A CA  1 
ATOM   1248 C  C   . GLN A 1 164 ? -21.756 -13.767 0.332   1.00 88.46  ? 248 GLN A C   1 
ATOM   1249 O  O   . GLN A 1 164 ? -20.633 -13.874 0.831   1.00 88.09  ? 248 GLN A O   1 
ATOM   1250 C  CB  . GLN A 1 164 ? -22.500 -11.934 1.861   0.50 89.22  ? 248 GLN A CB  1 
ATOM   1251 C  CG  . GLN A 1 164 ? -23.764 -11.232 2.341   0.50 87.94  ? 248 GLN A CG  1 
ATOM   1252 C  CD  . GLN A 1 164 ? -24.053 -9.955  1.589   0.50 86.48  ? 248 GLN A CD  1 
ATOM   1253 O  OE1 . GLN A 1 164 ? -23.138 -9.239  1.186   0.50 85.66  ? 248 GLN A OE1 1 
ATOM   1254 N  NE2 . GLN A 1 164 ? -25.334 -9.659  1.401   0.50 85.68  ? 248 GLN A NE2 1 
ATOM   1255 N  N   . PHE A 1 165 ? -22.373 -14.750 -0.318  1.00 87.37  ? 249 PHE A N   1 
ATOM   1256 C  CA  . PHE A 1 165 ? -21.832 -16.102 -0.444  1.00 86.41  ? 249 PHE A CA  1 
ATOM   1257 C  C   . PHE A 1 165 ? -20.558 -16.118 -1.283  1.00 85.21  ? 249 PHE A C   1 
ATOM   1258 O  O   . PHE A 1 165 ? -19.789 -17.087 -1.234  1.00 85.44  ? 249 PHE A O   1 
ATOM   1259 C  CB  . PHE A 1 165 ? -22.871 -17.019 -1.097  1.00 86.97  ? 249 PHE A CB  1 
ATOM   1260 C  CG  . PHE A 1 165 ? -22.949 -18.396 -0.486  1.00 88.33  ? 249 PHE A CG  1 
ATOM   1261 C  CD1 . PHE A 1 165 ? -21.859 -19.275 -0.547  1.00 89.45  ? 249 PHE A CD1 1 
ATOM   1262 C  CD2 . PHE A 1 165 ? -24.127 -18.827 0.130   1.00 89.80  ? 249 PHE A CD2 1 
ATOM   1263 C  CE1 . PHE A 1 165 ? -21.925 -20.566 0.026   1.00 90.06  ? 249 PHE A CE1 1 
ATOM   1264 C  CE2 . PHE A 1 165 ? -24.212 -20.113 0.701   1.00 90.94  ? 249 PHE A CE2 1 
ATOM   1265 C  CZ  . PHE A 1 165 ? -23.101 -20.987 0.648   1.00 89.73  ? 249 PHE A CZ  1 
ATOM   1266 N  N   . GLY A 1 166 ? -20.349 -15.061 -2.069  1.00 83.45  ? 250 GLY A N   1 
ATOM   1267 C  CA  . GLY A 1 166 ? -19.188 -14.972 -2.941  1.00 81.09  ? 250 GLY A CA  1 
ATOM   1268 C  C   . GLY A 1 166 ? -17.938 -14.739 -2.128  1.00 79.58  ? 250 GLY A C   1 
ATOM   1269 O  O   . GLY A 1 166 ? -16.975 -15.513 -2.212  1.00 79.52  ? 250 GLY A O   1 
ATOM   1270 N  N   . ARG A 1 167 ? -17.979 -13.678 -1.322  1.00 77.98  ? 251 ARG A N   1 
ATOM   1271 C  CA  . ARG A 1 167 ? -16.915 -13.335 -0.384  1.00 76.46  ? 251 ARG A CA  1 
ATOM   1272 C  C   . ARG A 1 167 ? -16.511 -14.495 0.499   1.00 75.70  ? 251 ARG A C   1 
ATOM   1273 O  O   . ARG A 1 167 ? -15.329 -14.613 0.863   1.00 75.78  ? 251 ARG A O   1 
ATOM   1274 C  CB  . ARG A 1 167 ? -17.364 -12.203 0.517   1.00 76.53  ? 251 ARG A CB  1 
ATOM   1275 C  CG  . ARG A 1 167 ? -17.885 -10.993 -0.237  1.00 77.73  ? 251 ARG A CG  1 
ATOM   1276 C  CD  . ARG A 1 167 ? -18.003 -9.799  0.699   1.00 79.41  ? 251 ARG A CD  1 
ATOM   1277 N  NE  . ARG A 1 167 ? -16.712 -9.408  1.281   1.00 78.89  ? 251 ARG A NE  1 
ATOM   1278 C  CZ  . ARG A 1 167 ? -16.537 -8.983  2.534   1.00 77.54  ? 251 ARG A CZ  1 
ATOM   1279 N  NH1 . ARG A 1 167 ? -17.564 -8.899  3.386   1.00 76.09  ? 251 ARG A NH1 1 
ATOM   1280 N  NH2 . ARG A 1 167 ? -15.317 -8.645  2.936   1.00 76.17  ? 251 ARG A NH2 1 
ATOM   1281 N  N   . ARG A 1 168 ? -17.496 -15.334 0.852   1.00 74.18  ? 252 ARG A N   1 
ATOM   1282 C  CA  . ARG A 1 168 ? -17.272 -16.486 1.715   1.00 72.35  ? 252 ARG A CA  1 
ATOM   1283 C  C   . ARG A 1 168 ? -16.142 -17.343 1.164   1.00 71.15  ? 252 ARG A C   1 
ATOM   1284 O  O   . ARG A 1 168 ? -15.105 -17.469 1.811   1.00 70.54  ? 252 ARG A O   1 
ATOM   1285 C  CB  . ARG A 1 168 ? -18.562 -17.300 1.937   1.00 72.79  ? 252 ARG A CB  1 
ATOM   1286 C  CG  . ARG A 1 168 ? -19.529 -16.741 3.023   1.00 72.78  ? 252 ARG A CG  1 
ATOM   1287 C  CD  . ARG A 1 168 ? -20.420 -17.837 3.653   1.00 72.38  ? 252 ARG A CD  1 
ATOM   1288 N  NE  . ARG A 1 168 ? -19.782 -18.534 4.780   1.00 72.62  ? 252 ARG A NE  1 
ATOM   1289 C  CZ  . ARG A 1 168 ? -19.793 -18.106 6.051   1.00 72.31  ? 252 ARG A CZ  1 
ATOM   1290 N  NH1 . ARG A 1 168 ? -20.400 -16.970 6.379   1.00 71.62  ? 252 ARG A NH1 1 
ATOM   1291 N  NH2 . ARG A 1 168 ? -19.181 -18.806 7.007   1.00 70.70  ? 252 ARG A NH2 1 
ATOM   1292 N  N   . ILE A 1 169 ? -16.321 -17.885 -0.043  1.00 70.14  ? 253 ILE A N   1 
ATOM   1293 C  CA  . ILE A 1 169 ? -15.271 -18.685 -0.712  1.00 69.28  ? 253 ILE A CA  1 
ATOM   1294 C  C   . ILE A 1 169 ? -13.978 -17.885 -0.770  1.00 68.07  ? 253 ILE A C   1 
ATOM   1295 O  O   . ILE A 1 169 ? -12.877 -18.428 -0.572  1.00 67.69  ? 253 ILE A O   1 
ATOM   1296 C  CB  . ILE A 1 169 ? -15.652 -19.090 -2.175  1.00 69.81  ? 253 ILE A CB  1 
ATOM   1297 C  CG1 . ILE A 1 169 ? -17.095 -19.617 -2.260  1.00 71.18  ? 253 ILE A CG1 1 
ATOM   1298 C  CG2 . ILE A 1 169 ? -14.645 -20.102 -2.765  1.00 69.11  ? 253 ILE A CG2 1 
ATOM   1299 C  CD1 . ILE A 1 169 ? -17.424 -20.779 -1.280  1.00 73.58  ? 253 ILE A CD1 1 
ATOM   1300 N  N   . GLY A 1 170 ? -14.126 -16.588 -1.026  1.00 66.45  ? 254 GLY A N   1 
ATOM   1301 C  CA  . GLY A 1 170 ? -12.991 -15.686 -1.024  1.00 65.17  ? 254 GLY A CA  1 
ATOM   1302 C  C   . GLY A 1 170 ? -12.199 -15.740 0.267   1.00 64.11  ? 254 GLY A C   1 
ATOM   1303 O  O   . GLY A 1 170 ? -11.020 -16.134 0.262   1.00 64.29  ? 254 GLY A O   1 
ATOM   1304 N  N   . LEU A 1 171 ? -12.842 -15.363 1.377   1.00 62.56  ? 255 LEU A N   1 
ATOM   1305 C  CA  . LEU A 1 171 ? -12.152 -15.322 2.665   1.00 60.95  ? 255 LEU A CA  1 
ATOM   1306 C  C   . LEU A 1 171 ? -11.525 -16.663 2.986   1.00 60.49  ? 255 LEU A C   1 
ATOM   1307 O  O   . LEU A 1 171 ? -10.396 -16.731 3.484   1.00 60.48  ? 255 LEU A O   1 
ATOM   1308 C  CB  . LEU A 1 171 ? -13.071 -14.809 3.774   1.00 60.64  ? 255 LEU A CB  1 
ATOM   1309 C  CG  . LEU A 1 171 ? -13.373 -13.300 3.610   1.00 59.95  ? 255 LEU A CG  1 
ATOM   1310 C  CD1 . LEU A 1 171 ? -14.813 -12.869 4.022   1.00 59.42  ? 255 LEU A CD1 1 
ATOM   1311 C  CD2 . LEU A 1 171 ? -12.339 -12.447 4.314   1.00 56.66  ? 255 LEU A CD2 1 
ATOM   1312 N  N   . GLU A 1 172 ? -12.207 -17.737 2.626   1.00 59.75  ? 256 GLU A N   1 
ATOM   1313 C  CA  . GLU A 1 172 ? -11.679 -19.049 2.952   1.00 60.53  ? 256 GLU A CA  1 
ATOM   1314 C  C   . GLU A 1 172 ? -10.315 -19.260 2.314   1.00 59.62  ? 256 GLU A C   1 
ATOM   1315 O  O   . GLU A 1 172 ? -9.388  -19.710 2.984   1.00 59.12  ? 256 GLU A O   1 
ATOM   1316 C  CB  . GLU A 1 172 ? -12.672 -20.165 2.592   1.00 60.63  ? 256 GLU A CB  1 
ATOM   1317 C  CG  . GLU A 1 172 ? -14.022 -20.078 3.381   1.00 62.83  ? 256 GLU A CG  1 
ATOM   1318 C  CD  . GLU A 1 172 ? -15.057 -21.115 2.929   1.00 63.20  ? 256 GLU A CD  1 
ATOM   1319 O  OE1 . GLU A 1 172 ? -14.769 -22.334 3.029   1.00 66.86  ? 256 GLU A OE1 1 
ATOM   1320 O  OE2 . GLU A 1 172 ? -16.164 -20.712 2.485   1.00 66.46  ? 256 GLU A OE2 1 
ATOM   1321 N  N   . LYS A 1 173 ? -10.192 -18.904 1.030   1.00 59.30  ? 257 LYS A N   1 
ATOM   1322 C  CA  . LYS A 1 173 ? -8.941  -19.092 0.285   1.00 58.56  ? 257 LYS A CA  1 
ATOM   1323 C  C   . LYS A 1 173 ? -7.803  -18.265 0.882   1.00 57.85  ? 257 LYS A C   1 
ATOM   1324 O  O   . LYS A 1 173 ? -6.679  -18.781 1.088   1.00 57.52  ? 257 LYS A O   1 
ATOM   1325 C  CB  . LYS A 1 173 ? -9.114  -18.772 -1.193  1.00 59.09  ? 257 LYS A CB  1 
ATOM   1326 C  CG  . LYS A 1 173 ? -8.084  -19.476 -2.058  1.00 60.55  ? 257 LYS A CG  1 
ATOM   1327 C  CD  . LYS A 1 173 ? -8.220  -19.096 -3.548  1.00 64.54  ? 257 LYS A CD  1 
ATOM   1328 C  CE  . LYS A 1 173 ? -7.191  -19.867 -4.436  1.00 64.40  ? 257 LYS A CE  1 
ATOM   1329 N  NZ  . LYS A 1 173 ? -6.904  -19.200 -5.753  1.00 64.38  ? 257 LYS A NZ  1 
ATOM   1330 N  N   . VAL A 1 174 ? -8.094  -16.997 1.180   1.00 56.35  ? 258 VAL A N   1 
ATOM   1331 C  CA  . VAL A 1 174 ? -7.145  -16.166 1.928   1.00 55.45  ? 258 VAL A CA  1 
ATOM   1332 C  C   . VAL A 1 174 ? -6.626  -16.954 3.106   1.00 55.30  ? 258 VAL A C   1 
ATOM   1333 O  O   . VAL A 1 174 ? -5.405  -17.146 3.231   1.00 55.39  ? 258 VAL A O   1 
ATOM   1334 C  CB  . VAL A 1 174 ? -7.784  -14.861 2.439   1.00 55.54  ? 258 VAL A CB  1 
ATOM   1335 C  CG1 . VAL A 1 174 ? -6.909  -14.203 3.493   1.00 53.24  ? 258 VAL A CG1 1 
ATOM   1336 C  CG2 . VAL A 1 174 ? -8.076  -13.928 1.274   1.00 54.82  ? 258 VAL A CG2 1 
ATOM   1337 N  N   . ILE A 1 175 ? -7.554  -17.439 3.947   1.00 55.11  ? 259 ILE A N   1 
ATOM   1338 C  CA  . ILE A 1 175 ? -7.200  -18.241 5.127   1.00 54.63  ? 259 ILE A CA  1 
ATOM   1339 C  C   . ILE A 1 175 ? -6.383  -19.482 4.759   1.00 55.05  ? 259 ILE A C   1 
ATOM   1340 O  O   . ILE A 1 175 ? -5.417  -19.795 5.441   1.00 53.92  ? 259 ILE A O   1 
ATOM   1341 C  CB  . ILE A 1 175 ? -8.443  -18.627 5.955   1.00 54.62  ? 259 ILE A CB  1 
ATOM   1342 C  CG1 . ILE A 1 175 ? -9.126  -17.383 6.530   1.00 54.33  ? 259 ILE A CG1 1 
ATOM   1343 C  CG2 . ILE A 1 175 ? -8.078  -19.548 7.101   1.00 53.87  ? 259 ILE A CG2 1 
ATOM   1344 C  CD1 . ILE A 1 175 ? -10.569 -17.568 6.896   1.00 49.85  ? 259 ILE A CD1 1 
ATOM   1345 N  N   . ASN A 1 176 ? -6.759  -20.180 3.680   1.00 56.84  ? 260 ASN A N   1 
ATOM   1346 C  CA  . ASN A 1 176 ? -6.009  -21.377 3.244   1.00 58.99  ? 260 ASN A CA  1 
ATOM   1347 C  C   . ASN A 1 176 ? -4.569  -21.011 3.021   1.00 59.58  ? 260 ASN A C   1 
ATOM   1348 O  O   . ASN A 1 176 ? -3.673  -21.665 3.559   1.00 59.95  ? 260 ASN A O   1 
ATOM   1349 C  CB  . ASN A 1 176 ? -6.580  -22.014 1.966   1.00 59.67  ? 260 ASN A CB  1 
ATOM   1350 C  CG  . ASN A 1 176 ? -7.721  -22.987 2.249   1.00 62.62  ? 260 ASN A CG  1 
ATOM   1351 O  OD1 . ASN A 1 176 ? -7.734  -23.658 3.292   1.00 66.24  ? 260 ASN A OD1 1 
ATOM   1352 N  ND2 . ASN A 1 176 ? -8.688  -23.063 1.328   1.00 62.91  ? 260 ASN A ND2 1 
ATOM   1353 N  N   . VAL A 1 177 ? -4.361  -19.930 2.263   1.00 60.06  ? 261 VAL A N   1 
ATOM   1354 C  CA  . VAL A 1 177 ? -3.030  -19.477 1.929   1.00 60.53  ? 261 VAL A CA  1 
ATOM   1355 C  C   . VAL A 1 177 ? -2.255  -19.232 3.210   1.00 60.92  ? 261 VAL A C   1 
ATOM   1356 O  O   . VAL A 1 177 ? -1.302  -19.970 3.492   1.00 61.01  ? 261 VAL A O   1 
ATOM   1357 C  CB  . VAL A 1 177 ? -3.055  -18.226 1.026   1.00 61.26  ? 261 VAL A CB  1 
ATOM   1358 C  CG1 . VAL A 1 177 ? -1.669  -17.568 0.974   1.00 60.59  ? 261 VAL A CG1 1 
ATOM   1359 C  CG2 . VAL A 1 177 ? -3.588  -18.593 -0.398  1.00 60.48  ? 261 VAL A CG2 1 
ATOM   1360 N  N   . LEU A 1 178 ? -2.685  -18.247 4.005   1.00 61.12  ? 262 LEU A N   1 
ATOM   1361 C  CA  . LEU A 1 178 ? -1.952  -17.885 5.235   1.00 61.75  ? 262 LEU A CA  1 
ATOM   1362 C  C   . LEU A 1 178 ? -1.709  -19.032 6.229   1.00 62.37  ? 262 LEU A C   1 
ATOM   1363 O  O   . LEU A 1 178 ? -0.612  -19.125 6.793   1.00 62.53  ? 262 LEU A O   1 
ATOM   1364 C  CB  . LEU A 1 178 ? -2.622  -16.719 5.972   1.00 61.80  ? 262 LEU A CB  1 
ATOM   1365 C  CG  . LEU A 1 178 ? -2.630  -15.311 5.370   1.00 61.33  ? 262 LEU A CG  1 
ATOM   1366 C  CD1 . LEU A 1 178 ? -3.725  -14.473 6.033   1.00 58.95  ? 262 LEU A CD1 1 
ATOM   1367 C  CD2 . LEU A 1 178 ? -1.265  -14.644 5.467   1.00 57.29  ? 262 LEU A CD2 1 
ATOM   1368 N  N   . GLU A 1 179 ? -2.715  -19.889 6.459   1.00 63.23  ? 263 GLU A N   1 
ATOM   1369 C  CA  . GLU A 1 179 ? -2.577  -20.986 7.455   1.00 63.98  ? 263 GLU A CA  1 
ATOM   1370 C  C   . GLU A 1 179 ? -1.498  -21.959 7.053   1.00 63.77  ? 263 GLU A C   1 
ATOM   1371 O  O   . GLU A 1 179 ? -0.776  -22.452 7.908   1.00 63.85  ? 263 GLU A O   1 
ATOM   1372 C  CB  . GLU A 1 179 ? -3.888  -21.741 7.723   1.00 64.19  ? 263 GLU A CB  1 
ATOM   1373 C  CG  . GLU A 1 179 ? -4.768  -21.130 8.826   1.00 64.67  ? 263 GLU A CG  1 
ATOM   1374 C  CD  . GLU A 1 179 ? -6.181  -21.680 8.825   1.00 64.64  ? 263 GLU A CD  1 
ATOM   1375 O  OE1 . GLU A 1 179 ? -6.582  -22.274 7.797   1.00 62.41  ? 263 GLU A OE1 1 
ATOM   1376 O  OE2 . GLU A 1 179 ? -6.900  -21.499 9.843   1.00 67.59  ? 263 GLU A OE2 1 
ATOM   1377 N  N   . GLY A 1 180 ? -1.380  -22.201 5.744   1.00 63.88  ? 264 GLY A N   1 
ATOM   1378 C  CA  . GLY A 1 180 ? -0.291  -23.003 5.182   1.00 63.66  ? 264 GLY A CA  1 
ATOM   1379 C  C   . GLY A 1 180 ? 1.092   -22.456 5.477   1.00 63.89  ? 264 GLY A C   1 
ATOM   1380 O  O   . GLY A 1 180 ? 2.080   -23.058 5.097   1.00 63.74  ? 264 GLY A O   1 
ATOM   1381 N  N   . GLN A 1 181 ? 1.160   -21.301 6.132   1.00 64.51  ? 265 GLN A N   1 
ATOM   1382 C  CA  . GLN A 1 181 ? 2.422   -20.739 6.595   1.00 65.12  ? 265 GLN A CA  1 
ATOM   1383 C  C   . GLN A 1 181 ? 2.623   -20.992 8.073   1.00 65.55  ? 265 GLN A C   1 
ATOM   1384 O  O   . GLN A 1 181 ? 3.753   -21.214 8.516   1.00 65.45  ? 265 GLN A O   1 
ATOM   1385 C  CB  . GLN A 1 181 ? 2.470   -19.232 6.357   1.00 65.79  ? 265 GLN A CB  1 
ATOM   1386 C  CG  . GLN A 1 181 ? 2.533   -18.818 4.891   1.00 66.24  ? 265 GLN A CG  1 
ATOM   1387 C  CD  . GLN A 1 181 ? 3.700   -19.472 4.169   1.00 66.71  ? 265 GLN A CD  1 
ATOM   1388 O  OE1 . GLN A 1 181 ? 4.857   -19.343 4.593   1.00 67.26  ? 265 GLN A OE1 1 
ATOM   1389 N  NE2 . GLN A 1 181 ? 3.402   -20.185 3.076   1.00 63.97  ? 265 GLN A NE2 1 
ATOM   1390 N  N   . VAL A 1 182 ? 1.538   -20.942 8.851   1.00 65.64  ? 266 VAL A N   1 
ATOM   1391 C  CA  . VAL A 1 182 ? 1.672   -21.191 10.281  1.00 65.96  ? 266 VAL A CA  1 
ATOM   1392 C  C   . VAL A 1 182 ? 1.735   -22.688 10.602  1.00 65.88  ? 266 VAL A C   1 
ATOM   1393 O  O   . VAL A 1 182 ? 2.723   -23.184 11.162  1.00 66.34  ? 266 VAL A O   1 
ATOM   1394 C  CB  . VAL A 1 182 ? 0.627   -20.426 11.151  1.00 66.23  ? 266 VAL A CB  1 
ATOM   1395 C  CG1 . VAL A 1 182 ? -0.797  -20.793 10.783  1.00 66.39  ? 266 VAL A CG1 1 
ATOM   1396 C  CG2 . VAL A 1 182 ? 0.890   -20.692 12.622  1.00 66.12  ? 266 VAL A CG2 1 
ATOM   1397 N  N   . PHE A 1 183 ? 0.688   -23.408 10.239  1.00 65.67  ? 267 PHE A N   1 
ATOM   1398 C  CA  . PHE A 1 183 ? 0.668   -24.845 10.435  1.00 65.33  ? 267 PHE A CA  1 
ATOM   1399 C  C   . PHE A 1 183 ? 1.509   -25.471 9.316   1.00 65.92  ? 267 PHE A C   1 
ATOM   1400 O  O   . PHE A 1 183 ? 0.998   -25.869 8.255   1.00 65.86  ? 267 PHE A O   1 
ATOM   1401 C  CB  . PHE A 1 183 ? -0.778  -25.365 10.446  1.00 64.88  ? 267 PHE A CB  1 
ATOM   1402 C  CG  . PHE A 1 183 ? -1.733  -24.506 11.242  1.00 62.78  ? 267 PHE A CG  1 
ATOM   1403 C  CD1 . PHE A 1 183 ? -1.632  -24.420 12.619  1.00 63.10  ? 267 PHE A CD1 1 
ATOM   1404 C  CD2 . PHE A 1 183 ? -2.727  -23.802 10.617  1.00 62.11  ? 267 PHE A CD2 1 
ATOM   1405 C  CE1 . PHE A 1 183 ? -2.508  -23.631 13.362  1.00 63.26  ? 267 PHE A CE1 1 
ATOM   1406 C  CE2 . PHE A 1 183 ? -3.618  -23.010 11.353  1.00 64.11  ? 267 PHE A CE2 1 
ATOM   1407 C  CZ  . PHE A 1 183 ? -3.504  -22.917 12.727  1.00 63.00  ? 267 PHE A CZ  1 
ATOM   1408 O  OXT . PHE A 1 183 ? 2.747   -25.559 9.451   1.00 66.04  ? 267 PHE A OXT 1 
ATOM   1409 N  N   . TYR B 2 1   ? -15.663 -5.306  13.691  1.00 103.64 ? 156 TYR B N   1 
ATOM   1410 C  CA  . TYR B 2 1   ? -15.996 -4.431  12.526  1.00 103.88 ? 156 TYR B CA  1 
ATOM   1411 C  C   . TYR B 2 1   ? -17.457 -3.962  12.437  1.00 103.93 ? 156 TYR B C   1 
ATOM   1412 O  O   . TYR B 2 1   ? -18.349 -4.629  12.985  1.00 104.24 ? 156 TYR B O   1 
ATOM   1413 C  CB  . TYR B 2 1   ? -15.580 -5.102  11.213  1.00 103.88 ? 156 TYR B CB  1 
ATOM   1414 C  CG  . TYR B 2 1   ? -14.226 -4.627  10.801  1.00 104.15 ? 156 TYR B CG  1 
ATOM   1415 C  CD1 . TYR B 2 1   ? -14.042 -3.310  10.359  1.00 104.17 ? 156 TYR B CD1 1 
ATOM   1416 C  CD2 . TYR B 2 1   ? -13.115 -5.454  10.907  1.00 104.09 ? 156 TYR B CD2 1 
ATOM   1417 C  CE1 . TYR B 2 1   ? -12.798 -2.841  10.013  1.00 103.66 ? 156 TYR B CE1 1 
ATOM   1418 C  CE2 . TYR B 2 1   ? -11.857 -4.990  10.558  1.00 104.16 ? 156 TYR B CE2 1 
ATOM   1419 C  CZ  . TYR B 2 1   ? -11.711 -3.683  10.114  1.00 103.63 ? 156 TYR B CZ  1 
ATOM   1420 O  OH  . TYR B 2 1   ? -10.474 -3.218  9.776   1.00 103.78 ? 156 TYR B OH  1 
ATOM   1421 N  N   . PRO B 2 2   ? -17.705 -2.794  11.782  1.00 103.58 ? 157 PRO B N   1 
ATOM   1422 C  CA  . PRO B 2 2   ? -19.094 -2.457  11.371  1.00 103.01 ? 157 PRO B CA  1 
ATOM   1423 C  C   . PRO B 2 2   ? -19.678 -3.442  10.310  1.00 102.24 ? 157 PRO B C   1 
ATOM   1424 O  O   . PRO B 2 2   ? -19.639 -3.161  9.104   1.00 102.26 ? 157 PRO B O   1 
ATOM   1425 C  CB  . PRO B 2 2   ? -18.969 -1.017  10.821  1.00 103.14 ? 157 PRO B CB  1 
ATOM   1426 C  CG  . PRO B 2 2   ? -17.493 -0.829  10.495  1.00 103.42 ? 157 PRO B CG  1 
ATOM   1427 C  CD  . PRO B 2 2   ? -16.743 -1.711  11.462  1.00 103.50 ? 157 PRO B CD  1 
ATOM   1428 N  N   . GLY B 2 3   ? -20.213 -4.581  10.769  1.00 101.13 ? 158 GLY B N   1 
ATOM   1429 C  CA  . GLY B 2 3   ? -20.628 -5.684  9.876   1.00 99.64  ? 158 GLY B CA  1 
ATOM   1430 C  C   . GLY B 2 3   ? -19.441 -6.390  9.205   1.00 98.57  ? 158 GLY B C   1 
ATOM   1431 O  O   . GLY B 2 3   ? -18.387 -6.625  9.839   1.00 98.41  ? 158 GLY B O   1 
ATOM   1432 N  N   . GLY B 2 4   ? -19.608 -6.744  7.927   1.00 97.06  ? 159 GLY B N   1 
ATOM   1433 C  CA  . GLY B 2 4   ? -18.486 -7.193  7.092   1.00 95.07  ? 159 GLY B CA  1 
ATOM   1434 C  C   . GLY B 2 4   ? -17.628 -6.038  6.559   1.00 93.68  ? 159 GLY B C   1 
ATOM   1435 O  O   . GLY B 2 4   ? -16.531 -6.268  6.037   1.00 93.29  ? 159 GLY B O   1 
ATOM   1436 N  N   . SER B 2 5   ? -18.127 -4.801  6.722   1.00 92.28  ? 160 SER B N   1 
ATOM   1437 C  CA  . SER B 2 5   ? -17.548 -3.570  6.138   1.00 90.45  ? 160 SER B CA  1 
ATOM   1438 C  C   . SER B 2 5   ? -16.085 -3.302  6.472   1.00 89.16  ? 160 SER B C   1 
ATOM   1439 O  O   . SER B 2 5   ? -15.669 -3.360  7.640   1.00 89.23  ? 160 SER B O   1 
ATOM   1440 C  CB  . SER B 2 5   ? -18.383 -2.337  6.492   1.00 90.59  ? 160 SER B CB  1 
ATOM   1441 O  OG  . SER B 2 5   ? -19.268 -2.020  5.440   1.00 90.39  ? 160 SER B OG  1 
ATOM   1442 N  N   . PHE B 2 6   ? -15.340 -2.976  5.413   1.00 87.17  ? 161 PHE B N   1 
ATOM   1443 C  CA  . PHE B 2 6   ? -13.878 -2.809  5.418   1.00 84.87  ? 161 PHE B CA  1 
ATOM   1444 C  C   . PHE B 2 6   ? -13.420 -2.021  4.173   1.00 83.80  ? 161 PHE B C   1 
ATOM   1445 O  O   . PHE B 2 6   ? -13.213 -2.593  3.089   1.00 83.50  ? 161 PHE B O   1 
ATOM   1446 C  CB  . PHE B 2 6   ? -13.191 -4.183  5.472   1.00 84.06  ? 161 PHE B CB  1 
ATOM   1447 C  CG  . PHE B 2 6   ? -11.699 -4.123  5.425   1.00 82.65  ? 161 PHE B CG  1 
ATOM   1448 C  CD1 . PHE B 2 6   ? -10.961 -3.958  6.595   1.00 81.33  ? 161 PHE B CD1 1 
ATOM   1449 C  CD2 . PHE B 2 6   ? -11.025 -4.246  4.221   1.00 81.18  ? 161 PHE B CD2 1 
ATOM   1450 C  CE1 . PHE B 2 6   ? -9.574  -3.916  6.569   1.00 79.63  ? 161 PHE B CE1 1 
ATOM   1451 C  CE2 . PHE B 2 6   ? -9.640  -4.193  4.183   1.00 80.57  ? 161 PHE B CE2 1 
ATOM   1452 C  CZ  . PHE B 2 6   ? -8.913  -4.032  5.362   1.00 80.80  ? 161 PHE B CZ  1 
ATOM   1453 N  N   . ASP B 2 7   ? -13.300 -0.707  4.331   1.00 82.26  ? 162 ASP B N   1 
ATOM   1454 C  CA  . ASP B 2 7   ? -12.711 0.142   3.304   1.00 80.89  ? 162 ASP B CA  1 
ATOM   1455 C  C   . ASP B 2 7   ? -11.852 1.158   4.018   1.00 79.77  ? 162 ASP B C   1 
ATOM   1456 O  O   . ASP B 2 7   ? -12.253 2.303   4.163   1.00 80.09  ? 162 ASP B O   1 
ATOM   1457 C  CB  . ASP B 2 7   ? -13.787 0.841   2.463   1.00 80.77  ? 162 ASP B CB  1 
ATOM   1458 C  CG  . ASP B 2 7   ? -13.239 1.434   1.165   1.00 80.88  ? 162 ASP B CG  1 
ATOM   1459 O  OD1 . ASP B 2 7   ? -12.114 1.068   0.751   1.00 78.54  ? 162 ASP B OD1 1 
ATOM   1460 O  OD2 . ASP B 2 7   ? -13.956 2.263   0.545   1.00 81.06  ? 162 ASP B OD2 1 
ATOM   1461 N  N   . PRO B 2 8   ? -10.674 0.742   4.503   1.00 78.64  ? 163 PRO B N   1 
ATOM   1462 C  CA  . PRO B 2 8   ? -9.847  1.740   5.145   1.00 78.15  ? 163 PRO B CA  1 
ATOM   1463 C  C   . PRO B 2 8   ? -9.236  2.685   4.112   1.00 77.70  ? 163 PRO B C   1 
ATOM   1464 O  O   . PRO B 2 8   ? -8.835  3.795   4.464   1.00 77.58  ? 163 PRO B O   1 
ATOM   1465 C  CB  . PRO B 2 8   ? -8.773  0.907   5.844   1.00 77.83  ? 163 PRO B CB  1 
ATOM   1466 C  CG  . PRO B 2 8   ? -8.658  -0.297  5.025   1.00 78.20  ? 163 PRO B CG  1 
ATOM   1467 C  CD  . PRO B 2 8   ? -10.039 -0.583  4.520   1.00 78.52  ? 163 PRO B CD  1 
ATOM   1468 N  N   . LEU B 2 9   ? -9.202  2.251   2.851   1.00 77.21  ? 164 LEU B N   1 
ATOM   1469 C  CA  . LEU B 2 9   ? -8.643  3.044   1.766   1.00 76.97  ? 164 LEU B CA  1 
ATOM   1470 C  C   . LEU B 2 9   ? -9.566  4.172   1.323   1.00 77.76  ? 164 LEU B C   1 
ATOM   1471 O  O   . LEU B 2 9   ? -9.149  5.320   1.286   1.00 77.87  ? 164 LEU B O   1 
ATOM   1472 C  CB  . LEU B 2 9   ? -8.253  2.160   0.582   1.00 76.30  ? 164 LEU B CB  1 
ATOM   1473 C  CG  . LEU B 2 9   ? -7.165  1.113   0.812   1.00 74.03  ? 164 LEU B CG  1 
ATOM   1474 C  CD1 . LEU B 2 9   ? -7.083  0.250   -0.383  1.00 72.75  ? 164 LEU B CD1 1 
ATOM   1475 C  CD2 . LEU B 2 9   ? -5.813  1.723   1.105   1.00 72.17  ? 164 LEU B CD2 1 
ATOM   1476 N  N   . GLY B 2 10  ? -10.816 3.854   0.997   1.00 78.64  ? 165 GLY B N   1 
ATOM   1477 C  CA  . GLY B 2 10  ? -11.786 4.875   0.586   1.00 79.43  ? 165 GLY B CA  1 
ATOM   1478 C  C   . GLY B 2 10  ? -12.414 4.606   -0.773  1.00 80.28  ? 165 GLY B C   1 
ATOM   1479 O  O   . GLY B 2 10  ? -13.090 5.475   -1.344  1.00 80.24  ? 165 GLY B O   1 
ATOM   1480 N  N   . LEU B 2 11  ? -12.224 3.386   -1.276  1.00 80.86  ? 166 LEU B N   1 
ATOM   1481 C  CA  . LEU B 2 11  ? -12.642 3.020   -2.627  1.00 81.43  ? 166 LEU B CA  1 
ATOM   1482 C  C   . LEU B 2 11  ? -14.171 2.908   -2.840  1.00 82.19  ? 166 LEU B C   1 
ATOM   1483 O  O   . LEU B 2 11  ? -14.624 2.132   -3.692  1.00 82.39  ? 166 LEU B O   1 
ATOM   1484 C  CB  . LEU B 2 11  ? -11.958 1.716   -3.043  1.00 81.15  ? 166 LEU B CB  1 
ATOM   1485 C  CG  . LEU B 2 11  ? -10.666 1.297   -2.343  1.00 80.72  ? 166 LEU B CG  1 
ATOM   1486 C  CD1 . LEU B 2 11  ? -10.493 -0.202  -2.503  1.00 78.99  ? 166 LEU B CD1 1 
ATOM   1487 C  CD2 . LEU B 2 11  ? -9.445  2.054   -2.861  1.00 79.45  ? 166 LEU B CD2 1 
ATOM   1488 N  N   . ALA B 2 12  ? -14.963 3.672   -2.080  1.00 83.04  ? 167 ALA B N   1 
ATOM   1489 C  CA  . ALA B 2 12  ? -16.426 3.738   -2.286  1.00 83.30  ? 167 ALA B CA  1 
ATOM   1490 C  C   . ALA B 2 12  ? -17.036 5.014   -1.703  1.00 83.64  ? 167 ALA B C   1 
ATOM   1491 O  O   . ALA B 2 12  ? -18.215 5.306   -1.929  1.00 83.98  ? 167 ALA B O   1 
ATOM   1492 C  CB  . ALA B 2 12  ? -17.127 2.498   -1.714  1.00 83.21  ? 167 ALA B CB  1 
HETATM 1493 CL CL  . CL  C 3 .   ? -6.761  -11.515 -5.762  1.00 78.18  ? 1   CL  A CL  1 
HETATM 1494 O  O   . HOH D 4 .   ? 13.080  4.604   -7.279  1.00 57.31  ? 268 HOH A O   1 
HETATM 1495 O  O   . HOH D 4 .   ? -3.865  -19.887 14.459  1.00 38.78  ? 269 HOH A O   1 
HETATM 1496 O  O   . HOH D 4 .   ? 17.675  9.540   -14.618 1.00 63.64  ? 270 HOH A O   1 
HETATM 1497 O  O   . HOH D 4 .   ? -4.196  10.686  -5.589  1.00 77.84  ? 271 HOH A O   1 
HETATM 1498 O  O   . HOH D 4 .   ? 7.510   -2.680  -16.647 1.00 61.99  ? 272 HOH A O   1 
HETATM 1499 O  O   . HOH D 4 .   ? 18.626  11.880  -13.416 1.00 56.37  ? 273 HOH A O   1 
HETATM 1500 O  O   . HOH D 4 .   ? 12.103  -0.428  0.903   1.00 57.74  ? 274 HOH A O   1 
HETATM 1501 O  O   . HOH D 4 .   ? 4.384   6.845   7.058   1.00 56.11  ? 275 HOH A O   1 
# 
loop_
_pdbx_poly_seq_scheme.asym_id 
_pdbx_poly_seq_scheme.entity_id 
_pdbx_poly_seq_scheme.seq_id 
_pdbx_poly_seq_scheme.mon_id 
_pdbx_poly_seq_scheme.ndb_seq_num 
_pdbx_poly_seq_scheme.pdb_seq_num 
_pdbx_poly_seq_scheme.auth_seq_num 
_pdbx_poly_seq_scheme.pdb_mon_id 
_pdbx_poly_seq_scheme.auth_mon_id 
_pdbx_poly_seq_scheme.pdb_strand_id 
_pdbx_poly_seq_scheme.pdb_ins_code 
_pdbx_poly_seq_scheme.hetero 
A 1 1   GLU 1   85  85  GLU GLU A . n 
A 1 2   VAL 2   86  86  VAL VAL A . n 
A 1 3   ASN 3   87  87  ASN ASN A . n 
A 1 4   LYS 4   88  88  LYS LYS A . n 
A 1 5   ILE 5   89  89  ILE ILE A . n 
A 1 6   ILE 6   90  90  ILE ILE A . n 
A 1 7   GLY 7   91  91  GLY GLY A . n 
A 1 8   SER 8   92  92  SER SER A . n 
A 1 9   ARG 9   93  93  ARG ARG A . n 
A 1 10  THR 10  94  94  THR THR A . n 
A 1 11  ALA 11  95  95  ALA ALA A . n 
A 1 12  GLY 12  96  96  GLY GLY A . n 
A 1 13  GLU 13  97  97  GLU GLU A . n 
A 1 14  GLY 14  98  98  GLY GLY A . n 
A 1 15  ALA 15  99  99  ALA ALA A . n 
A 1 16  MET 16  100 100 MET MET A . n 
A 1 17  GLU 17  101 101 GLU GLU A . n 
A 1 18  TYR 18  102 102 TYR TYR A . n 
A 1 19  LEU 19  103 103 LEU LEU A . n 
A 1 20  ILE 20  104 104 ILE ILE A . n 
A 1 21  GLU 21  105 105 GLU GLU A . n 
A 1 22  TRP 22  106 106 TRP TRP A . n 
A 1 23  LYS 23  107 107 LYS LYS A . n 
A 1 24  ASP 24  108 108 ASP ASP A . n 
A 1 25  GLY 25  109 109 GLY GLY A . n 
A 1 26  HIS 26  110 110 HIS HIS A . n 
A 1 27  SER 27  111 111 SER SER A . n 
A 1 28  PRO 28  112 112 PRO PRO A . n 
A 1 29  SER 29  113 113 SER SER A . n 
A 1 30  TRP 30  114 114 TRP TRP A . n 
A 1 31  VAL 31  115 115 VAL VAL A . n 
A 1 32  PRO 32  116 116 PRO PRO A . n 
A 1 33  SER 33  117 117 SER SER A . n 
A 1 34  SER 34  118 118 SER SER A . n 
A 1 35  TYR 35  119 119 TYR TYR A . n 
A 1 36  ILE 36  120 120 ILE ILE A . n 
A 1 37  ALA 37  121 121 ALA ALA A . n 
A 1 38  ALA 38  122 122 ALA ALA A . n 
A 1 39  ASP 39  123 123 ASP ASP A . n 
A 1 40  VAL 40  124 124 VAL VAL A . n 
A 1 41  VAL 41  125 125 VAL VAL A . n 
A 1 42  SER 42  126 126 SER SER A . n 
A 1 43  GLU 43  127 127 GLU GLU A . n 
A 1 44  TYR 44  128 128 TYR TYR A . n 
A 1 45  GLU 45  129 129 GLU GLU A . n 
A 1 46  THR 46  130 130 THR THR A . n 
A 1 47  PRO 47  131 131 PRO PRO A . n 
A 1 48  TRP 48  132 132 TRP TRP A . n 
A 1 49  TRP 49  133 133 TRP TRP A . n 
A 1 50  THR 50  134 134 THR THR A . n 
A 1 51  ALA 51  135 135 ALA ALA A . n 
A 1 52  ALA 52  136 136 ALA ALA A . n 
A 1 53  ARG 53  137 137 ARG ARG A . n 
A 1 54  LYS 54  138 138 LYS LYS A . n 
A 1 55  ALA 55  139 139 ALA ALA A . n 
A 1 56  ASP 56  140 140 ASP ASP A . n 
A 1 57  GLU 57  141 141 GLU GLU A . n 
A 1 58  GLN 58  142 142 GLN GLN A . n 
A 1 59  ALA 59  143 143 ALA ALA A . n 
A 1 60  LEU 60  144 144 LEU LEU A . n 
A 1 61  SER 61  145 145 SER SER A . n 
A 1 62  GLN 62  146 146 GLN GLN A . n 
A 1 63  LEU 63  147 147 LEU LEU A . n 
A 1 64  LEU 64  148 148 LEU LEU A . n 
A 1 65  GLU 65  149 149 GLU GLU A . n 
A 1 66  ASP 66  150 150 ASP ASP A . n 
A 1 67  ARG 67  151 151 ARG ARG A . n 
A 1 68  ASP 68  152 152 ASP ASP A . n 
A 1 69  VAL 69  153 153 VAL VAL A . n 
A 1 70  ASP 70  154 154 ASP ASP A . n 
A 1 71  ALA 71  155 155 ALA ALA A . n 
A 1 72  VAL 72  156 156 VAL VAL A . n 
A 1 73  ASP 73  157 157 ASP ASP A . n 
A 1 74  GLU 74  158 158 GLU GLU A . n 
A 1 75  ASN 75  159 159 ASN ASN A . n 
A 1 76  GLY 76  160 160 GLY GLY A . n 
A 1 77  ARG 77  161 161 ARG ARG A . n 
A 1 78  THR 78  162 162 THR THR A . n 
A 1 79  ALA 79  163 163 ALA ALA A . n 
A 1 80  LEU 80  164 164 LEU LEU A . n 
A 1 81  LEU 81  165 165 LEU LEU A . n 
A 1 82  PHE 82  166 166 PHE PHE A . n 
A 1 83  VAL 83  167 167 VAL VAL A . n 
A 1 84  ALA 84  168 168 ALA ALA A . n 
A 1 85  GLY 85  169 169 GLY GLY A . n 
A 1 86  LEU 86  170 170 LEU LEU A . n 
A 1 87  GLY 87  171 171 GLY GLY A . n 
A 1 88  SER 88  172 172 SER SER A . n 
A 1 89  ASP 89  173 173 ASP ASP A . n 
A 1 90  LYS 90  174 174 LYS LYS A . n 
A 1 91  CYS 91  175 175 CYS CYS A . n 
A 1 92  VAL 92  176 176 VAL VAL A . n 
A 1 93  ARG 93  177 177 ARG ARG A . n 
A 1 94  LEU 94  178 178 LEU LEU A . n 
A 1 95  LEU 95  179 179 LEU LEU A . n 
A 1 96  ALA 96  180 180 ALA ALA A . n 
A 1 97  GLU 97  181 181 GLU GLU A . n 
A 1 98  ALA 98  182 182 ALA ALA A . n 
A 1 99  GLY 99  183 183 GLY GLY A . n 
A 1 100 ALA 100 184 184 ALA ALA A . n 
A 1 101 ASP 101 185 185 ASP ASP A . n 
A 1 102 LEU 102 186 186 LEU LEU A . n 
A 1 103 ASP 103 187 187 ASP ASP A . n 
A 1 104 HIS 104 188 188 HIS HIS A . n 
A 1 105 ARG 105 189 189 ARG ARG A . n 
A 1 106 ASP 106 190 190 ASP ASP A . n 
A 1 107 MET 107 191 191 MET MET A . n 
A 1 108 ARG 108 192 192 ARG ARG A . n 
A 1 109 GLY 109 193 193 GLY GLY A . n 
A 1 110 GLY 110 194 194 GLY GLY A . n 
A 1 111 LEU 111 195 195 LEU LEU A . n 
A 1 112 THR 112 196 196 THR THR A . n 
A 1 113 ALA 113 197 197 ALA ALA A . n 
A 1 114 LEU 114 198 198 LEU LEU A . n 
A 1 115 HIS 115 199 199 HIS HIS A . n 
A 1 116 MET 116 200 200 MET MET A . n 
A 1 117 ALA 117 201 201 ALA ALA A . n 
A 1 118 ALA 118 202 202 ALA ALA A . n 
A 1 119 GLY 119 203 203 GLY GLY A . n 
A 1 120 TYR 120 204 204 TYR TYR A . n 
A 1 121 VAL 121 205 205 VAL VAL A . n 
A 1 122 ARG 122 206 206 ARG ARG A . n 
A 1 123 PRO 123 207 207 PRO PRO A . n 
A 1 124 GLU 124 208 208 GLU GLU A . n 
A 1 125 VAL 125 209 209 VAL VAL A . n 
A 1 126 VAL 126 210 210 VAL VAL A . n 
A 1 127 GLU 127 211 211 GLU GLU A . n 
A 1 128 ALA 128 212 212 ALA ALA A . n 
A 1 129 LEU 129 213 213 LEU LEU A . n 
A 1 130 VAL 130 214 214 VAL VAL A . n 
A 1 131 GLU 131 215 215 GLU GLU A . n 
A 1 132 LEU 132 216 216 LEU LEU A . n 
A 1 133 GLY 133 217 217 GLY GLY A . n 
A 1 134 ALA 134 218 218 ALA ALA A . n 
A 1 135 ASP 135 219 219 ASP ASP A . n 
A 1 136 ILE 136 220 220 ILE ILE A . n 
A 1 137 GLU 137 221 221 GLU GLU A . n 
A 1 138 VAL 138 222 222 VAL VAL A . n 
A 1 139 GLU 139 223 223 GLU GLU A . n 
A 1 140 ASP 140 224 224 ASP ASP A . n 
A 1 141 GLU 141 225 225 GLU GLU A . n 
A 1 142 ARG 142 226 226 ARG ARG A . n 
A 1 143 GLY 143 227 227 GLY GLY A . n 
A 1 144 LEU 144 228 228 LEU LEU A . n 
A 1 145 THR 145 229 229 THR THR A . n 
A 1 146 ALA 146 230 230 ALA ALA A . n 
A 1 147 LEU 147 231 231 LEU LEU A . n 
A 1 148 GLU 148 232 232 GLU GLU A . n 
A 1 149 LEU 149 233 233 LEU LEU A . n 
A 1 150 ALA 150 234 234 ALA ALA A . n 
A 1 151 ARG 151 235 235 ARG ARG A . n 
A 1 152 GLU 152 236 236 GLU GLU A . n 
A 1 153 ILE 153 237 237 ILE ILE A . n 
A 1 154 LEU 154 238 238 LEU LEU A . n 
A 1 155 LYS 155 239 239 LYS LYS A . n 
A 1 156 THR 156 240 240 THR THR A . n 
A 1 157 THR 157 241 241 THR THR A . n 
A 1 158 PRO 158 242 242 PRO PRO A . n 
A 1 159 LYS 159 243 243 LYS LYS A . n 
A 1 160 GLY 160 244 244 GLY GLY A . n 
A 1 161 ASN 161 245 245 ASN ASN A . n 
A 1 162 PRO 162 246 246 PRO PRO A . n 
A 1 163 MET 163 247 247 MET MET A . n 
A 1 164 GLN 164 248 248 GLN GLN A . n 
A 1 165 PHE 165 249 249 PHE PHE A . n 
A 1 166 GLY 166 250 250 GLY GLY A . n 
A 1 167 ARG 167 251 251 ARG ARG A . n 
A 1 168 ARG 168 252 252 ARG ARG A . n 
A 1 169 ILE 169 253 253 ILE ILE A . n 
A 1 170 GLY 170 254 254 GLY GLY A . n 
A 1 171 LEU 171 255 255 LEU LEU A . n 
A 1 172 GLU 172 256 256 GLU GLU A . n 
A 1 173 LYS 173 257 257 LYS LYS A . n 
A 1 174 VAL 174 258 258 VAL VAL A . n 
A 1 175 ILE 175 259 259 ILE ILE A . n 
A 1 176 ASN 176 260 260 ASN ASN A . n 
A 1 177 VAL 177 261 261 VAL VAL A . n 
A 1 178 LEU 178 262 262 LEU LEU A . n 
A 1 179 GLU 179 263 263 GLU GLU A . n 
A 1 180 GLY 180 264 264 GLY GLY A . n 
A 1 181 GLN 181 265 265 GLN GLN A . n 
A 1 182 VAL 182 266 266 VAL VAL A . n 
A 1 183 PHE 183 267 267 PHE PHE A . n 
B 2 1   TYR 1   156 156 TYR TYR B . n 
B 2 2   PRO 2   157 157 PRO PRO B . n 
B 2 3   GLY 3   158 158 GLY GLY B . n 
B 2 4   GLY 4   159 159 GLY GLY B . n 
B 2 5   SER 5   160 160 SER SER B . n 
B 2 6   PHE 6   161 161 PHE PHE B . n 
B 2 7   ASP 7   162 162 ASP ASP B . n 
B 2 8   PRO 8   163 163 PRO PRO B . n 
B 2 9   LEU 9   164 164 LEU LEU B . n 
B 2 10  GLY 10  165 165 GLY GLY B . n 
B 2 11  LEU 11  166 166 LEU LEU B . n 
B 2 12  ALA 12  167 167 ALA ALA B . n 
# 
loop_
_pdbx_nonpoly_scheme.asym_id 
_pdbx_nonpoly_scheme.entity_id 
_pdbx_nonpoly_scheme.mon_id 
_pdbx_nonpoly_scheme.ndb_seq_num 
_pdbx_nonpoly_scheme.pdb_seq_num 
_pdbx_nonpoly_scheme.auth_seq_num 
_pdbx_nonpoly_scheme.pdb_mon_id 
_pdbx_nonpoly_scheme.auth_mon_id 
_pdbx_nonpoly_scheme.pdb_strand_id 
_pdbx_nonpoly_scheme.pdb_ins_code 
C 3 CL  1 1   1 CL  CL  A . 
D 4 HOH 1 268 1 HOH HOH A . 
D 4 HOH 2 269 2 HOH HOH A . 
D 4 HOH 3 270 3 HOH HOH A . 
D 4 HOH 4 271 4 HOH HOH A . 
D 4 HOH 5 272 5 HOH HOH A . 
D 4 HOH 6 273 6 HOH HOH A . 
D 4 HOH 7 274 7 HOH HOH A . 
D 4 HOH 8 275 8 HOH HOH A . 
# 
_pdbx_struct_assembly.id                   1 
_pdbx_struct_assembly.details              author_and_software_defined_assembly 
_pdbx_struct_assembly.method_details       PISA 
_pdbx_struct_assembly.oligomeric_details   dimeric 
_pdbx_struct_assembly.oligomeric_count     2 
# 
_pdbx_struct_assembly_gen.assembly_id       1 
_pdbx_struct_assembly_gen.oper_expression   1 
_pdbx_struct_assembly_gen.asym_id_list      A,B,C,D 
# 
loop_
_pdbx_struct_assembly_prop.biol_id 
_pdbx_struct_assembly_prop.type 
_pdbx_struct_assembly_prop.value 
_pdbx_struct_assembly_prop.details 
1 'ABSA (A^2)' 1150  ? 
1 MORE         -17   ? 
1 'SSA (A^2)'  10120 ? 
# 
_pdbx_struct_oper_list.id                   1 
_pdbx_struct_oper_list.type                 'identity operation' 
_pdbx_struct_oper_list.name                 1_555 
_pdbx_struct_oper_list.symmetry_operation   x,y,z 
_pdbx_struct_oper_list.matrix[1][1]         1.0000000000 
_pdbx_struct_oper_list.matrix[1][2]         0.0000000000 
_pdbx_struct_oper_list.matrix[1][3]         0.0000000000 
_pdbx_struct_oper_list.vector[1]            0.0000000000 
_pdbx_struct_oper_list.matrix[2][1]         0.0000000000 
_pdbx_struct_oper_list.matrix[2][2]         1.0000000000 
_pdbx_struct_oper_list.matrix[2][3]         0.0000000000 
_pdbx_struct_oper_list.vector[2]            0.0000000000 
_pdbx_struct_oper_list.matrix[3][1]         0.0000000000 
_pdbx_struct_oper_list.matrix[3][2]         0.0000000000 
_pdbx_struct_oper_list.matrix[3][3]         1.0000000000 
_pdbx_struct_oper_list.vector[3]            0.0000000000 
# 
loop_
_pdbx_audit_revision_history.ordinal 
_pdbx_audit_revision_history.data_content_type 
_pdbx_audit_revision_history.major_revision 
_pdbx_audit_revision_history.minor_revision 
_pdbx_audit_revision_history.revision_date 
1 'Structure model' 1 0 2008-08-12 
2 'Structure model' 1 1 2011-07-13 
3 'Structure model' 1 2 2023-11-01 
# 
_pdbx_audit_revision_details.ordinal             1 
_pdbx_audit_revision_details.revision_ordinal    1 
_pdbx_audit_revision_details.data_content_type   'Structure model' 
_pdbx_audit_revision_details.provider            repository 
_pdbx_audit_revision_details.type                'Initial release' 
_pdbx_audit_revision_details.description         ? 
_pdbx_audit_revision_details.details             ? 
# 
loop_
_pdbx_audit_revision_group.ordinal 
_pdbx_audit_revision_group.revision_ordinal 
_pdbx_audit_revision_group.data_content_type 
_pdbx_audit_revision_group.group 
1 2 'Structure model' 'Version format compliance' 
2 3 'Structure model' 'Data collection'           
3 3 'Structure model' 'Database references'       
4 3 'Structure model' 'Derived calculations'      
5 3 'Structure model' 'Refinement description'    
# 
loop_
_pdbx_audit_revision_category.ordinal 
_pdbx_audit_revision_category.revision_ordinal 
_pdbx_audit_revision_category.data_content_type 
_pdbx_audit_revision_category.category 
1 3 'Structure model' chem_comp_atom                
2 3 'Structure model' chem_comp_bond                
3 3 'Structure model' database_2                    
4 3 'Structure model' pdbx_initial_refinement_model 
5 3 'Structure model' struct_site                   
# 
loop_
_pdbx_audit_revision_item.ordinal 
_pdbx_audit_revision_item.revision_ordinal 
_pdbx_audit_revision_item.data_content_type 
_pdbx_audit_revision_item.item 
1 3 'Structure model' '_database_2.pdbx_DOI'                
2 3 'Structure model' '_database_2.pdbx_database_accession' 
3 3 'Structure model' '_struct_site.pdbx_auth_asym_id'      
4 3 'Structure model' '_struct_site.pdbx_auth_comp_id'      
5 3 'Structure model' '_struct_site.pdbx_auth_seq_id'       
# 
_phasing.method   MR 
# 
loop_
_software.name 
_software.version 
_software.date 
_software.type 
_software.contact_author 
_software.contact_author_email 
_software.classification 
_software.location 
_software.language 
_software.citation_id 
_software.pdbx_ordinal 
MOSFLM      .        ?                    package 'A.G.W. Leslie'   andrew@mrc-lmb.cam.ac.uk    'data reduction'  
http://www.mrc-lmb.cam.ac.uk/harry/mosflm/  ?          ? 1 
SCALA       3.2.25   21/9/2006            other   'Phil Evans'      pre@mrc-lmb.cam.ac.uk       'data scaling'    
http://www.ccp4.ac.uk/dist/html/INDEX.html  Fortran_77 ? 2 
PHASER      .        ?                    other   'R. J. Read'      cimr-phaser@lists.cam.ac.uk phasing           
http://www-structmed.cimr.cam.ac.uk/phaser/ ?          ? 3 
REFMAC      5.2.0019 ?                    program 'Murshudov, G.N.' ccp4@dl.ac.uk               refinement        
http://www.ccp4.ac.uk/main.html             Fortran_77 ? 4 
PDB_EXTRACT 3.005    'September 10, 2007' package PDB               sw-help@rcsb.rutgers.edu    'data extraction' 
http://pdb.rutgers.edu/software/            C++        ? 5 
ADSC        Quantum  ?                    ?       ?                 ?                           'data collection' ? ?          ? 6 
# 
loop_
_pdbx_validate_torsion.id 
_pdbx_validate_torsion.PDB_model_num 
_pdbx_validate_torsion.auth_comp_id 
_pdbx_validate_torsion.auth_asym_id 
_pdbx_validate_torsion.auth_seq_id 
_pdbx_validate_torsion.PDB_ins_code 
_pdbx_validate_torsion.label_alt_id 
_pdbx_validate_torsion.phi 
_pdbx_validate_torsion.psi 
1  1 GLU A 97  ? ? 173.55  113.05  
2  1 HIS A 110 ? ? -77.59  -159.94 
3  1 PRO A 116 ? ? -38.79  126.72  
4  1 ALA A 139 ? ? 39.50   53.92   
5  1 GLU A 149 ? ? -49.12  -71.35  
6  1 ASP A 157 ? ? -72.63  -162.82 
7  1 VAL A 205 ? ? 57.11   82.14   
8  1 PRO A 242 ? ? -38.19  116.39  
9  1 PRO B 157 ? ? -64.61  83.53   
10 1 PHE B 161 ? ? -162.35 93.36   
11 1 LEU B 166 ? ? -70.64  29.17   
# 
_pdbx_validate_peptide_omega.id               1 
_pdbx_validate_peptide_omega.PDB_model_num    1 
_pdbx_validate_peptide_omega.auth_comp_id_1   LEU 
_pdbx_validate_peptide_omega.auth_asym_id_1   A 
_pdbx_validate_peptide_omega.auth_seq_id_1    148 
_pdbx_validate_peptide_omega.PDB_ins_code_1   ? 
_pdbx_validate_peptide_omega.label_alt_id_1   ? 
_pdbx_validate_peptide_omega.auth_comp_id_2   GLU 
_pdbx_validate_peptide_omega.auth_asym_id_2   A 
_pdbx_validate_peptide_omega.auth_seq_id_2    149 
_pdbx_validate_peptide_omega.PDB_ins_code_2   ? 
_pdbx_validate_peptide_omega.label_alt_id_2   ? 
_pdbx_validate_peptide_omega.omega            -148.79 
# 
loop_
_chem_comp_atom.comp_id 
_chem_comp_atom.atom_id 
_chem_comp_atom.type_symbol 
_chem_comp_atom.pdbx_aromatic_flag 
_chem_comp_atom.pdbx_stereo_config 
_chem_comp_atom.pdbx_ordinal 
ALA N    N  N N 1   
ALA CA   C  N S 2   
ALA C    C  N N 3   
ALA O    O  N N 4   
ALA CB   C  N N 5   
ALA OXT  O  N N 6   
ALA H    H  N N 7   
ALA H2   H  N N 8   
ALA HA   H  N N 9   
ALA HB1  H  N N 10  
ALA HB2  H  N N 11  
ALA HB3  H  N N 12  
ALA HXT  H  N N 13  
ARG N    N  N N 14  
ARG CA   C  N S 15  
ARG C    C  N N 16  
ARG O    O  N N 17  
ARG CB   C  N N 18  
ARG CG   C  N N 19  
ARG CD   C  N N 20  
ARG NE   N  N N 21  
ARG CZ   C  N N 22  
ARG NH1  N  N N 23  
ARG NH2  N  N N 24  
ARG OXT  O  N N 25  
ARG H    H  N N 26  
ARG H2   H  N N 27  
ARG HA   H  N N 28  
ARG HB2  H  N N 29  
ARG HB3  H  N N 30  
ARG HG2  H  N N 31  
ARG HG3  H  N N 32  
ARG HD2  H  N N 33  
ARG HD3  H  N N 34  
ARG HE   H  N N 35  
ARG HH11 H  N N 36  
ARG HH12 H  N N 37  
ARG HH21 H  N N 38  
ARG HH22 H  N N 39  
ARG HXT  H  N N 40  
ASN N    N  N N 41  
ASN CA   C  N S 42  
ASN C    C  N N 43  
ASN O    O  N N 44  
ASN CB   C  N N 45  
ASN CG   C  N N 46  
ASN OD1  O  N N 47  
ASN ND2  N  N N 48  
ASN OXT  O  N N 49  
ASN H    H  N N 50  
ASN H2   H  N N 51  
ASN HA   H  N N 52  
ASN HB2  H  N N 53  
ASN HB3  H  N N 54  
ASN HD21 H  N N 55  
ASN HD22 H  N N 56  
ASN HXT  H  N N 57  
ASP N    N  N N 58  
ASP CA   C  N S 59  
ASP C    C  N N 60  
ASP O    O  N N 61  
ASP CB   C  N N 62  
ASP CG   C  N N 63  
ASP OD1  O  N N 64  
ASP OD2  O  N N 65  
ASP OXT  O  N N 66  
ASP H    H  N N 67  
ASP H2   H  N N 68  
ASP HA   H  N N 69  
ASP HB2  H  N N 70  
ASP HB3  H  N N 71  
ASP HD2  H  N N 72  
ASP HXT  H  N N 73  
CL  CL   CL N N 74  
CYS N    N  N N 75  
CYS CA   C  N R 76  
CYS C    C  N N 77  
CYS O    O  N N 78  
CYS CB   C  N N 79  
CYS SG   S  N N 80  
CYS OXT  O  N N 81  
CYS H    H  N N 82  
CYS H2   H  N N 83  
CYS HA   H  N N 84  
CYS HB2  H  N N 85  
CYS HB3  H  N N 86  
CYS HG   H  N N 87  
CYS HXT  H  N N 88  
GLN N    N  N N 89  
GLN CA   C  N S 90  
GLN C    C  N N 91  
GLN O    O  N N 92  
GLN CB   C  N N 93  
GLN CG   C  N N 94  
GLN CD   C  N N 95  
GLN OE1  O  N N 96  
GLN NE2  N  N N 97  
GLN OXT  O  N N 98  
GLN H    H  N N 99  
GLN H2   H  N N 100 
GLN HA   H  N N 101 
GLN HB2  H  N N 102 
GLN HB3  H  N N 103 
GLN HG2  H  N N 104 
GLN HG3  H  N N 105 
GLN HE21 H  N N 106 
GLN HE22 H  N N 107 
GLN HXT  H  N N 108 
GLU N    N  N N 109 
GLU CA   C  N S 110 
GLU C    C  N N 111 
GLU O    O  N N 112 
GLU CB   C  N N 113 
GLU CG   C  N N 114 
GLU CD   C  N N 115 
GLU OE1  O  N N 116 
GLU OE2  O  N N 117 
GLU OXT  O  N N 118 
GLU H    H  N N 119 
GLU H2   H  N N 120 
GLU HA   H  N N 121 
GLU HB2  H  N N 122 
GLU HB3  H  N N 123 
GLU HG2  H  N N 124 
GLU HG3  H  N N 125 
GLU HE2  H  N N 126 
GLU HXT  H  N N 127 
GLY N    N  N N 128 
GLY CA   C  N N 129 
GLY C    C  N N 130 
GLY O    O  N N 131 
GLY OXT  O  N N 132 
GLY H    H  N N 133 
GLY H2   H  N N 134 
GLY HA2  H  N N 135 
GLY HA3  H  N N 136 
GLY HXT  H  N N 137 
HIS N    N  N N 138 
HIS CA   C  N S 139 
HIS C    C  N N 140 
HIS O    O  N N 141 
HIS CB   C  N N 142 
HIS CG   C  Y N 143 
HIS ND1  N  Y N 144 
HIS CD2  C  Y N 145 
HIS CE1  C  Y N 146 
HIS NE2  N  Y N 147 
HIS OXT  O  N N 148 
HIS H    H  N N 149 
HIS H2   H  N N 150 
HIS HA   H  N N 151 
HIS HB2  H  N N 152 
HIS HB3  H  N N 153 
HIS HD1  H  N N 154 
HIS HD2  H  N N 155 
HIS HE1  H  N N 156 
HIS HE2  H  N N 157 
HIS HXT  H  N N 158 
HOH O    O  N N 159 
HOH H1   H  N N 160 
HOH H2   H  N N 161 
ILE N    N  N N 162 
ILE CA   C  N S 163 
ILE C    C  N N 164 
ILE O    O  N N 165 
ILE CB   C  N S 166 
ILE CG1  C  N N 167 
ILE CG2  C  N N 168 
ILE CD1  C  N N 169 
ILE OXT  O  N N 170 
ILE H    H  N N 171 
ILE H2   H  N N 172 
ILE HA   H  N N 173 
ILE HB   H  N N 174 
ILE HG12 H  N N 175 
ILE HG13 H  N N 176 
ILE HG21 H  N N 177 
ILE HG22 H  N N 178 
ILE HG23 H  N N 179 
ILE HD11 H  N N 180 
ILE HD12 H  N N 181 
ILE HD13 H  N N 182 
ILE HXT  H  N N 183 
LEU N    N  N N 184 
LEU CA   C  N S 185 
LEU C    C  N N 186 
LEU O    O  N N 187 
LEU CB   C  N N 188 
LEU CG   C  N N 189 
LEU CD1  C  N N 190 
LEU CD2  C  N N 191 
LEU OXT  O  N N 192 
LEU H    H  N N 193 
LEU H2   H  N N 194 
LEU HA   H  N N 195 
LEU HB2  H  N N 196 
LEU HB3  H  N N 197 
LEU HG   H  N N 198 
LEU HD11 H  N N 199 
LEU HD12 H  N N 200 
LEU HD13 H  N N 201 
LEU HD21 H  N N 202 
LEU HD22 H  N N 203 
LEU HD23 H  N N 204 
LEU HXT  H  N N 205 
LYS N    N  N N 206 
LYS CA   C  N S 207 
LYS C    C  N N 208 
LYS O    O  N N 209 
LYS CB   C  N N 210 
LYS CG   C  N N 211 
LYS CD   C  N N 212 
LYS CE   C  N N 213 
LYS NZ   N  N N 214 
LYS OXT  O  N N 215 
LYS H    H  N N 216 
LYS H2   H  N N 217 
LYS HA   H  N N 218 
LYS HB2  H  N N 219 
LYS HB3  H  N N 220 
LYS HG2  H  N N 221 
LYS HG3  H  N N 222 
LYS HD2  H  N N 223 
LYS HD3  H  N N 224 
LYS HE2  H  N N 225 
LYS HE3  H  N N 226 
LYS HZ1  H  N N 227 
LYS HZ2  H  N N 228 
LYS HZ3  H  N N 229 
LYS HXT  H  N N 230 
MET N    N  N N 231 
MET CA   C  N S 232 
MET C    C  N N 233 
MET O    O  N N 234 
MET CB   C  N N 235 
MET CG   C  N N 236 
MET SD   S  N N 237 
MET CE   C  N N 238 
MET OXT  O  N N 239 
MET H    H  N N 240 
MET H2   H  N N 241 
MET HA   H  N N 242 
MET HB2  H  N N 243 
MET HB3  H  N N 244 
MET HG2  H  N N 245 
MET HG3  H  N N 246 
MET HE1  H  N N 247 
MET HE2  H  N N 248 
MET HE3  H  N N 249 
MET HXT  H  N N 250 
PHE N    N  N N 251 
PHE CA   C  N S 252 
PHE C    C  N N 253 
PHE O    O  N N 254 
PHE CB   C  N N 255 
PHE CG   C  Y N 256 
PHE CD1  C  Y N 257 
PHE CD2  C  Y N 258 
PHE CE1  C  Y N 259 
PHE CE2  C  Y N 260 
PHE CZ   C  Y N 261 
PHE OXT  O  N N 262 
PHE H    H  N N 263 
PHE H2   H  N N 264 
PHE HA   H  N N 265 
PHE HB2  H  N N 266 
PHE HB3  H  N N 267 
PHE HD1  H  N N 268 
PHE HD2  H  N N 269 
PHE HE1  H  N N 270 
PHE HE2  H  N N 271 
PHE HZ   H  N N 272 
PHE HXT  H  N N 273 
PRO N    N  N N 274 
PRO CA   C  N S 275 
PRO C    C  N N 276 
PRO O    O  N N 277 
PRO CB   C  N N 278 
PRO CG   C  N N 279 
PRO CD   C  N N 280 
PRO OXT  O  N N 281 
PRO H    H  N N 282 
PRO HA   H  N N 283 
PRO HB2  H  N N 284 
PRO HB3  H  N N 285 
PRO HG2  H  N N 286 
PRO HG3  H  N N 287 
PRO HD2  H  N N 288 
PRO HD3  H  N N 289 
PRO HXT  H  N N 290 
SER N    N  N N 291 
SER CA   C  N S 292 
SER C    C  N N 293 
SER O    O  N N 294 
SER CB   C  N N 295 
SER OG   O  N N 296 
SER OXT  O  N N 297 
SER H    H  N N 298 
SER H2   H  N N 299 
SER HA   H  N N 300 
SER HB2  H  N N 301 
SER HB3  H  N N 302 
SER HG   H  N N 303 
SER HXT  H  N N 304 
THR N    N  N N 305 
THR CA   C  N S 306 
THR C    C  N N 307 
THR O    O  N N 308 
THR CB   C  N R 309 
THR OG1  O  N N 310 
THR CG2  C  N N 311 
THR OXT  O  N N 312 
THR H    H  N N 313 
THR H2   H  N N 314 
THR HA   H  N N 315 
THR HB   H  N N 316 
THR HG1  H  N N 317 
THR HG21 H  N N 318 
THR HG22 H  N N 319 
THR HG23 H  N N 320 
THR HXT  H  N N 321 
TRP N    N  N N 322 
TRP CA   C  N S 323 
TRP C    C  N N 324 
TRP O    O  N N 325 
TRP CB   C  N N 326 
TRP CG   C  Y N 327 
TRP CD1  C  Y N 328 
TRP CD2  C  Y N 329 
TRP NE1  N  Y N 330 
TRP CE2  C  Y N 331 
TRP CE3  C  Y N 332 
TRP CZ2  C  Y N 333 
TRP CZ3  C  Y N 334 
TRP CH2  C  Y N 335 
TRP OXT  O  N N 336 
TRP H    H  N N 337 
TRP H2   H  N N 338 
TRP HA   H  N N 339 
TRP HB2  H  N N 340 
TRP HB3  H  N N 341 
TRP HD1  H  N N 342 
TRP HE1  H  N N 343 
TRP HE3  H  N N 344 
TRP HZ2  H  N N 345 
TRP HZ3  H  N N 346 
TRP HH2  H  N N 347 
TRP HXT  H  N N 348 
TYR N    N  N N 349 
TYR CA   C  N S 350 
TYR C    C  N N 351 
TYR O    O  N N 352 
TYR CB   C  N N 353 
TYR CG   C  Y N 354 
TYR CD1  C  Y N 355 
TYR CD2  C  Y N 356 
TYR CE1  C  Y N 357 
TYR CE2  C  Y N 358 
TYR CZ   C  Y N 359 
TYR OH   O  N N 360 
TYR OXT  O  N N 361 
TYR H    H  N N 362 
TYR H2   H  N N 363 
TYR HA   H  N N 364 
TYR HB2  H  N N 365 
TYR HB3  H  N N 366 
TYR HD1  H  N N 367 
TYR HD2  H  N N 368 
TYR HE1  H  N N 369 
TYR HE2  H  N N 370 
TYR HH   H  N N 371 
TYR HXT  H  N N 372 
VAL N    N  N N 373 
VAL CA   C  N S 374 
VAL C    C  N N 375 
VAL O    O  N N 376 
VAL CB   C  N N 377 
VAL CG1  C  N N 378 
VAL CG2  C  N N 379 
VAL OXT  O  N N 380 
VAL H    H  N N 381 
VAL H2   H  N N 382 
VAL HA   H  N N 383 
VAL HB   H  N N 384 
VAL HG11 H  N N 385 
VAL HG12 H  N N 386 
VAL HG13 H  N N 387 
VAL HG21 H  N N 388 
VAL HG22 H  N N 389 
VAL HG23 H  N N 390 
VAL HXT  H  N N 391 
# 
loop_
_chem_comp_bond.comp_id 
_chem_comp_bond.atom_id_1 
_chem_comp_bond.atom_id_2 
_chem_comp_bond.value_order 
_chem_comp_bond.pdbx_aromatic_flag 
_chem_comp_bond.pdbx_stereo_config 
_chem_comp_bond.pdbx_ordinal 
ALA N   CA   sing N N 1   
ALA N   H    sing N N 2   
ALA N   H2   sing N N 3   
ALA CA  C    sing N N 4   
ALA CA  CB   sing N N 5   
ALA CA  HA   sing N N 6   
ALA C   O    doub N N 7   
ALA C   OXT  sing N N 8   
ALA CB  HB1  sing N N 9   
ALA CB  HB2  sing N N 10  
ALA CB  HB3  sing N N 11  
ALA OXT HXT  sing N N 12  
ARG N   CA   sing N N 13  
ARG N   H    sing N N 14  
ARG N   H2   sing N N 15  
ARG CA  C    sing N N 16  
ARG CA  CB   sing N N 17  
ARG CA  HA   sing N N 18  
ARG C   O    doub N N 19  
ARG C   OXT  sing N N 20  
ARG CB  CG   sing N N 21  
ARG CB  HB2  sing N N 22  
ARG CB  HB3  sing N N 23  
ARG CG  CD   sing N N 24  
ARG CG  HG2  sing N N 25  
ARG CG  HG3  sing N N 26  
ARG CD  NE   sing N N 27  
ARG CD  HD2  sing N N 28  
ARG CD  HD3  sing N N 29  
ARG NE  CZ   sing N N 30  
ARG NE  HE   sing N N 31  
ARG CZ  NH1  sing N N 32  
ARG CZ  NH2  doub N N 33  
ARG NH1 HH11 sing N N 34  
ARG NH1 HH12 sing N N 35  
ARG NH2 HH21 sing N N 36  
ARG NH2 HH22 sing N N 37  
ARG OXT HXT  sing N N 38  
ASN N   CA   sing N N 39  
ASN N   H    sing N N 40  
ASN N   H2   sing N N 41  
ASN CA  C    sing N N 42  
ASN CA  CB   sing N N 43  
ASN CA  HA   sing N N 44  
ASN C   O    doub N N 45  
ASN C   OXT  sing N N 46  
ASN CB  CG   sing N N 47  
ASN CB  HB2  sing N N 48  
ASN CB  HB3  sing N N 49  
ASN CG  OD1  doub N N 50  
ASN CG  ND2  sing N N 51  
ASN ND2 HD21 sing N N 52  
ASN ND2 HD22 sing N N 53  
ASN OXT HXT  sing N N 54  
ASP N   CA   sing N N 55  
ASP N   H    sing N N 56  
ASP N   H2   sing N N 57  
ASP CA  C    sing N N 58  
ASP CA  CB   sing N N 59  
ASP CA  HA   sing N N 60  
ASP C   O    doub N N 61  
ASP C   OXT  sing N N 62  
ASP CB  CG   sing N N 63  
ASP CB  HB2  sing N N 64  
ASP CB  HB3  sing N N 65  
ASP CG  OD1  doub N N 66  
ASP CG  OD2  sing N N 67  
ASP OD2 HD2  sing N N 68  
ASP OXT HXT  sing N N 69  
CYS N   CA   sing N N 70  
CYS N   H    sing N N 71  
CYS N   H2   sing N N 72  
CYS CA  C    sing N N 73  
CYS CA  CB   sing N N 74  
CYS CA  HA   sing N N 75  
CYS C   O    doub N N 76  
CYS C   OXT  sing N N 77  
CYS CB  SG   sing N N 78  
CYS CB  HB2  sing N N 79  
CYS CB  HB3  sing N N 80  
CYS SG  HG   sing N N 81  
CYS OXT HXT  sing N N 82  
GLN N   CA   sing N N 83  
GLN N   H    sing N N 84  
GLN N   H2   sing N N 85  
GLN CA  C    sing N N 86  
GLN CA  CB   sing N N 87  
GLN CA  HA   sing N N 88  
GLN C   O    doub N N 89  
GLN C   OXT  sing N N 90  
GLN CB  CG   sing N N 91  
GLN CB  HB2  sing N N 92  
GLN CB  HB3  sing N N 93  
GLN CG  CD   sing N N 94  
GLN CG  HG2  sing N N 95  
GLN CG  HG3  sing N N 96  
GLN CD  OE1  doub N N 97  
GLN CD  NE2  sing N N 98  
GLN NE2 HE21 sing N N 99  
GLN NE2 HE22 sing N N 100 
GLN OXT HXT  sing N N 101 
GLU N   CA   sing N N 102 
GLU N   H    sing N N 103 
GLU N   H2   sing N N 104 
GLU CA  C    sing N N 105 
GLU CA  CB   sing N N 106 
GLU CA  HA   sing N N 107 
GLU C   O    doub N N 108 
GLU C   OXT  sing N N 109 
GLU CB  CG   sing N N 110 
GLU CB  HB2  sing N N 111 
GLU CB  HB3  sing N N 112 
GLU CG  CD   sing N N 113 
GLU CG  HG2  sing N N 114 
GLU CG  HG3  sing N N 115 
GLU CD  OE1  doub N N 116 
GLU CD  OE2  sing N N 117 
GLU OE2 HE2  sing N N 118 
GLU OXT HXT  sing N N 119 
GLY N   CA   sing N N 120 
GLY N   H    sing N N 121 
GLY N   H2   sing N N 122 
GLY CA  C    sing N N 123 
GLY CA  HA2  sing N N 124 
GLY CA  HA3  sing N N 125 
GLY C   O    doub N N 126 
GLY C   OXT  sing N N 127 
GLY OXT HXT  sing N N 128 
HIS N   CA   sing N N 129 
HIS N   H    sing N N 130 
HIS N   H2   sing N N 131 
HIS CA  C    sing N N 132 
HIS CA  CB   sing N N 133 
HIS CA  HA   sing N N 134 
HIS C   O    doub N N 135 
HIS C   OXT  sing N N 136 
HIS CB  CG   sing N N 137 
HIS CB  HB2  sing N N 138 
HIS CB  HB3  sing N N 139 
HIS CG  ND1  sing Y N 140 
HIS CG  CD2  doub Y N 141 
HIS ND1 CE1  doub Y N 142 
HIS ND1 HD1  sing N N 143 
HIS CD2 NE2  sing Y N 144 
HIS CD2 HD2  sing N N 145 
HIS CE1 NE2  sing Y N 146 
HIS CE1 HE1  sing N N 147 
HIS NE2 HE2  sing N N 148 
HIS OXT HXT  sing N N 149 
HOH O   H1   sing N N 150 
HOH O   H2   sing N N 151 
ILE N   CA   sing N N 152 
ILE N   H    sing N N 153 
ILE N   H2   sing N N 154 
ILE CA  C    sing N N 155 
ILE CA  CB   sing N N 156 
ILE CA  HA   sing N N 157 
ILE C   O    doub N N 158 
ILE C   OXT  sing N N 159 
ILE CB  CG1  sing N N 160 
ILE CB  CG2  sing N N 161 
ILE CB  HB   sing N N 162 
ILE CG1 CD1  sing N N 163 
ILE CG1 HG12 sing N N 164 
ILE CG1 HG13 sing N N 165 
ILE CG2 HG21 sing N N 166 
ILE CG2 HG22 sing N N 167 
ILE CG2 HG23 sing N N 168 
ILE CD1 HD11 sing N N 169 
ILE CD1 HD12 sing N N 170 
ILE CD1 HD13 sing N N 171 
ILE OXT HXT  sing N N 172 
LEU N   CA   sing N N 173 
LEU N   H    sing N N 174 
LEU N   H2   sing N N 175 
LEU CA  C    sing N N 176 
LEU CA  CB   sing N N 177 
LEU CA  HA   sing N N 178 
LEU C   O    doub N N 179 
LEU C   OXT  sing N N 180 
LEU CB  CG   sing N N 181 
LEU CB  HB2  sing N N 182 
LEU CB  HB3  sing N N 183 
LEU CG  CD1  sing N N 184 
LEU CG  CD2  sing N N 185 
LEU CG  HG   sing N N 186 
LEU CD1 HD11 sing N N 187 
LEU CD1 HD12 sing N N 188 
LEU CD1 HD13 sing N N 189 
LEU CD2 HD21 sing N N 190 
LEU CD2 HD22 sing N N 191 
LEU CD2 HD23 sing N N 192 
LEU OXT HXT  sing N N 193 
LYS N   CA   sing N N 194 
LYS N   H    sing N N 195 
LYS N   H2   sing N N 196 
LYS CA  C    sing N N 197 
LYS CA  CB   sing N N 198 
LYS CA  HA   sing N N 199 
LYS C   O    doub N N 200 
LYS C   OXT  sing N N 201 
LYS CB  CG   sing N N 202 
LYS CB  HB2  sing N N 203 
LYS CB  HB3  sing N N 204 
LYS CG  CD   sing N N 205 
LYS CG  HG2  sing N N 206 
LYS CG  HG3  sing N N 207 
LYS CD  CE   sing N N 208 
LYS CD  HD2  sing N N 209 
LYS CD  HD3  sing N N 210 
LYS CE  NZ   sing N N 211 
LYS CE  HE2  sing N N 212 
LYS CE  HE3  sing N N 213 
LYS NZ  HZ1  sing N N 214 
LYS NZ  HZ2  sing N N 215 
LYS NZ  HZ3  sing N N 216 
LYS OXT HXT  sing N N 217 
MET N   CA   sing N N 218 
MET N   H    sing N N 219 
MET N   H2   sing N N 220 
MET CA  C    sing N N 221 
MET CA  CB   sing N N 222 
MET CA  HA   sing N N 223 
MET C   O    doub N N 224 
MET C   OXT  sing N N 225 
MET CB  CG   sing N N 226 
MET CB  HB2  sing N N 227 
MET CB  HB3  sing N N 228 
MET CG  SD   sing N N 229 
MET CG  HG2  sing N N 230 
MET CG  HG3  sing N N 231 
MET SD  CE   sing N N 232 
MET CE  HE1  sing N N 233 
MET CE  HE2  sing N N 234 
MET CE  HE3  sing N N 235 
MET OXT HXT  sing N N 236 
PHE N   CA   sing N N 237 
PHE N   H    sing N N 238 
PHE N   H2   sing N N 239 
PHE CA  C    sing N N 240 
PHE CA  CB   sing N N 241 
PHE CA  HA   sing N N 242 
PHE C   O    doub N N 243 
PHE C   OXT  sing N N 244 
PHE CB  CG   sing N N 245 
PHE CB  HB2  sing N N 246 
PHE CB  HB3  sing N N 247 
PHE CG  CD1  doub Y N 248 
PHE CG  CD2  sing Y N 249 
PHE CD1 CE1  sing Y N 250 
PHE CD1 HD1  sing N N 251 
PHE CD2 CE2  doub Y N 252 
PHE CD2 HD2  sing N N 253 
PHE CE1 CZ   doub Y N 254 
PHE CE1 HE1  sing N N 255 
PHE CE2 CZ   sing Y N 256 
PHE CE2 HE2  sing N N 257 
PHE CZ  HZ   sing N N 258 
PHE OXT HXT  sing N N 259 
PRO N   CA   sing N N 260 
PRO N   CD   sing N N 261 
PRO N   H    sing N N 262 
PRO CA  C    sing N N 263 
PRO CA  CB   sing N N 264 
PRO CA  HA   sing N N 265 
PRO C   O    doub N N 266 
PRO C   OXT  sing N N 267 
PRO CB  CG   sing N N 268 
PRO CB  HB2  sing N N 269 
PRO CB  HB3  sing N N 270 
PRO CG  CD   sing N N 271 
PRO CG  HG2  sing N N 272 
PRO CG  HG3  sing N N 273 
PRO CD  HD2  sing N N 274 
PRO CD  HD3  sing N N 275 
PRO OXT HXT  sing N N 276 
SER N   CA   sing N N 277 
SER N   H    sing N N 278 
SER N   H2   sing N N 279 
SER CA  C    sing N N 280 
SER CA  CB   sing N N 281 
SER CA  HA   sing N N 282 
SER C   O    doub N N 283 
SER C   OXT  sing N N 284 
SER CB  OG   sing N N 285 
SER CB  HB2  sing N N 286 
SER CB  HB3  sing N N 287 
SER OG  HG   sing N N 288 
SER OXT HXT  sing N N 289 
THR N   CA   sing N N 290 
THR N   H    sing N N 291 
THR N   H2   sing N N 292 
THR CA  C    sing N N 293 
THR CA  CB   sing N N 294 
THR CA  HA   sing N N 295 
THR C   O    doub N N 296 
THR C   OXT  sing N N 297 
THR CB  OG1  sing N N 298 
THR CB  CG2  sing N N 299 
THR CB  HB   sing N N 300 
THR OG1 HG1  sing N N 301 
THR CG2 HG21 sing N N 302 
THR CG2 HG22 sing N N 303 
THR CG2 HG23 sing N N 304 
THR OXT HXT  sing N N 305 
TRP N   CA   sing N N 306 
TRP N   H    sing N N 307 
TRP N   H2   sing N N 308 
TRP CA  C    sing N N 309 
TRP CA  CB   sing N N 310 
TRP CA  HA   sing N N 311 
TRP C   O    doub N N 312 
TRP C   OXT  sing N N 313 
TRP CB  CG   sing N N 314 
TRP CB  HB2  sing N N 315 
TRP CB  HB3  sing N N 316 
TRP CG  CD1  doub Y N 317 
TRP CG  CD2  sing Y N 318 
TRP CD1 NE1  sing Y N 319 
TRP CD1 HD1  sing N N 320 
TRP CD2 CE2  doub Y N 321 
TRP CD2 CE3  sing Y N 322 
TRP NE1 CE2  sing Y N 323 
TRP NE1 HE1  sing N N 324 
TRP CE2 CZ2  sing Y N 325 
TRP CE3 CZ3  doub Y N 326 
TRP CE3 HE3  sing N N 327 
TRP CZ2 CH2  doub Y N 328 
TRP CZ2 HZ2  sing N N 329 
TRP CZ3 CH2  sing Y N 330 
TRP CZ3 HZ3  sing N N 331 
TRP CH2 HH2  sing N N 332 
TRP OXT HXT  sing N N 333 
TYR N   CA   sing N N 334 
TYR N   H    sing N N 335 
TYR N   H2   sing N N 336 
TYR CA  C    sing N N 337 
TYR CA  CB   sing N N 338 
TYR CA  HA   sing N N 339 
TYR C   O    doub N N 340 
TYR C   OXT  sing N N 341 
TYR CB  CG   sing N N 342 
TYR CB  HB2  sing N N 343 
TYR CB  HB3  sing N N 344 
TYR CG  CD1  doub Y N 345 
TYR CG  CD2  sing Y N 346 
TYR CD1 CE1  sing Y N 347 
TYR CD1 HD1  sing N N 348 
TYR CD2 CE2  doub Y N 349 
TYR CD2 HD2  sing N N 350 
TYR CE1 CZ   doub Y N 351 
TYR CE1 HE1  sing N N 352 
TYR CE2 CZ   sing Y N 353 
TYR CE2 HE2  sing N N 354 
TYR CZ  OH   sing N N 355 
TYR OH  HH   sing N N 356 
TYR OXT HXT  sing N N 357 
VAL N   CA   sing N N 358 
VAL N   H    sing N N 359 
VAL N   H2   sing N N 360 
VAL CA  C    sing N N 361 
VAL CA  CB   sing N N 362 
VAL CA  HA   sing N N 363 
VAL C   O    doub N N 364 
VAL C   OXT  sing N N 365 
VAL CB  CG1  sing N N 366 
VAL CB  CG2  sing N N 367 
VAL CB  HB   sing N N 368 
VAL CG1 HG11 sing N N 369 
VAL CG1 HG12 sing N N 370 
VAL CG1 HG13 sing N N 371 
VAL CG2 HG21 sing N N 372 
VAL CG2 HG22 sing N N 373 
VAL CG2 HG23 sing N N 374 
VAL OXT HXT  sing N N 375 
# 
loop_
_pdbx_entity_nonpoly.entity_id 
_pdbx_entity_nonpoly.name 
_pdbx_entity_nonpoly.comp_id 
3 'CHLORIDE ION' CL  
4 water          HOH 
# 
_pdbx_initial_refinement_model.id               1 
_pdbx_initial_refinement_model.entity_id_list   ? 
_pdbx_initial_refinement_model.type             'experimental model' 
_pdbx_initial_refinement_model.source_name      PDB 
_pdbx_initial_refinement_model.accession_code   3DEO 
_pdbx_initial_refinement_model.details          'PDB ID 3DEO' 
# 
